data_6M22
#
_entry.id   6M22
#
_cell.length_a   1.00
_cell.length_b   1.00
_cell.length_c   1.00
_cell.angle_alpha   90.00
_cell.angle_beta   90.00
_cell.angle_gamma   90.00
#
_symmetry.space_group_name_H-M   'P 1'
#
loop_
_entity.id
_entity.type
_entity.pdbx_description
1 polymer 'Solute carrier family 12 member 6'
2 branched 2-acetamido-2-deoxy-beta-D-glucopyranose-(1-4)-2-acetamido-2-deoxy-beta-D-glucopyranose
3 non-polymer 'POTASSIUM ION'
4 non-polymer 'CHLORIDE ION'
5 non-polymer 2-acetamido-2-deoxy-beta-D-glucopyranose
6 non-polymer '2-[[(2~{R})-2-butyl-6,7-bis(chloranyl)-2-cyclopentyl-1-oxidanylidene-3~{H}-inden-5-yl]oxy]ethanoic acid'
7 water water
#
_entity_poly.entity_id   1
_entity_poly.type   'polypeptide(L)'
_entity_poly.pdbx_seq_one_letter_code
;MADYKDDDDKSGRMPHFTVTKVEDPEEGAAASISQEPSLADIKARIQDSDEPDLSQNSITGEHSQLLDDGHKKARNAYLN
NSNYEEGDEYFDKNLALFEEEMDTRPKVSSLLNRMANYTNLTQGAKEHEEAENITEGKKKPTKTPQMGTFMGVYLPCLQN
IFGVILFLRLTWVVGTAGVLQAFAIVLICCCCTMLTAISMSAIATNGVVPAGGSYFMISRALGPEFGGAVGLCFYLGTTF
AAAMYILGAIEIFLVYIVPRAAIFHSDDALKESAAMLNNMRVYGTAFLVLMVLVVFIGVRYVNKFASLFLACVIVSILAI
YAGAIKSSFAPPHFPVCMLGNRTLSSRHIDVCSKTKEINNMTVPSKLWGFFCNSSQFFNATCDEYFVHNNVTSIQGIPGL
ASGIITENLWSNYLPKGEIIEKPSAKSSDVLGSLNHEYVLVDITTSFTLLVGIFFPSVTGIMAGSNRSGDLKDAQKSIPI
GTILAILTTSFVYLSNVVLFGACIEGVVLRDKFGDAVKGNLVVGTLSWPSPWVIVIGSFFSTCGAGLQSLTGAPRLLQAI
AKDNIIPFLRVFGHSKANGEPTWALLLTAAIAELGILIASLDLVAPILSMFFLMCYLFVNLACALQTLLRTPNWRPRFRY
YHWALSFMGMSICLALMFISSWYYAIVAMVIAGMIYKYIEYQGAEKEWGDGIRGLSLSAARFALLRLEEGPPHTKNWRPQ
LLVLLKLDEDLHVKHPRLLTFASQLKAGKGLTIVGSVIVGNFLENYGEALAAEQTIKHLMEAEKVKGFCQLVVAAKLREG
ISHLIQSCGLGGMKHNTVVMGWPNGWRQSEDARAWKTFIGTVRVTTAAHLALLVAKNISFFPSNVEQFSEGNIDVWWIVH
DGGMLMLLPFLLKQHKVWRKCSIRIFTVAQLEDNSIQMKKDLATFLYHLRIEAEVEVVEMHDSDISAYTYERTLMMEQRS
QMLRHMRLSKTERDREAQLVKDRNSMLRLTSIGSDEDEETETYQEKVHMTWTKDKYMASRGQKAKSMEGFQDLLNMRPDQ
SNVRRMHTAVKLNEVIVNKSHEAKLVLLNMPGPPRNPEGDENYMEFLEVLTEGLERVLLVRGGGSEVITIYS
;
_entity_poly.pdbx_strand_id   A,B
#
# COMPACT_ATOMS: atom_id res chain seq x y z
N TYR A 118 15.22 -41.51 -6.77
CA TYR A 118 14.15 -41.01 -5.91
C TYR A 118 14.11 -39.48 -5.91
N THR A 119 15.29 -38.84 -5.94
CA THR A 119 15.46 -37.43 -6.29
C THR A 119 14.70 -36.44 -5.40
N ASN A 120 15.17 -36.20 -4.17
CA ASN A 120 14.61 -35.10 -3.39
C ASN A 120 15.14 -33.71 -3.81
N LEU A 121 15.88 -33.61 -4.91
CA LEU A 121 16.44 -32.34 -5.37
C LEU A 121 15.48 -31.64 -6.35
N THR A 122 15.76 -30.37 -6.61
CA THR A 122 14.89 -29.53 -7.42
C THR A 122 15.24 -29.63 -8.90
N GLN A 123 14.31 -29.15 -9.74
CA GLN A 123 14.51 -29.15 -11.18
C GLN A 123 15.14 -27.84 -11.67
N GLY A 124 14.47 -26.72 -11.44
CA GLY A 124 14.94 -25.45 -11.96
C GLY A 124 14.90 -25.41 -13.48
N ALA A 125 15.83 -24.67 -14.06
CA ALA A 125 16.00 -24.65 -15.50
C ALA A 125 16.68 -25.94 -15.96
N LYS A 126 16.94 -26.00 -17.28
CA LYS A 126 17.45 -27.12 -18.08
C LYS A 126 16.38 -28.20 -18.27
N GLU A 127 15.27 -28.13 -17.54
CA GLU A 127 14.13 -29.00 -17.78
C GLU A 127 12.86 -28.24 -18.15
N HIS A 128 12.89 -26.91 -18.07
CA HIS A 128 11.81 -26.10 -18.59
C HIS A 128 11.89 -25.94 -20.10
N GLU A 129 13.09 -26.10 -20.67
CA GLU A 129 13.28 -26.08 -22.11
C GLU A 129 13.28 -27.47 -22.75
N GLU A 130 13.28 -28.53 -21.96
CA GLU A 130 13.21 -29.87 -22.52
C GLU A 130 11.77 -30.21 -22.92
N GLN A 146 5.84 -40.31 -14.47
CA GLN A 146 6.40 -41.57 -14.01
C GLN A 146 6.23 -41.72 -12.49
N MET A 147 6.24 -40.60 -11.77
CA MET A 147 6.15 -40.63 -10.32
C MET A 147 4.72 -40.38 -9.84
N GLY A 148 4.38 -41.05 -8.75
CA GLY A 148 3.10 -40.88 -8.10
C GLY A 148 3.16 -39.87 -6.97
N THR A 149 2.14 -39.92 -6.12
CA THR A 149 2.01 -38.95 -5.04
C THR A 149 3.02 -39.23 -3.93
N PHE A 150 3.24 -40.50 -3.61
CA PHE A 150 4.02 -40.87 -2.43
C PHE A 150 5.51 -40.59 -2.62
N MET A 151 6.09 -41.12 -3.70
CA MET A 151 7.52 -40.98 -3.93
C MET A 151 7.87 -39.72 -4.71
N GLY A 152 6.88 -39.07 -5.32
CA GLY A 152 7.14 -37.87 -6.09
C GLY A 152 6.92 -36.56 -5.36
N VAL A 153 6.02 -36.52 -4.38
CA VAL A 153 5.70 -35.30 -3.65
C VAL A 153 5.90 -35.48 -2.14
N TYR A 154 5.34 -36.56 -1.57
CA TYR A 154 5.19 -36.67 -0.12
C TYR A 154 6.54 -36.91 0.57
N LEU A 155 7.32 -37.87 0.07
CA LEU A 155 8.65 -38.13 0.59
C LEU A 155 9.68 -37.02 0.29
N PRO A 156 9.70 -36.37 -0.89
CA PRO A 156 10.58 -35.20 -1.01
C PRO A 156 10.18 -34.02 -0.14
N CYS A 157 8.90 -33.85 0.16
CA CYS A 157 8.51 -32.77 1.06
C CYS A 157 8.86 -33.09 2.51
N LEU A 158 8.73 -34.36 2.89
CA LEU A 158 9.04 -34.77 4.26
C LEU A 158 10.53 -34.66 4.56
N GLN A 159 11.38 -34.97 3.59
CA GLN A 159 12.83 -34.91 3.78
C GLN A 159 13.30 -33.49 4.02
N ASN A 160 12.71 -32.52 3.33
CA ASN A 160 13.18 -31.15 3.41
C ASN A 160 12.62 -30.38 4.59
N ILE A 161 11.51 -30.85 5.20
CA ILE A 161 10.99 -30.20 6.41
C ILE A 161 11.76 -30.66 7.64
N PHE A 162 12.03 -31.97 7.77
CA PHE A 162 12.81 -32.46 8.89
C PHE A 162 14.25 -32.00 8.79
N GLY A 163 14.89 -31.79 9.94
CA GLY A 163 16.24 -31.28 9.92
C GLY A 163 16.90 -31.12 11.27
N VAL A 164 17.60 -30.02 11.48
CA VAL A 164 18.57 -29.92 12.56
C VAL A 164 17.97 -29.41 13.87
N ILE A 165 16.91 -28.58 13.81
CA ILE A 165 16.32 -27.98 15.00
C ILE A 165 15.63 -29.04 15.86
N LEU A 166 15.11 -30.09 15.24
CA LEU A 166 14.47 -31.19 15.97
C LEU A 166 15.46 -31.92 16.88
N PHE A 167 16.70 -32.09 16.43
CA PHE A 167 17.67 -32.88 17.17
C PHE A 167 18.61 -32.04 18.02
N LEU A 168 18.73 -30.73 17.75
CA LEU A 168 19.72 -29.91 18.42
C LEU A 168 19.14 -28.80 19.29
N ARG A 169 17.90 -28.41 19.07
CA ARG A 169 17.35 -27.25 19.79
C ARG A 169 16.00 -27.50 20.42
N LEU A 170 15.27 -28.57 20.06
CA LEU A 170 13.89 -28.71 20.49
C LEU A 170 13.77 -29.08 21.96
N THR A 171 14.69 -29.88 22.50
CA THR A 171 14.68 -30.16 23.94
C THR A 171 14.93 -28.90 24.75
N TRP A 172 15.75 -27.98 24.23
CA TRP A 172 16.00 -26.72 24.91
C TRP A 172 14.81 -25.78 24.80
N VAL A 173 14.00 -25.92 23.75
CA VAL A 173 12.78 -25.13 23.62
C VAL A 173 11.70 -25.64 24.57
N VAL A 174 11.70 -26.94 24.87
CA VAL A 174 10.79 -27.43 25.91
C VAL A 174 11.35 -27.15 27.30
N GLY A 175 12.67 -27.06 27.44
CA GLY A 175 13.32 -26.74 28.71
C GLY A 175 13.02 -25.35 29.20
N THR A 176 13.29 -24.35 28.36
CA THR A 176 12.73 -23.02 28.55
C THR A 176 11.25 -23.09 28.18
N ALA A 177 10.47 -22.08 28.57
CA ALA A 177 9.07 -21.87 28.16
C ALA A 177 8.07 -22.93 28.65
N GLY A 178 8.54 -24.04 29.21
CA GLY A 178 7.64 -25.12 29.63
C GLY A 178 7.02 -25.87 28.45
N VAL A 179 6.18 -26.84 28.80
CA VAL A 179 5.47 -27.61 27.79
C VAL A 179 4.32 -26.80 27.17
N LEU A 180 3.63 -26.00 27.98
CA LEU A 180 2.40 -25.35 27.54
C LEU A 180 2.65 -24.22 26.55
N GLN A 181 3.74 -23.48 26.73
CA GLN A 181 4.04 -22.43 25.76
C GLN A 181 4.81 -22.97 24.57
N ALA A 182 5.56 -24.06 24.73
CA ALA A 182 6.23 -24.67 23.60
C ALA A 182 5.23 -25.42 22.71
N PHE A 183 4.11 -25.84 23.27
CA PHE A 183 3.02 -26.38 22.46
C PHE A 183 2.38 -25.28 21.62
N ALA A 184 2.38 -24.04 22.12
CA ALA A 184 1.80 -22.93 21.37
C ALA A 184 2.76 -22.39 20.31
N ILE A 185 4.07 -22.42 20.56
CA ILE A 185 5.06 -22.00 19.57
C ILE A 185 5.03 -22.92 18.35
N VAL A 186 4.93 -24.23 18.59
CA VAL A 186 4.89 -25.19 17.50
C VAL A 186 3.57 -25.06 16.74
N LEU A 187 2.47 -24.81 17.44
CA LEU A 187 1.15 -24.71 16.81
C LEU A 187 1.01 -23.44 15.98
N ILE A 188 1.63 -22.34 16.40
CA ILE A 188 1.54 -21.08 15.67
C ILE A 188 2.32 -21.17 14.36
N CYS A 189 3.52 -21.74 14.40
CA CYS A 189 4.35 -21.87 13.21
C CYS A 189 3.78 -22.88 12.22
N CYS A 190 3.10 -23.91 12.71
CA CYS A 190 2.55 -24.95 11.83
C CYS A 190 1.26 -24.51 11.15
N CYS A 191 0.47 -23.65 11.79
CA CYS A 191 -0.73 -23.12 11.15
C CYS A 191 -0.38 -22.14 10.04
N CYS A 192 0.78 -21.49 10.13
CA CYS A 192 1.24 -20.58 9.09
C CYS A 192 1.59 -21.31 7.80
N THR A 193 2.31 -22.43 7.92
CA THR A 193 2.71 -23.17 6.72
C THR A 193 1.55 -23.95 6.12
N MET A 194 0.58 -24.34 6.94
CA MET A 194 -0.56 -25.10 6.43
C MET A 194 -1.48 -24.21 5.59
N LEU A 195 -1.69 -22.96 6.01
CA LEU A 195 -2.48 -22.04 5.21
C LEU A 195 -1.75 -21.64 3.94
N THR A 196 -0.43 -21.50 4.02
CA THR A 196 0.38 -21.24 2.83
C THR A 196 0.35 -22.41 1.85
N ALA A 197 0.22 -23.64 2.36
CA ALA A 197 0.10 -24.81 1.51
C ALA A 197 -1.24 -24.84 0.78
N ILE A 198 -2.29 -24.28 1.38
CA ILE A 198 -3.59 -24.21 0.72
C ILE A 198 -3.57 -23.19 -0.41
N SER A 199 -2.88 -22.06 -0.21
CA SER A 199 -2.63 -21.12 -1.31
C SER A 199 -1.75 -21.73 -2.38
N MET A 200 -0.83 -22.61 -1.98
CA MET A 200 0.03 -23.29 -2.93
C MET A 200 -0.74 -24.33 -3.72
N SER A 201 -1.77 -24.92 -3.10
CA SER A 201 -2.66 -25.84 -3.80
C SER A 201 -3.51 -25.14 -4.84
N ALA A 202 -3.88 -23.88 -4.60
CA ALA A 202 -4.66 -23.14 -5.57
C ALA A 202 -3.82 -22.74 -6.77
N ILE A 203 -2.51 -22.56 -6.57
CA ILE A 203 -1.60 -22.27 -7.68
C ILE A 203 -1.42 -23.49 -8.57
N ALA A 204 -1.31 -24.67 -7.97
CA ALA A 204 -1.12 -25.92 -8.71
C ALA A 204 -2.36 -26.43 -9.41
N THR A 205 -3.50 -25.74 -9.28
CA THR A 205 -4.73 -26.13 -9.95
C THR A 205 -5.27 -25.00 -10.83
N ASN A 206 -4.38 -24.14 -11.33
CA ASN A 206 -4.79 -23.01 -12.16
C ASN A 206 -4.53 -23.26 -13.64
N GLY A 207 -3.29 -23.56 -14.01
CA GLY A 207 -2.94 -23.69 -15.41
C GLY A 207 -2.76 -25.14 -15.87
N VAL A 208 -1.53 -25.53 -16.17
CA VAL A 208 -1.23 -26.90 -16.59
C VAL A 208 -0.02 -27.47 -15.86
N VAL A 209 0.43 -26.80 -14.79
CA VAL A 209 1.58 -27.17 -13.95
C VAL A 209 2.84 -27.38 -14.78
N PRO A 210 3.57 -26.31 -15.12
CA PRO A 210 4.73 -26.44 -16.00
C PRO A 210 5.87 -27.26 -15.38
N ALA A 211 6.78 -27.67 -16.25
CA ALA A 211 7.81 -28.64 -15.91
C ALA A 211 9.13 -27.96 -15.56
N GLY A 212 9.11 -27.18 -14.48
CA GLY A 212 10.34 -26.56 -14.04
C GLY A 212 10.55 -26.37 -12.55
N GLY A 213 9.67 -26.92 -11.73
CA GLY A 213 9.73 -26.72 -10.30
C GLY A 213 8.75 -25.68 -9.81
N SER A 214 9.03 -25.19 -8.59
CA SER A 214 8.08 -24.29 -7.93
C SER A 214 8.17 -22.86 -8.45
N TYR A 215 9.33 -22.43 -8.92
CA TYR A 215 9.47 -21.06 -9.42
C TYR A 215 8.66 -20.85 -10.69
N PHE A 216 8.65 -21.82 -11.60
CA PHE A 216 7.88 -21.68 -12.82
C PHE A 216 6.40 -21.84 -12.56
N MET A 217 6.03 -22.56 -11.52
CA MET A 217 4.63 -22.73 -11.17
C MET A 217 4.04 -21.45 -10.58
N ILE A 218 4.82 -20.74 -9.78
CA ILE A 218 4.36 -19.51 -9.15
C ILE A 218 4.37 -18.35 -10.14
N SER A 219 5.36 -18.33 -11.04
CA SER A 219 5.51 -17.22 -11.97
C SER A 219 4.43 -17.23 -13.04
N ARG A 220 3.94 -18.40 -13.43
CA ARG A 220 2.90 -18.45 -14.46
C ARG A 220 1.49 -18.29 -13.90
N ALA A 221 1.31 -18.50 -12.59
CA ALA A 221 0.00 -18.37 -11.97
C ALA A 221 -0.23 -17.00 -11.37
N LEU A 222 0.83 -16.34 -10.90
CA LEU A 222 0.73 -15.01 -10.31
C LEU A 222 1.38 -13.95 -11.18
N GLY A 223 1.79 -14.30 -12.40
CA GLY A 223 2.40 -13.36 -13.30
C GLY A 223 3.81 -13.02 -12.90
N PRO A 224 4.42 -12.08 -13.60
CA PRO A 224 5.66 -11.48 -13.09
C PRO A 224 5.35 -10.54 -11.93
N GLU A 225 6.42 -10.04 -11.31
CA GLU A 225 6.50 -9.15 -10.15
C GLU A 225 6.07 -9.81 -8.84
N PHE A 226 5.39 -10.95 -8.93
CA PHE A 226 5.16 -11.85 -7.81
C PHE A 226 5.93 -13.14 -7.96
N GLY A 227 6.38 -13.48 -9.16
CA GLY A 227 7.33 -14.55 -9.36
C GLY A 227 8.69 -14.10 -8.89
N GLY A 228 9.15 -12.98 -9.44
CA GLY A 228 10.21 -12.23 -8.78
C GLY A 228 9.71 -11.63 -7.49
N ALA A 229 10.65 -11.44 -6.55
CA ALA A 229 10.48 -10.99 -5.16
C ALA A 229 9.78 -12.03 -4.28
N VAL A 230 9.34 -13.15 -4.86
CA VAL A 230 9.18 -14.41 -4.15
C VAL A 230 10.36 -15.32 -4.41
N GLY A 231 10.80 -15.38 -5.68
CA GLY A 231 11.97 -16.15 -6.02
C GLY A 231 13.26 -15.60 -5.45
N LEU A 232 13.35 -14.29 -5.27
CA LEU A 232 14.57 -13.70 -4.73
C LEU A 232 14.69 -13.89 -3.23
N CYS A 233 13.58 -13.85 -2.50
CA CYS A 233 13.67 -14.05 -1.05
C CYS A 233 13.60 -15.51 -0.66
N PHE A 234 13.00 -16.36 -1.50
CA PHE A 234 13.19 -17.80 -1.33
C PHE A 234 14.63 -18.20 -1.62
N TYR A 235 15.31 -17.46 -2.51
CA TYR A 235 16.71 -17.73 -2.80
C TYR A 235 17.60 -17.36 -1.63
N LEU A 236 17.35 -16.21 -1.00
CA LEU A 236 18.15 -15.79 0.15
C LEU A 236 17.88 -16.65 1.37
N GLY A 237 16.65 -17.14 1.52
CA GLY A 237 16.35 -18.05 2.61
C GLY A 237 17.01 -19.40 2.46
N THR A 238 17.17 -19.87 1.23
CA THR A 238 17.87 -21.13 0.98
C THR A 238 19.38 -20.96 1.13
N THR A 239 19.91 -19.78 0.80
CA THR A 239 21.34 -19.57 0.93
C THR A 239 21.75 -19.44 2.39
N PHE A 240 20.89 -18.85 3.22
CA PHE A 240 21.19 -18.75 4.64
C PHE A 240 20.81 -20.02 5.40
N ALA A 241 19.92 -20.85 4.83
CA ALA A 241 19.70 -22.17 5.40
C ALA A 241 20.91 -23.08 5.21
N ALA A 242 21.63 -22.94 4.10
CA ALA A 242 22.84 -23.73 3.87
C ALA A 242 23.93 -23.39 4.88
N ALA A 243 24.01 -22.13 5.32
CA ALA A 243 24.94 -21.78 6.38
C ALA A 243 24.46 -22.31 7.73
N MET A 244 23.14 -22.38 7.95
CA MET A 244 22.62 -22.92 9.20
C MET A 244 22.83 -24.43 9.30
N TYR A 245 22.79 -25.14 8.18
CA TYR A 245 23.06 -26.57 8.21
C TYR A 245 24.55 -26.88 8.35
N ILE A 246 25.42 -26.02 7.84
CA ILE A 246 26.85 -26.25 7.98
C ILE A 246 27.29 -25.95 9.41
N LEU A 247 26.75 -24.88 10.01
CA LEU A 247 27.00 -24.59 11.42
C LEU A 247 26.39 -25.65 12.32
N GLY A 248 25.26 -26.23 11.92
CA GLY A 248 24.66 -27.30 12.70
C GLY A 248 25.45 -28.58 12.65
N ALA A 249 26.20 -28.80 11.58
CA ALA A 249 27.04 -30.00 11.49
C ALA A 249 28.36 -29.85 12.22
N ILE A 250 28.89 -28.63 12.29
CA ILE A 250 30.14 -28.38 13.01
C ILE A 250 29.89 -28.45 14.52
N GLU A 251 28.66 -28.17 14.95
CA GLU A 251 28.31 -28.28 16.37
C GLU A 251 28.22 -29.74 16.80
N ILE A 252 27.58 -30.59 15.98
CA ILE A 252 27.57 -32.03 16.25
C ILE A 252 28.97 -32.62 16.10
N PHE A 253 29.85 -31.98 15.35
CA PHE A 253 31.22 -32.46 15.26
C PHE A 253 32.05 -32.04 16.46
N LEU A 254 32.01 -30.76 16.82
CA LEU A 254 32.93 -30.23 17.83
C LEU A 254 32.51 -30.61 19.24
N VAL A 255 31.24 -30.50 19.56
CA VAL A 255 30.67 -31.24 20.68
C VAL A 255 30.37 -32.66 20.19
N TYR A 256 30.18 -33.59 21.12
CA TYR A 256 29.55 -34.90 20.89
C TYR A 256 30.28 -35.91 20.00
N ILE A 257 31.34 -35.54 19.29
CA ILE A 257 32.05 -36.52 18.46
C ILE A 257 33.53 -36.46 18.81
N VAL A 258 34.13 -35.29 18.63
CA VAL A 258 35.53 -35.04 18.98
C VAL A 258 35.68 -33.67 19.62
N PRO A 259 35.48 -33.52 20.96
CA PRO A 259 35.90 -32.29 21.66
C PRO A 259 37.40 -32.21 21.93
N ARG A 260 38.19 -32.54 20.90
CA ARG A 260 39.65 -32.54 20.93
C ARG A 260 40.24 -31.92 19.67
N ALA A 261 39.47 -31.77 18.60
CA ALA A 261 39.91 -31.19 17.35
C ALA A 261 39.69 -29.70 17.29
N ALA A 262 39.40 -29.06 18.42
CA ALA A 262 39.23 -27.62 18.46
C ALA A 262 40.59 -26.95 18.31
N ILE A 263 40.69 -26.00 17.37
CA ILE A 263 41.94 -25.27 17.17
C ILE A 263 42.21 -24.34 18.34
N PHE A 264 41.22 -23.53 18.71
CA PHE A 264 41.38 -22.54 19.77
C PHE A 264 40.95 -23.10 21.12
N HIS A 265 41.70 -24.11 21.58
CA HIS A 265 41.61 -24.49 22.98
C HIS A 265 42.30 -23.42 23.79
N SER A 266 41.53 -22.43 24.25
CA SER A 266 42.07 -21.27 24.91
C SER A 266 42.38 -21.57 26.37
N ASP A 267 42.74 -20.53 27.10
CA ASP A 267 42.98 -20.63 28.54
C ASP A 267 41.66 -20.88 29.28
N ASP A 268 41.78 -21.53 30.43
CA ASP A 268 40.62 -21.77 31.28
C ASP A 268 40.22 -20.46 31.95
N ALA A 269 39.37 -19.68 31.29
CA ALA A 269 39.15 -18.29 31.69
C ALA A 269 37.70 -17.92 31.43
N LEU A 270 37.43 -16.62 31.43
CA LEU A 270 36.07 -16.10 31.32
C LEU A 270 35.58 -16.08 29.88
N LYS A 271 36.46 -16.32 28.91
CA LYS A 271 36.09 -16.29 27.50
C LYS A 271 35.89 -17.73 27.01
N GLU A 272 34.70 -18.28 27.26
CA GLU A 272 34.32 -19.58 26.74
C GLU A 272 33.51 -19.49 25.46
N SER A 273 33.06 -18.30 25.09
CA SER A 273 32.32 -18.11 23.85
C SER A 273 33.17 -17.56 22.72
N ALA A 274 34.21 -16.79 23.05
CA ALA A 274 35.05 -16.19 22.01
C ALA A 274 35.92 -17.22 21.32
N ALA A 275 36.37 -18.24 22.04
CA ALA A 275 37.16 -19.30 21.42
C ALA A 275 36.28 -20.35 20.76
N MET A 276 35.03 -20.50 21.19
CA MET A 276 34.13 -21.45 20.55
C MET A 276 33.63 -20.88 19.22
N LEU A 277 33.41 -19.55 19.15
CA LEU A 277 32.93 -18.93 17.93
C LEU A 277 33.99 -18.93 16.84
N ASN A 278 35.26 -18.75 17.22
CA ASN A 278 36.34 -18.84 16.25
C ASN A 278 36.62 -20.27 15.83
N ASN A 279 36.18 -21.26 16.60
CA ASN A 279 36.29 -22.65 16.16
C ASN A 279 35.26 -22.97 15.10
N MET A 280 34.05 -22.41 15.20
CA MET A 280 33.02 -22.61 14.20
C MET A 280 33.30 -21.82 12.93
N ARG A 281 34.02 -20.71 13.05
CA ARG A 281 34.37 -19.91 11.88
C ARG A 281 35.41 -20.60 11.01
N VAL A 282 36.35 -21.31 11.63
CA VAL A 282 37.42 -21.95 10.87
C VAL A 282 36.94 -23.26 10.27
N TYR A 283 36.23 -24.07 11.07
CA TYR A 283 35.73 -25.36 10.56
C TYR A 283 34.54 -25.18 9.63
N GLY A 284 33.69 -24.19 9.89
CA GLY A 284 32.56 -23.95 9.00
C GLY A 284 32.92 -23.35 7.67
N THR A 285 34.06 -22.67 7.58
CA THR A 285 34.54 -22.19 6.29
C THR A 285 35.08 -23.34 5.46
N ALA A 286 35.90 -24.19 6.08
CA ALA A 286 36.49 -25.34 5.37
C ALA A 286 35.44 -26.38 5.02
N PHE A 287 34.38 -26.50 5.82
CA PHE A 287 33.28 -27.38 5.47
C PHE A 287 32.46 -26.84 4.30
N LEU A 288 32.31 -25.51 4.22
CA LEU A 288 31.57 -24.93 3.10
C LEU A 288 32.36 -25.02 1.81
N VAL A 289 33.69 -24.86 1.89
CA VAL A 289 34.53 -24.90 0.69
C VAL A 289 34.54 -26.30 0.08
N LEU A 290 34.64 -27.34 0.91
CA LEU A 290 34.56 -28.71 0.41
C LEU A 290 33.16 -29.06 -0.08
N MET A 291 32.12 -28.39 0.41
CA MET A 291 30.77 -28.70 -0.02
C MET A 291 30.36 -27.98 -1.30
N VAL A 292 30.98 -26.85 -1.62
CA VAL A 292 30.79 -26.27 -2.95
C VAL A 292 31.51 -27.13 -3.99
N LEU A 293 32.61 -27.77 -3.58
CA LEU A 293 33.36 -28.65 -4.47
C LEU A 293 32.55 -29.87 -4.87
N VAL A 294 31.76 -30.43 -3.95
CA VAL A 294 30.97 -31.62 -4.28
C VAL A 294 29.83 -31.26 -5.23
N VAL A 295 29.22 -30.09 -5.05
CA VAL A 295 28.17 -29.62 -5.95
C VAL A 295 28.71 -29.38 -7.36
N PHE A 296 29.97 -28.94 -7.46
CA PHE A 296 30.53 -28.66 -8.78
C PHE A 296 30.94 -29.93 -9.52
N ILE A 297 31.75 -30.80 -8.92
CA ILE A 297 32.36 -31.86 -9.71
C ILE A 297 31.43 -33.07 -9.82
N GLY A 298 30.71 -33.43 -8.76
CA GLY A 298 29.69 -34.46 -8.93
C GLY A 298 28.40 -34.21 -8.19
N VAL A 299 27.35 -33.92 -8.94
CA VAL A 299 26.03 -33.69 -8.34
C VAL A 299 25.10 -34.86 -8.60
N ARG A 300 25.44 -35.74 -9.54
CA ARG A 300 24.69 -36.98 -9.75
C ARG A 300 24.80 -37.92 -8.57
N TYR A 301 25.89 -37.85 -7.82
CA TYR A 301 26.04 -38.67 -6.61
C TYR A 301 25.32 -38.05 -5.42
N VAL A 302 25.08 -36.74 -5.44
CA VAL A 302 24.21 -36.12 -4.45
C VAL A 302 22.77 -36.53 -4.73
N ASN A 303 22.41 -36.74 -6.00
CA ASN A 303 21.07 -37.21 -6.36
C ASN A 303 20.80 -38.62 -5.85
N LYS A 304 21.74 -39.54 -6.04
CA LYS A 304 21.46 -40.93 -5.76
C LYS A 304 21.71 -41.32 -4.31
N PHE A 305 22.31 -40.44 -3.51
CA PHE A 305 22.41 -40.64 -2.08
C PHE A 305 21.21 -40.11 -1.31
N ALA A 306 20.13 -39.73 -2.01
CA ALA A 306 18.96 -39.15 -1.36
C ALA A 306 18.20 -40.17 -0.52
N SER A 307 18.27 -41.45 -0.88
CA SER A 307 17.51 -42.48 -0.17
C SER A 307 18.11 -42.79 1.18
N LEU A 308 19.41 -42.59 1.36
CA LEU A 308 20.05 -42.84 2.64
C LEU A 308 20.11 -41.60 3.52
N PHE A 309 20.01 -40.40 2.92
CA PHE A 309 19.81 -39.21 3.74
C PHE A 309 18.43 -39.22 4.39
N LEU A 310 17.43 -39.72 3.67
CA LEU A 310 16.10 -39.84 4.23
C LEU A 310 16.02 -40.95 5.28
N ALA A 311 16.79 -42.03 5.10
CA ALA A 311 16.76 -43.14 6.05
C ALA A 311 17.42 -42.77 7.37
N CYS A 312 18.41 -41.87 7.35
CA CYS A 312 19.01 -41.40 8.59
C CYS A 312 18.04 -40.57 9.42
N VAL A 313 17.10 -39.89 8.77
CA VAL A 313 16.09 -39.11 9.49
C VAL A 313 15.07 -40.03 10.14
N ILE A 314 14.61 -41.05 9.40
CA ILE A 314 13.48 -41.86 9.84
C ILE A 314 13.87 -42.76 11.00
N VAL A 315 15.05 -43.39 10.95
CA VAL A 315 15.47 -44.25 12.06
C VAL A 315 15.89 -43.44 13.28
N SER A 316 16.20 -42.14 13.13
CA SER A 316 16.44 -41.31 14.29
C SER A 316 15.15 -40.90 14.98
N ILE A 317 14.07 -40.72 14.21
CA ILE A 317 12.77 -40.42 14.80
C ILE A 317 12.19 -41.66 15.48
N LEU A 318 12.35 -42.83 14.86
CA LEU A 318 11.87 -44.07 15.44
C LEU A 318 12.67 -44.51 16.65
N ALA A 319 13.91 -44.04 16.79
CA ALA A 319 14.70 -44.32 17.99
C ALA A 319 14.25 -43.47 19.17
N ILE A 320 13.76 -42.26 18.92
CA ILE A 320 13.25 -41.41 20.00
C ILE A 320 11.93 -41.96 20.52
N TYR A 321 11.07 -42.44 19.63
CA TYR A 321 9.79 -43.03 20.03
C TYR A 321 9.98 -44.33 20.80
N ALA A 322 10.92 -45.17 20.37
CA ALA A 322 11.15 -46.45 21.03
C ALA A 322 11.72 -46.27 22.42
N GLY A 323 12.67 -45.34 22.58
CA GLY A 323 13.28 -45.11 23.88
C GLY A 323 12.44 -44.32 24.85
N ALA A 324 11.41 -43.63 24.37
CA ALA A 324 10.50 -42.94 25.27
C ALA A 324 9.43 -43.88 25.82
N ILE A 325 8.98 -44.82 24.99
CA ILE A 325 7.99 -45.79 25.43
C ILE A 325 8.61 -46.78 26.41
N LYS A 326 9.87 -47.14 26.19
CA LYS A 326 10.56 -48.09 27.06
C LYS A 326 10.80 -47.53 28.45
N SER A 327 10.96 -46.21 28.57
CA SER A 327 11.16 -45.56 29.87
C SER A 327 9.92 -45.58 30.76
N SER A 328 8.78 -46.12 30.32
CA SER A 328 7.66 -46.36 31.22
C SER A 328 7.93 -47.49 32.20
N PHE A 329 8.72 -48.48 31.78
CA PHE A 329 9.06 -49.62 32.63
C PHE A 329 10.55 -49.86 32.79
N ALA A 330 11.39 -49.33 31.91
CA ALA A 330 12.85 -49.51 31.99
C ALA A 330 13.54 -48.23 31.57
N PRO A 331 13.65 -47.25 32.48
CA PRO A 331 14.30 -46.00 32.13
C PRO A 331 15.82 -46.15 32.11
N PRO A 332 16.51 -45.39 31.25
CA PRO A 332 17.98 -45.46 31.24
C PRO A 332 18.56 -44.74 32.45
N HIS A 333 19.85 -45.00 32.68
CA HIS A 333 20.57 -44.48 33.84
C HIS A 333 21.48 -43.35 33.38
N PHE A 334 21.07 -42.11 33.65
CA PHE A 334 21.89 -40.93 33.40
C PHE A 334 21.80 -40.02 34.63
N PRO A 335 22.75 -40.10 35.55
CA PRO A 335 22.66 -39.32 36.78
C PRO A 335 23.09 -37.88 36.62
N VAL A 336 22.50 -37.02 37.43
CA VAL A 336 22.81 -35.58 37.44
C VAL A 336 23.24 -35.20 38.86
N CYS A 337 24.39 -34.55 38.96
CA CYS A 337 24.97 -34.18 40.25
C CYS A 337 24.47 -32.78 40.65
N MET A 338 23.90 -32.68 41.84
CA MET A 338 23.33 -31.43 42.34
C MET A 338 24.00 -31.04 43.65
N LEU A 339 24.39 -29.77 43.76
CA LEU A 339 24.99 -29.26 44.99
C LEU A 339 23.92 -28.38 45.61
N GLY A 340 23.08 -28.98 46.45
CA GLY A 340 22.02 -28.25 47.11
C GLY A 340 20.79 -28.10 46.22
N ASN A 341 20.78 -27.04 45.42
CA ASN A 341 19.67 -26.72 44.54
C ASN A 341 20.18 -26.39 43.14
N ARG A 342 21.50 -26.26 43.06
CA ARG A 342 22.23 -25.91 41.85
C ARG A 342 22.75 -27.11 41.05
N THR A 343 22.68 -26.99 39.73
CA THR A 343 23.11 -28.05 38.82
C THR A 343 24.60 -27.93 38.53
N LEU A 344 25.35 -29.00 38.82
CA LEU A 344 26.77 -29.05 38.55
C LEU A 344 27.03 -29.71 37.20
N SER A 345 28.10 -29.27 36.54
CA SER A 345 28.55 -29.92 35.32
C SER A 345 29.13 -31.30 35.64
N SER A 346 28.71 -32.31 34.88
CA SER A 346 29.11 -33.67 35.14
C SER A 346 30.40 -34.04 34.44
N ARG A 347 30.91 -33.19 33.56
CA ARG A 347 32.29 -33.32 33.09
C ARG A 347 33.24 -33.02 34.23
N HIS A 348 34.46 -33.60 34.14
CA HIS A 348 35.56 -33.44 35.09
C HIS A 348 35.18 -33.93 36.50
N ILE A 349 34.20 -34.82 36.61
CA ILE A 349 33.70 -35.32 37.88
C ILE A 349 33.58 -36.83 37.75
N ASP A 350 34.28 -37.56 38.63
CA ASP A 350 34.17 -39.01 38.66
C ASP A 350 33.09 -39.49 39.63
N VAL A 351 33.02 -38.89 40.82
CA VAL A 351 32.09 -39.32 41.84
C VAL A 351 31.32 -38.11 42.37
N CYS A 352 30.01 -38.29 42.58
CA CYS A 352 29.13 -37.24 43.08
C CYS A 352 28.86 -37.45 44.57
N SER A 353 29.92 -37.38 45.37
CA SER A 353 29.80 -37.67 46.79
C SER A 353 30.46 -36.63 47.68
N LYS A 354 31.53 -36.00 47.20
CA LYS A 354 32.50 -35.15 47.93
C LYS A 354 33.25 -35.92 49.05
N THR A 355 33.10 -37.24 49.15
CA THR A 355 33.75 -38.03 50.19
C THR A 355 34.82 -38.97 49.64
N LYS A 356 34.49 -39.78 48.62
CA LYS A 356 35.45 -40.58 47.83
C LYS A 356 36.22 -41.60 48.70
N GLU A 357 35.48 -42.61 49.14
CA GLU A 357 36.11 -43.83 49.66
C GLU A 357 37.02 -44.44 48.59
N ILE A 358 38.18 -44.95 49.00
CA ILE A 358 39.01 -45.71 48.07
C ILE A 358 39.30 -47.11 48.62
N ASN A 359 40.00 -47.21 49.76
CA ASN A 359 40.17 -48.48 50.47
C ASN A 359 40.36 -48.18 51.95
N ASN A 360 39.23 -48.09 52.66
CA ASN A 360 39.11 -47.82 54.09
C ASN A 360 39.82 -46.54 54.54
N MET A 361 40.05 -45.59 53.63
CA MET A 361 40.65 -44.30 53.96
C MET A 361 39.99 -43.26 53.07
N THR A 362 39.66 -42.10 53.63
CA THR A 362 38.83 -41.10 52.96
C THR A 362 39.70 -39.94 52.49
N VAL A 363 40.17 -40.03 51.25
CA VAL A 363 40.69 -38.84 50.57
C VAL A 363 39.53 -38.11 49.92
N PRO A 364 39.40 -36.79 50.06
CA PRO A 364 38.24 -36.10 49.49
C PRO A 364 38.29 -36.06 47.97
N SER A 365 37.11 -35.91 47.37
CA SER A 365 36.92 -36.16 45.96
C SER A 365 37.43 -35.00 45.10
N LYS A 366 37.28 -35.17 43.79
CA LYS A 366 37.68 -34.12 42.85
C LYS A 366 36.69 -32.96 42.88
N LEU A 367 35.44 -33.23 43.22
CA LEU A 367 34.45 -32.17 43.41
C LEU A 367 34.79 -31.28 44.61
N TRP A 368 35.45 -31.84 45.63
CA TRP A 368 35.94 -31.05 46.75
C TRP A 368 36.99 -30.04 46.31
N GLY A 369 37.82 -30.39 45.33
CA GLY A 369 38.89 -29.51 44.91
C GLY A 369 38.46 -28.31 44.10
N PHE A 370 37.27 -28.35 43.50
CA PHE A 370 36.79 -27.22 42.73
C PHE A 370 36.18 -26.13 43.60
N PHE A 371 35.76 -26.47 44.81
CA PHE A 371 35.17 -25.51 45.75
C PHE A 371 36.10 -25.20 46.91
N CYS A 372 37.34 -25.67 46.87
CA CYS A 372 38.31 -25.48 47.93
C CYS A 372 39.68 -25.34 47.29
N ASN A 373 40.72 -25.51 48.10
CA ASN A 373 42.07 -25.76 47.61
C ASN A 373 42.26 -27.26 47.38
N SER A 374 43.51 -27.72 47.38
CA SER A 374 43.95 -29.03 46.91
C SER A 374 43.17 -30.19 47.53
N SER A 375 43.27 -31.36 46.89
CA SER A 375 42.35 -32.46 47.16
C SER A 375 42.77 -33.27 48.38
N GLN A 376 43.80 -32.82 49.11
CA GLN A 376 44.15 -33.45 50.37
C GLN A 376 43.84 -32.56 51.57
N PHE A 377 42.94 -31.60 51.40
CA PHE A 377 42.80 -30.50 52.35
C PHE A 377 41.43 -30.47 53.00
N PHE A 378 41.06 -31.57 53.68
CA PHE A 378 39.85 -31.64 54.50
C PHE A 378 39.87 -30.65 55.68
N ASN A 379 40.99 -29.94 55.91
CA ASN A 379 41.19 -29.11 57.09
C ASN A 379 40.20 -27.94 57.16
N ALA A 380 40.26 -27.00 56.22
CA ALA A 380 39.55 -25.74 56.40
C ALA A 380 39.34 -25.04 55.06
N THR A 381 39.05 -23.73 55.15
CA THR A 381 38.95 -22.73 54.06
C THR A 381 38.06 -23.17 52.88
N CYS A 382 36.90 -23.71 53.22
CA CYS A 382 35.95 -24.13 52.20
C CYS A 382 35.02 -22.98 51.80
N ASP A 383 34.43 -23.13 50.62
CA ASP A 383 33.53 -22.13 50.06
C ASP A 383 32.16 -22.18 50.75
N GLU A 384 31.53 -21.02 50.88
CA GLU A 384 30.21 -20.94 51.49
C GLU A 384 29.20 -21.62 50.57
N TYR A 385 28.01 -21.88 51.10
CA TYR A 385 26.98 -22.55 50.34
C TYR A 385 27.37 -24.01 50.16
N PHE A 386 28.67 -24.25 50.09
CA PHE A 386 29.20 -25.60 49.92
C PHE A 386 29.38 -26.25 51.28
N VAL A 387 29.87 -25.49 52.26
CA VAL A 387 30.03 -26.03 53.60
C VAL A 387 28.64 -26.48 54.02
N HIS A 388 27.65 -25.70 53.60
CA HIS A 388 26.25 -26.00 53.85
C HIS A 388 25.78 -26.74 52.60
N ASN A 389 24.55 -27.25 52.61
CA ASN A 389 24.03 -27.97 51.45
C ASN A 389 24.78 -29.26 51.16
N ASN A 390 24.06 -30.38 51.14
CA ASN A 390 24.69 -31.67 50.85
C ASN A 390 24.74 -31.93 49.35
N VAL A 391 25.55 -32.93 48.97
CA VAL A 391 25.69 -33.27 47.55
C VAL A 391 24.83 -34.49 47.25
N THR A 392 23.90 -34.34 46.30
CA THR A 392 22.98 -35.39 45.92
C THR A 392 23.08 -35.69 44.43
N SER A 393 22.48 -36.81 44.04
CA SER A 393 22.46 -37.24 42.65
C SER A 393 21.04 -37.60 42.27
N ILE A 394 20.54 -36.99 41.20
CA ILE A 394 19.19 -37.22 40.72
C ILE A 394 19.27 -37.91 39.35
N GLN A 395 18.15 -38.49 38.95
CA GLN A 395 18.06 -39.15 37.65
C GLN A 395 17.73 -38.14 36.56
N GLY A 396 18.51 -38.15 35.48
CA GLY A 396 18.25 -37.24 34.38
C GLY A 396 17.05 -37.63 33.55
N ILE A 397 16.74 -38.93 33.48
CA ILE A 397 15.54 -39.42 32.80
C ILE A 397 14.77 -40.26 33.80
N PRO A 398 13.77 -39.70 34.47
CA PRO A 398 12.91 -40.53 35.33
C PRO A 398 11.97 -41.41 34.54
N GLY A 399 11.61 -41.03 33.33
CA GLY A 399 10.80 -41.85 32.45
C GLY A 399 9.39 -41.32 32.30
N LEU A 400 8.63 -42.02 31.47
CA LEU A 400 7.27 -41.62 31.13
C LEU A 400 6.27 -41.92 32.23
N ALA A 401 6.54 -42.91 33.08
CA ALA A 401 5.57 -43.31 34.08
C ALA A 401 5.64 -42.48 35.36
N SER A 402 6.67 -41.66 35.52
CA SER A 402 6.73 -40.77 36.66
C SER A 402 5.84 -39.55 36.42
N GLY A 403 5.80 -38.67 37.42
CA GLY A 403 5.02 -37.44 37.29
C GLY A 403 5.88 -36.22 37.07
N ILE A 404 6.93 -36.34 36.25
CA ILE A 404 7.83 -35.22 36.01
C ILE A 404 7.26 -34.19 35.06
N ILE A 405 6.12 -34.46 34.41
CA ILE A 405 5.54 -33.49 33.50
C ILE A 405 4.90 -32.34 34.27
N THR A 406 4.49 -32.54 35.52
CA THR A 406 3.91 -31.45 36.31
C THR A 406 4.96 -30.41 36.70
N GLU A 407 6.23 -30.76 36.69
CA GLU A 407 7.30 -29.81 36.91
C GLU A 407 7.79 -29.13 35.63
N ASN A 408 7.35 -29.61 34.46
CA ASN A 408 7.82 -29.10 33.18
C ASN A 408 6.77 -28.31 32.42
N LEU A 409 5.68 -27.89 33.08
CA LEU A 409 4.61 -27.20 32.39
C LEU A 409 4.89 -25.72 32.18
N TRP A 410 5.58 -25.07 33.12
CA TRP A 410 5.70 -23.63 33.15
C TRP A 410 7.10 -23.18 32.74
N SER A 411 7.23 -21.89 32.52
CA SER A 411 8.36 -21.30 31.83
C SER A 411 9.52 -21.01 32.78
N ASN A 412 10.72 -20.93 32.20
CA ASN A 412 11.95 -20.68 32.93
C ASN A 412 12.81 -19.66 32.18
N TYR A 413 12.21 -18.55 31.76
CA TYR A 413 12.95 -17.50 31.07
C TYR A 413 13.91 -16.81 32.05
N LEU A 414 15.20 -16.93 31.80
CA LEU A 414 16.25 -16.39 32.65
C LEU A 414 17.23 -15.57 31.83
N PRO A 415 17.88 -14.58 32.44
CA PRO A 415 18.96 -13.88 31.74
C PRO A 415 20.20 -14.75 31.59
N LYS A 416 21.07 -14.33 30.68
CA LYS A 416 22.31 -15.06 30.42
C LYS A 416 23.26 -14.94 31.60
N GLY A 417 23.68 -16.08 32.13
CA GLY A 417 24.65 -16.14 33.21
C GLY A 417 24.14 -16.67 34.53
N GLU A 418 22.85 -16.94 34.67
CA GLU A 418 22.30 -17.45 35.91
C GLU A 418 22.38 -18.97 35.98
N ILE A 419 22.52 -19.48 37.20
CA ILE A 419 22.63 -20.92 37.43
C ILE A 419 21.27 -21.58 37.18
N ILE A 420 21.31 -22.76 36.57
CA ILE A 420 20.11 -23.55 36.32
C ILE A 420 19.79 -24.36 37.56
N GLU A 421 18.63 -24.12 38.15
CA GLU A 421 18.23 -24.74 39.40
C GLU A 421 16.89 -25.44 39.24
N LYS A 422 16.58 -26.31 40.19
CA LYS A 422 15.28 -26.95 40.11
C LYS A 422 14.48 -26.77 41.40
N PRO A 423 13.18 -26.50 41.29
CA PRO A 423 12.31 -26.57 42.46
C PRO A 423 12.20 -28.00 42.98
N SER A 424 11.67 -28.10 44.21
CA SER A 424 11.58 -29.34 45.00
C SER A 424 12.95 -29.96 45.29
N ALA A 425 14.00 -29.14 45.30
CA ALA A 425 15.32 -29.54 45.75
C ALA A 425 15.75 -28.62 46.89
N LYS A 426 16.37 -29.19 47.91
CA LYS A 426 16.58 -28.48 49.16
C LYS A 426 17.84 -27.63 49.10
N SER A 427 17.76 -26.44 49.67
CA SER A 427 18.86 -25.50 49.69
C SER A 427 18.71 -24.60 50.90
N SER A 428 19.80 -24.39 51.62
CA SER A 428 19.78 -23.54 52.80
C SER A 428 19.16 -22.19 52.48
N ASP A 429 20.01 -21.24 52.09
CA ASP A 429 19.63 -19.88 51.72
C ASP A 429 20.82 -18.94 51.90
N VAL A 430 22.02 -19.50 51.83
CA VAL A 430 23.23 -18.70 51.98
C VAL A 430 23.56 -18.05 50.64
N LEU A 431 24.72 -17.42 50.57
CA LEU A 431 25.15 -16.77 49.34
C LEU A 431 26.65 -16.93 49.17
N GLY A 432 27.05 -17.93 48.41
CA GLY A 432 28.47 -18.17 48.20
C GLY A 432 29.01 -17.46 46.97
N SER A 433 30.14 -17.96 46.48
CA SER A 433 30.76 -17.45 45.27
C SER A 433 30.27 -18.23 44.05
N LEU A 434 30.54 -17.67 42.86
CA LEU A 434 30.11 -18.28 41.62
C LEU A 434 31.25 -19.10 41.05
N ASN A 435 31.08 -20.42 41.01
CA ASN A 435 32.09 -21.36 40.57
C ASN A 435 32.07 -21.52 39.05
N HIS A 436 33.05 -22.26 38.54
CA HIS A 436 33.13 -22.62 37.13
C HIS A 436 32.49 -23.97 36.85
N GLU A 437 32.12 -24.71 37.90
CA GLU A 437 31.51 -26.02 37.75
C GLU A 437 29.98 -25.97 37.68
N TYR A 438 29.37 -24.82 37.83
CA TYR A 438 27.93 -24.71 37.68
C TYR A 438 27.54 -24.75 36.20
N VAL A 439 26.32 -25.19 35.94
CA VAL A 439 25.74 -25.11 34.61
C VAL A 439 24.92 -23.82 34.54
N LEU A 440 25.26 -22.94 33.61
CA LEU A 440 24.65 -21.63 33.50
C LEU A 440 23.76 -21.52 32.27
N VAL A 441 22.97 -20.44 32.26
CA VAL A 441 22.08 -20.16 31.14
C VAL A 441 22.90 -19.60 29.98
N ASP A 442 22.69 -20.15 28.78
CA ASP A 442 23.53 -19.85 27.63
C ASP A 442 23.34 -18.41 27.14
N ILE A 443 22.10 -18.04 26.82
CA ILE A 443 21.76 -16.68 26.39
C ILE A 443 20.46 -16.27 27.04
N THR A 444 20.16 -14.98 27.01
CA THR A 444 18.88 -14.51 27.52
C THR A 444 17.76 -14.85 26.54
N THR A 445 16.63 -15.27 27.07
CA THR A 445 15.61 -15.97 26.30
C THR A 445 14.24 -15.33 26.56
N SER A 446 13.38 -15.37 25.55
CA SER A 446 12.00 -14.93 25.68
C SER A 446 11.14 -15.73 24.72
N PHE A 447 9.84 -15.42 24.71
CA PHE A 447 8.89 -16.11 23.83
C PHE A 447 9.17 -15.79 22.36
N THR A 448 9.45 -14.52 22.04
CA THR A 448 9.64 -14.13 20.66
C THR A 448 10.99 -14.59 20.12
N LEU A 449 12.00 -14.72 20.99
CA LEU A 449 13.27 -15.28 20.56
C LEU A 449 13.13 -16.77 20.25
N LEU A 450 12.27 -17.49 20.97
CA LEU A 450 12.07 -18.91 20.73
C LEU A 450 11.21 -19.21 19.52
N VAL A 451 10.40 -18.25 19.06
CA VAL A 451 9.63 -18.44 17.83
C VAL A 451 10.56 -18.42 16.62
N GLY A 452 11.51 -17.49 16.60
CA GLY A 452 12.46 -17.38 15.50
C GLY A 452 13.51 -18.47 15.44
N ILE A 453 13.67 -19.24 16.51
CA ILE A 453 14.61 -20.36 16.51
C ILE A 453 13.91 -21.65 16.10
N PHE A 454 12.65 -21.82 16.46
CA PHE A 454 11.92 -23.02 16.04
C PHE A 454 11.52 -22.96 14.57
N PHE A 455 11.26 -21.75 14.04
CA PHE A 455 10.59 -21.61 12.75
C PHE A 455 11.30 -22.20 11.51
N PRO A 456 12.63 -22.26 11.39
CA PRO A 456 13.21 -23.00 10.24
C PRO A 456 12.89 -24.49 10.20
N SER A 457 12.38 -25.08 11.28
CA SER A 457 11.98 -26.49 11.25
C SER A 457 10.72 -26.72 10.41
N VAL A 458 9.77 -25.78 10.42
CA VAL A 458 8.52 -26.00 9.70
C VAL A 458 8.60 -25.60 8.24
N THR A 459 9.69 -24.97 7.81
CA THR A 459 9.82 -24.58 6.42
C THR A 459 10.19 -25.79 5.56
N GLY A 460 10.32 -25.57 4.26
CA GLY A 460 10.57 -26.64 3.33
C GLY A 460 9.35 -27.17 2.62
N ILE A 461 8.27 -26.39 2.57
CA ILE A 461 7.01 -26.84 1.98
C ILE A 461 6.95 -26.63 0.48
N MET A 462 7.90 -25.89 -0.11
CA MET A 462 8.01 -25.78 -1.56
C MET A 462 8.63 -27.02 -2.20
N ALA A 463 9.12 -27.96 -1.39
CA ALA A 463 9.73 -29.20 -1.86
C ALA A 463 8.77 -30.12 -2.59
N GLY A 464 7.46 -30.00 -2.32
CA GLY A 464 6.49 -30.85 -2.99
C GLY A 464 6.23 -30.51 -4.44
N SER A 465 6.77 -29.40 -4.94
CA SER A 465 6.54 -28.98 -6.31
C SER A 465 7.79 -29.07 -7.18
N ASN A 466 8.95 -29.44 -6.62
CA ASN A 466 10.19 -29.35 -7.37
C ASN A 466 10.46 -30.58 -8.24
N ARG A 467 9.48 -31.46 -8.41
CA ARG A 467 9.51 -32.56 -9.36
C ARG A 467 8.28 -32.51 -10.24
N SER A 468 7.96 -31.32 -10.76
CA SER A 468 6.67 -31.07 -11.40
C SER A 468 6.55 -31.78 -12.75
N GLY A 469 7.61 -31.85 -13.52
CA GLY A 469 7.55 -32.48 -14.81
C GLY A 469 7.58 -33.98 -14.82
N ASP A 470 7.88 -34.60 -13.68
CA ASP A 470 8.02 -36.05 -13.59
C ASP A 470 6.83 -36.72 -12.91
N LEU A 471 5.74 -36.00 -12.71
CA LEU A 471 4.54 -36.56 -12.11
C LEU A 471 3.57 -36.97 -13.21
N LYS A 472 2.72 -37.95 -12.91
CA LYS A 472 1.67 -38.34 -13.84
C LYS A 472 0.55 -37.29 -13.85
N ASP A 473 -0.01 -37.01 -12.68
CA ASP A 473 -1.05 -35.99 -12.52
C ASP A 473 -0.57 -35.05 -11.41
N ALA A 474 0.21 -34.04 -11.81
CA ALA A 474 0.75 -33.07 -10.86
C ALA A 474 -0.32 -32.18 -10.25
N GLN A 475 -1.43 -31.98 -10.96
CA GLN A 475 -2.54 -31.18 -10.46
C GLN A 475 -3.19 -31.81 -9.23
N LYS A 476 -3.20 -33.14 -9.16
CA LYS A 476 -3.74 -33.87 -8.03
C LYS A 476 -2.68 -34.26 -7.00
N SER A 477 -1.43 -34.47 -7.43
CA SER A 477 -0.41 -35.00 -6.53
C SER A 477 0.11 -33.93 -5.58
N ILE A 478 0.31 -32.70 -6.08
CA ILE A 478 0.95 -31.63 -5.30
C ILE A 478 0.09 -31.15 -4.13
N PRO A 479 -1.24 -30.96 -4.23
CA PRO A 479 -1.99 -30.66 -2.99
C PRO A 479 -2.07 -31.82 -2.01
N ILE A 480 -2.22 -33.06 -2.48
CA ILE A 480 -2.38 -34.19 -1.57
C ILE A 480 -1.07 -34.50 -0.85
N GLY A 481 0.05 -34.46 -1.57
CA GLY A 481 1.31 -34.82 -0.95
C GLY A 481 1.86 -33.76 -0.01
N THR A 482 1.64 -32.49 -0.34
CA THR A 482 2.16 -31.41 0.50
C THR A 482 1.40 -31.30 1.81
N ILE A 483 0.07 -31.36 1.74
CA ILE A 483 -0.77 -31.15 2.92
C ILE A 483 -0.62 -32.31 3.89
N LEU A 484 -0.50 -33.53 3.36
CA LEU A 484 -0.27 -34.70 4.21
C LEU A 484 1.11 -34.67 4.86
N ALA A 485 2.10 -34.05 4.20
CA ALA A 485 3.42 -33.96 4.78
C ALA A 485 3.49 -32.92 5.89
N ILE A 486 2.65 -31.88 5.82
CA ILE A 486 2.56 -30.93 6.92
C ILE A 486 1.93 -31.60 8.14
N LEU A 487 0.92 -32.45 7.93
CA LEU A 487 0.27 -33.16 9.01
C LEU A 487 1.19 -34.18 9.67
N THR A 488 2.14 -34.75 8.91
CA THR A 488 3.05 -35.75 9.46
C THR A 488 4.14 -35.09 10.30
N THR A 489 4.76 -34.02 9.79
CA THR A 489 5.82 -33.35 10.54
C THR A 489 5.28 -32.58 11.74
N SER A 490 4.07 -32.04 11.64
CA SER A 490 3.49 -31.33 12.79
C SER A 490 3.06 -32.29 13.88
N PHE A 491 2.68 -33.52 13.53
CA PHE A 491 2.42 -34.53 14.56
C PHE A 491 3.69 -34.92 15.29
N VAL A 492 4.79 -35.04 14.55
CA VAL A 492 6.07 -35.41 15.15
C VAL A 492 6.59 -34.30 16.05
N TYR A 493 6.35 -33.05 15.69
CA TYR A 493 6.79 -31.93 16.52
C TYR A 493 5.91 -31.76 17.74
N LEU A 494 4.60 -31.95 17.60
CA LEU A 494 3.69 -31.76 18.72
C LEU A 494 3.73 -32.91 19.71
N SER A 495 3.99 -34.13 19.24
CA SER A 495 4.11 -35.25 20.17
C SER A 495 5.50 -35.35 20.78
N ASN A 496 6.50 -34.63 20.25
CA ASN A 496 7.81 -34.61 20.89
C ASN A 496 7.87 -33.57 22.02
N VAL A 497 7.06 -32.51 21.92
CA VAL A 497 7.00 -31.52 23.00
C VAL A 497 6.44 -32.15 24.27
N VAL A 498 5.45 -33.02 24.12
CA VAL A 498 4.84 -33.67 25.27
C VAL A 498 5.76 -34.76 25.83
N LEU A 499 6.44 -35.50 24.96
CA LEU A 499 7.29 -36.60 25.41
C LEU A 499 8.62 -36.13 25.99
N PHE A 500 9.11 -34.95 25.60
CA PHE A 500 10.33 -34.44 26.23
C PHE A 500 10.04 -33.97 27.64
N GLY A 501 8.93 -33.24 27.84
CA GLY A 501 8.56 -32.75 29.15
C GLY A 501 8.07 -33.81 30.10
N ALA A 502 7.69 -34.98 29.59
CA ALA A 502 7.18 -36.04 30.45
C ALA A 502 8.22 -37.11 30.79
N CYS A 503 9.40 -37.09 30.16
CA CYS A 503 10.42 -38.10 30.42
C CYS A 503 11.75 -37.55 30.90
N ILE A 504 12.06 -36.28 30.68
CA ILE A 504 13.38 -35.73 30.96
C ILE A 504 13.27 -34.74 32.12
N GLU A 505 14.24 -34.81 33.03
CA GLU A 505 14.37 -33.84 34.10
C GLU A 505 14.63 -32.44 33.54
N GLY A 506 14.02 -31.43 34.16
CA GLY A 506 14.01 -30.08 33.62
C GLY A 506 15.37 -29.40 33.55
N VAL A 507 16.27 -29.70 34.49
CA VAL A 507 17.62 -29.14 34.43
C VAL A 507 18.48 -29.80 33.36
N VAL A 508 18.05 -30.94 32.82
CA VAL A 508 18.72 -31.54 31.67
C VAL A 508 18.19 -30.94 30.38
N LEU A 509 16.90 -30.63 30.34
CA LEU A 509 16.31 -29.96 29.17
C LEU A 509 16.79 -28.52 29.05
N ARG A 510 17.12 -27.87 30.17
CA ARG A 510 17.41 -26.44 30.20
C ARG A 510 18.87 -26.13 29.90
N ASP A 511 19.68 -27.10 29.52
CA ASP A 511 21.02 -26.78 29.06
C ASP A 511 21.31 -27.48 27.73
N LYS A 512 21.64 -26.68 26.73
CA LYS A 512 22.27 -27.21 25.54
C LYS A 512 23.71 -27.62 25.85
N PHE A 513 24.28 -28.41 24.94
CA PHE A 513 25.63 -28.97 24.95
C PHE A 513 25.83 -30.06 26.01
N GLY A 514 24.83 -30.37 26.82
CA GLY A 514 24.80 -31.54 27.68
C GLY A 514 25.84 -31.60 28.79
N ASP A 515 26.10 -30.47 29.46
CA ASP A 515 27.09 -30.46 30.53
C ASP A 515 26.60 -31.19 31.79
N ALA A 516 25.29 -31.30 31.97
CA ALA A 516 24.72 -31.98 33.12
C ALA A 516 24.68 -33.51 32.95
N VAL A 517 24.75 -34.00 31.72
CA VAL A 517 24.74 -35.44 31.47
C VAL A 517 26.03 -35.84 30.76
N LYS A 518 27.14 -35.18 31.14
CA LYS A 518 28.53 -35.47 30.75
C LYS A 518 28.73 -35.58 29.24
N GLY A 519 28.19 -34.60 28.52
CA GLY A 519 28.53 -34.40 27.12
C GLY A 519 27.73 -35.21 26.13
N ASN A 520 26.54 -35.65 26.50
CA ASN A 520 25.63 -36.33 25.59
C ASN A 520 24.60 -35.34 25.06
N LEU A 521 24.09 -35.61 23.86
CA LEU A 521 22.84 -35.00 23.44
C LEU A 521 21.72 -35.39 24.39
N VAL A 522 20.83 -34.43 24.66
CA VAL A 522 19.74 -34.69 25.59
C VAL A 522 18.69 -35.58 24.94
N VAL A 523 18.44 -35.37 23.65
CA VAL A 523 17.52 -36.25 22.94
C VAL A 523 18.17 -37.59 22.63
N GLY A 524 19.50 -37.65 22.62
CA GLY A 524 20.18 -38.92 22.45
C GLY A 524 20.09 -39.81 23.67
N THR A 525 20.07 -39.21 24.86
CA THR A 525 19.93 -39.97 26.11
C THR A 525 18.58 -40.67 26.23
N LEU A 526 17.57 -40.18 25.52
CA LEU A 526 16.23 -40.74 25.58
C LEU A 526 16.04 -41.91 24.62
N SER A 527 16.80 -41.95 23.51
CA SER A 527 16.68 -43.03 22.54
C SER A 527 17.27 -44.34 23.06
N TRP A 528 16.67 -45.46 22.64
CA TRP A 528 16.95 -46.75 23.25
C TRP A 528 18.31 -47.38 22.95
N PRO A 529 18.71 -47.67 21.69
CA PRO A 529 19.89 -48.55 21.52
C PRO A 529 21.19 -47.90 21.94
N SER A 530 21.38 -46.63 21.59
CA SER A 530 22.51 -45.83 22.03
C SER A 530 22.19 -44.37 21.76
N PRO A 531 22.82 -43.45 22.47
CA PRO A 531 22.83 -42.05 22.02
C PRO A 531 23.58 -41.84 20.72
N TRP A 532 24.45 -42.77 20.31
CA TRP A 532 25.21 -42.64 19.08
C TRP A 532 24.35 -42.82 17.83
N VAL A 533 23.16 -43.40 17.96
CA VAL A 533 22.25 -43.52 16.83
C VAL A 533 21.77 -42.14 16.37
N ILE A 534 21.41 -41.28 17.32
CA ILE A 534 20.96 -39.94 16.98
C ILE A 534 22.13 -39.03 16.61
N VAL A 535 23.30 -39.22 17.22
CA VAL A 535 24.46 -38.37 16.93
C VAL A 535 24.97 -38.60 15.52
N ILE A 536 25.03 -39.87 15.09
CA ILE A 536 25.44 -40.17 13.73
C ILE A 536 24.30 -39.91 12.75
N GLY A 537 23.07 -40.22 13.17
CA GLY A 537 21.92 -40.03 12.30
C GLY A 537 21.61 -38.57 12.00
N SER A 538 21.80 -37.69 12.98
CA SER A 538 21.56 -36.27 12.73
C SER A 538 22.76 -35.56 12.11
N PHE A 539 23.95 -36.16 12.17
CA PHE A 539 25.10 -35.60 11.48
C PHE A 539 24.97 -35.75 9.96
N PHE A 540 24.48 -36.91 9.51
CA PHE A 540 24.30 -37.11 8.07
C PHE A 540 23.00 -36.48 7.57
N SER A 541 22.00 -36.35 8.44
CA SER A 541 20.79 -35.61 8.10
C SER A 541 21.09 -34.13 7.84
N THR A 542 22.04 -33.57 8.56
CA THR A 542 22.38 -32.17 8.44
C THR A 542 23.42 -31.92 7.35
N CYS A 543 24.22 -32.94 7.02
CA CYS A 543 25.15 -32.81 5.90
C CYS A 543 24.45 -32.92 4.56
N GLY A 544 23.33 -33.65 4.50
CA GLY A 544 22.58 -33.76 3.26
C GLY A 544 21.63 -32.61 3.05
N ALA A 545 21.11 -32.03 4.12
CA ALA A 545 20.26 -30.84 4.01
C ALA A 545 21.06 -29.63 3.57
N GLY A 546 22.34 -29.56 3.95
CA GLY A 546 23.18 -28.46 3.49
C GLY A 546 23.58 -28.63 2.04
N LEU A 547 23.81 -29.86 1.61
CA LEU A 547 24.08 -30.15 0.20
C LEU A 547 22.85 -29.91 -0.67
N GLN A 548 21.66 -30.09 -0.11
CA GLN A 548 20.43 -29.85 -0.87
C GLN A 548 20.21 -28.36 -1.10
N SER A 549 20.51 -27.53 -0.10
CA SER A 549 20.36 -26.09 -0.24
C SER A 549 21.40 -25.50 -1.18
N LEU A 550 22.55 -26.14 -1.29
CA LEU A 550 23.66 -25.60 -2.05
C LEU A 550 23.65 -26.07 -3.50
N THR A 551 22.71 -26.93 -3.88
CA THR A 551 22.37 -27.15 -5.28
C THR A 551 21.08 -26.46 -5.70
N GLY A 552 20.13 -26.31 -4.77
CA GLY A 552 18.84 -25.77 -5.13
C GLY A 552 18.87 -24.27 -5.41
N ALA A 553 19.45 -23.51 -4.48
CA ALA A 553 19.52 -22.06 -4.62
C ALA A 553 20.33 -21.55 -5.82
N PRO A 554 21.45 -22.18 -6.26
CA PRO A 554 22.01 -21.78 -7.56
C PRO A 554 21.11 -22.09 -8.75
N ARG A 555 20.34 -23.19 -8.69
CA ARG A 555 19.43 -23.51 -9.78
C ARG A 555 18.23 -22.57 -9.82
N LEU A 556 17.87 -21.98 -8.69
CA LEU A 556 16.81 -20.99 -8.65
C LEU A 556 17.28 -19.65 -9.19
N LEU A 557 18.49 -19.22 -8.79
CA LEU A 557 19.01 -17.93 -9.22
C LEU A 557 19.33 -17.93 -10.71
N GLN A 558 19.65 -19.08 -11.27
CA GLN A 558 19.88 -19.18 -12.71
C GLN A 558 18.57 -19.11 -13.50
N ALA A 559 17.48 -19.59 -12.91
CA ALA A 559 16.17 -19.50 -13.57
C ALA A 559 15.56 -18.11 -13.48
N ILE A 560 16.00 -17.26 -12.55
CA ILE A 560 15.58 -15.87 -12.51
C ILE A 560 16.46 -15.00 -13.40
N ALA A 561 17.70 -15.41 -13.64
CA ALA A 561 18.54 -14.74 -14.63
C ALA A 561 17.96 -14.87 -16.03
N LYS A 562 17.31 -16.00 -16.31
CA LYS A 562 16.46 -16.12 -17.47
C LYS A 562 15.03 -15.69 -17.11
N ASP A 563 14.21 -15.52 -18.16
CA ASP A 563 12.95 -14.77 -18.28
C ASP A 563 13.19 -13.27 -18.33
N ASN A 564 14.44 -12.85 -18.08
CA ASN A 564 14.96 -11.49 -18.25
C ASN A 564 14.09 -10.45 -17.52
N ILE A 565 13.69 -10.76 -16.30
CA ILE A 565 12.84 -9.85 -15.54
C ILE A 565 13.67 -8.83 -14.75
N ILE A 566 14.90 -9.19 -14.39
CA ILE A 566 15.81 -8.29 -13.67
C ILE A 566 17.10 -8.25 -14.47
N PRO A 567 17.34 -7.18 -15.26
CA PRO A 567 18.39 -7.25 -16.29
C PRO A 567 19.81 -7.22 -15.77
N PHE A 568 20.07 -6.73 -14.55
CA PHE A 568 21.45 -6.73 -14.07
C PHE A 568 21.86 -8.08 -13.46
N LEU A 569 20.94 -9.04 -13.38
CA LEU A 569 21.27 -10.40 -12.97
C LEU A 569 21.63 -11.30 -14.15
N ARG A 570 22.00 -10.71 -15.30
CA ARG A 570 22.14 -11.44 -16.55
C ARG A 570 23.32 -12.41 -16.52
N VAL A 571 24.37 -12.09 -15.77
CA VAL A 571 25.58 -12.91 -15.81
C VAL A 571 25.43 -14.22 -15.06
N PHE A 572 24.41 -14.35 -14.20
CA PHE A 572 24.24 -15.54 -13.40
C PHE A 572 23.48 -16.65 -14.11
N GLY A 573 23.06 -16.42 -15.35
CA GLY A 573 22.71 -17.53 -16.22
C GLY A 573 23.90 -17.86 -17.09
N HIS A 574 24.72 -18.82 -16.65
CA HIS A 574 25.94 -19.21 -17.35
C HIS A 574 26.09 -20.73 -17.30
N SER A 575 25.02 -21.43 -17.71
CA SER A 575 24.94 -22.88 -17.63
C SER A 575 26.09 -23.58 -18.35
N LYS A 576 26.54 -24.68 -17.78
CA LYS A 576 27.54 -25.55 -18.39
C LYS A 576 26.90 -26.50 -19.39
N ALA A 577 27.60 -27.60 -19.71
CA ALA A 577 27.18 -28.50 -20.78
C ALA A 577 25.85 -29.20 -20.45
N ASN A 578 25.61 -29.52 -19.18
CA ASN A 578 24.33 -30.13 -18.78
C ASN A 578 23.76 -29.34 -17.62
N GLY A 579 23.12 -28.20 -17.93
CA GLY A 579 22.69 -27.30 -16.87
C GLY A 579 23.87 -26.73 -16.10
N GLU A 580 23.99 -27.06 -14.81
CA GLU A 580 25.15 -26.79 -13.96
C GLU A 580 25.56 -25.32 -13.89
N PRO A 581 24.90 -24.50 -13.06
CA PRO A 581 25.30 -23.09 -12.92
C PRO A 581 26.73 -22.92 -12.44
N THR A 582 27.40 -21.88 -12.96
CA THR A 582 28.80 -21.61 -12.61
C THR A 582 28.94 -20.34 -11.78
N TRP A 583 28.47 -19.20 -12.26
CA TRP A 583 28.57 -17.98 -11.49
C TRP A 583 27.51 -17.87 -10.42
N ALA A 584 26.39 -18.59 -10.58
CA ALA A 584 25.36 -18.58 -9.55
C ALA A 584 25.78 -19.37 -8.32
N LEU A 585 26.57 -20.43 -8.51
CA LEU A 585 27.10 -21.18 -7.37
C LEU A 585 28.16 -20.38 -6.62
N LEU A 586 28.93 -19.55 -7.33
CA LEU A 586 29.91 -18.71 -6.68
C LEU A 586 29.26 -17.62 -5.81
N LEU A 587 28.10 -17.13 -6.23
CA LEU A 587 27.41 -16.12 -5.44
C LEU A 587 26.75 -16.73 -4.20
N THR A 588 26.26 -17.97 -4.29
CA THR A 588 25.68 -18.61 -3.11
C THR A 588 26.73 -18.98 -2.07
N ALA A 589 27.98 -19.19 -2.47
CA ALA A 589 29.02 -19.48 -1.51
C ALA A 589 29.41 -18.22 -0.72
N ALA A 590 29.43 -17.07 -1.39
CA ALA A 590 29.83 -15.83 -0.73
C ALA A 590 28.76 -15.28 0.21
N ILE A 591 27.48 -15.50 -0.10
CA ILE A 591 26.42 -15.08 0.80
C ILE A 591 26.30 -16.04 1.98
N ALA A 592 26.55 -17.33 1.76
CA ALA A 592 26.52 -18.28 2.87
C ALA A 592 27.74 -18.14 3.77
N GLU A 593 28.85 -17.57 3.27
CA GLU A 593 29.99 -17.26 4.10
C GLU A 593 29.72 -16.07 5.01
N LEU A 594 28.76 -15.21 4.67
CA LEU A 594 28.30 -14.19 5.61
C LEU A 594 27.65 -14.82 6.82
N GLY A 595 26.82 -15.85 6.61
CA GLY A 595 26.21 -16.59 7.69
C GLY A 595 27.08 -17.65 8.34
N ILE A 596 28.31 -17.82 7.88
CA ILE A 596 29.29 -18.62 8.62
C ILE A 596 30.12 -17.73 9.52
N LEU A 597 30.50 -16.55 9.02
CA LEU A 597 31.19 -15.55 9.84
C LEU A 597 30.29 -15.04 10.95
N ILE A 598 29.00 -14.89 10.68
CA ILE A 598 28.02 -14.84 11.76
C ILE A 598 27.84 -16.28 12.20
N ALA A 599 28.57 -16.70 13.24
CA ALA A 599 28.40 -18.04 13.77
C ALA A 599 27.22 -18.04 14.73
N SER A 600 27.14 -19.04 15.61
CA SER A 600 26.04 -19.15 16.58
C SER A 600 24.69 -19.29 15.90
N LEU A 601 24.38 -20.51 15.46
CA LEU A 601 23.11 -20.96 14.87
C LEU A 601 21.84 -20.30 15.41
N ASP A 602 21.81 -19.98 16.70
CA ASP A 602 20.72 -19.21 17.30
C ASP A 602 20.62 -17.77 16.77
N LEU A 603 21.64 -17.26 16.07
CA LEU A 603 21.55 -15.96 15.42
C LEU A 603 21.22 -16.03 13.94
N VAL A 604 21.66 -17.10 13.26
CA VAL A 604 21.40 -17.25 11.83
C VAL A 604 19.95 -17.65 11.59
N ALA A 605 19.39 -18.47 12.48
CA ALA A 605 18.02 -18.95 12.32
C ALA A 605 16.92 -17.87 12.34
N PRO A 606 17.02 -16.75 13.08
CA PRO A 606 16.03 -15.67 12.84
C PRO A 606 16.22 -14.92 11.54
N ILE A 607 17.43 -14.92 10.96
CA ILE A 607 17.68 -14.19 9.72
C ILE A 607 16.97 -14.86 8.55
N LEU A 608 17.07 -16.18 8.45
CA LEU A 608 16.41 -16.88 7.37
C LEU A 608 14.93 -17.13 7.65
N SER A 609 14.50 -17.04 8.91
CA SER A 609 13.08 -17.06 9.21
C SER A 609 12.37 -15.84 8.65
N MET A 610 13.05 -14.70 8.59
CA MET A 610 12.48 -13.50 8.00
C MET A 610 12.29 -13.63 6.49
N PHE A 611 13.24 -14.28 5.81
CA PHE A 611 13.15 -14.41 4.36
C PHE A 611 12.07 -15.40 3.95
N PHE A 612 11.89 -16.48 4.72
CA PHE A 612 10.87 -17.47 4.40
C PHE A 612 9.48 -16.96 4.73
N LEU A 613 9.35 -16.20 5.81
CA LEU A 613 8.07 -15.59 6.17
C LEU A 613 7.68 -14.51 5.16
N MET A 614 8.66 -13.80 4.62
CA MET A 614 8.38 -12.80 3.59
C MET A 614 8.05 -13.48 2.26
N CYS A 615 8.57 -14.69 2.03
CA CYS A 615 8.19 -15.49 0.88
C CYS A 615 6.76 -16.00 1.00
N TYR A 616 6.39 -16.50 2.18
CA TYR A 616 5.03 -17.00 2.39
C TYR A 616 4.01 -15.87 2.49
N LEU A 617 4.46 -14.66 2.79
CA LEU A 617 3.59 -13.49 2.81
C LEU A 617 3.07 -13.16 1.43
N PHE A 618 3.97 -13.03 0.45
CA PHE A 618 3.60 -12.59 -0.88
C PHE A 618 2.83 -13.65 -1.66
N VAL A 619 2.99 -14.93 -1.30
CA VAL A 619 2.20 -15.97 -1.95
C VAL A 619 0.76 -15.92 -1.44
N ASN A 620 0.59 -15.79 -0.12
CA ASN A 620 -0.75 -15.66 0.46
C ASN A 620 -1.43 -14.36 0.05
N LEU A 621 -0.66 -13.28 -0.11
CA LEU A 621 -1.22 -12.00 -0.53
C LEU A 621 -1.66 -12.04 -1.98
N ALA A 622 -0.82 -12.56 -2.87
CA ALA A 622 -1.14 -12.58 -4.29
C ALA A 622 -2.25 -13.57 -4.62
N CYS A 623 -2.45 -14.59 -3.80
CA CYS A 623 -3.53 -15.54 -4.06
C CYS A 623 -4.88 -14.92 -3.77
N ALA A 624 -4.99 -14.19 -2.66
CA ALA A 624 -6.26 -13.56 -2.29
C ALA A 624 -6.55 -12.33 -3.12
N LEU A 625 -5.52 -11.67 -3.65
CA LEU A 625 -5.71 -10.42 -4.38
C LEU A 625 -6.19 -10.66 -5.81
N GLN A 626 -5.77 -11.77 -6.42
CA GLN A 626 -6.16 -12.04 -7.79
C GLN A 626 -7.58 -12.60 -7.89
N THR A 627 -8.09 -13.21 -6.83
CA THR A 627 -9.46 -13.70 -6.82
C THR A 627 -10.46 -12.66 -6.35
N LEU A 628 -10.01 -11.62 -5.65
CA LEU A 628 -10.86 -10.51 -5.30
C LEU A 628 -10.97 -9.49 -6.43
N LEU A 629 -9.93 -9.37 -7.26
CA LEU A 629 -9.89 -8.41 -8.35
C LEU A 629 -10.15 -9.04 -9.71
N ARG A 630 -10.35 -10.36 -9.76
CA ARG A 630 -10.64 -11.13 -10.98
C ARG A 630 -9.58 -10.92 -12.05
N THR A 631 -8.35 -11.32 -11.71
CA THR A 631 -7.24 -11.32 -12.67
C THR A 631 -7.56 -12.29 -13.80
N PRO A 632 -7.29 -11.91 -15.07
CA PRO A 632 -7.88 -12.61 -16.23
C PRO A 632 -7.65 -14.11 -16.36
N ASN A 633 -6.49 -14.62 -15.94
CA ASN A 633 -6.21 -16.04 -16.09
C ASN A 633 -6.05 -16.75 -14.73
N TRP A 634 -6.82 -16.31 -13.74
CA TRP A 634 -6.73 -16.84 -12.38
C TRP A 634 -8.05 -17.51 -12.03
N ARG A 635 -8.07 -18.84 -12.00
CA ARG A 635 -9.27 -19.59 -11.66
C ARG A 635 -8.84 -20.90 -10.98
N PRO A 636 -8.66 -20.85 -9.64
CA PRO A 636 -8.22 -22.05 -8.93
C PRO A 636 -9.28 -23.15 -8.87
N ARG A 637 -8.94 -24.29 -9.44
CA ARG A 637 -9.83 -25.44 -9.61
C ARG A 637 -9.66 -26.43 -8.46
N PHE A 638 -9.74 -25.93 -7.23
CA PHE A 638 -9.39 -26.71 -6.04
C PHE A 638 -10.39 -26.36 -4.95
N ARG A 639 -11.24 -27.31 -4.59
CA ARG A 639 -12.14 -27.11 -3.47
C ARG A 639 -11.35 -27.06 -2.17
N TYR A 640 -12.02 -26.57 -1.11
CA TYR A 640 -11.41 -26.18 0.17
C TYR A 640 -10.38 -25.06 -0.01
N TYR A 641 -10.53 -24.24 -1.04
CA TYR A 641 -9.79 -22.99 -1.17
C TYR A 641 -10.76 -21.83 -1.06
N HIS A 642 -10.39 -20.83 -0.26
CA HIS A 642 -11.13 -19.58 -0.16
C HIS A 642 -10.12 -18.46 -0.06
N TRP A 643 -10.55 -17.26 -0.47
CA TRP A 643 -9.68 -16.09 -0.37
C TRP A 643 -9.43 -15.69 1.08
N ALA A 644 -10.37 -16.01 1.97
CA ALA A 644 -10.23 -15.67 3.38
C ALA A 644 -9.29 -16.62 4.11
N LEU A 645 -8.93 -17.75 3.50
CA LEU A 645 -7.86 -18.58 4.05
C LEU A 645 -6.49 -18.02 3.68
N SER A 646 -6.37 -17.43 2.49
CA SER A 646 -5.11 -16.81 2.09
C SER A 646 -4.88 -15.50 2.80
N PHE A 647 -5.96 -14.76 3.09
CA PHE A 647 -5.83 -13.54 3.88
C PHE A 647 -5.47 -13.86 5.33
N MET A 648 -5.99 -14.98 5.85
CA MET A 648 -5.66 -15.40 7.21
C MET A 648 -4.22 -15.87 7.31
N GLY A 649 -3.72 -16.55 6.27
CA GLY A 649 -2.31 -16.91 6.25
C GLY A 649 -1.41 -15.71 6.04
N MET A 650 -1.91 -14.67 5.39
CA MET A 650 -1.16 -13.44 5.23
C MET A 650 -1.02 -12.68 6.54
N SER A 651 -2.01 -12.80 7.43
CA SER A 651 -1.99 -12.09 8.70
C SER A 651 -1.06 -12.74 9.70
N ILE A 652 -0.93 -14.08 9.66
CA ILE A 652 -0.05 -14.79 10.58
C ILE A 652 1.40 -14.61 10.18
N CYS A 653 1.69 -14.48 8.88
CA CYS A 653 3.06 -14.22 8.43
C CYS A 653 3.52 -12.83 8.84
N LEU A 654 2.60 -11.86 8.85
CA LEU A 654 2.93 -10.50 9.26
C LEU A 654 3.18 -10.42 10.75
N ALA A 655 2.37 -11.13 11.54
CA ALA A 655 2.52 -11.11 13.00
C ALA A 655 3.82 -11.79 13.43
N LEU A 656 4.23 -12.84 12.72
CA LEU A 656 5.48 -13.52 13.07
C LEU A 656 6.70 -12.74 12.61
N MET A 657 6.55 -11.85 11.63
CA MET A 657 7.64 -10.98 11.21
C MET A 657 7.85 -9.80 12.16
N PHE A 658 6.77 -9.23 12.69
CA PHE A 658 6.88 -8.01 13.48
C PHE A 658 7.23 -8.27 14.94
N ILE A 659 6.87 -9.43 15.48
CA ILE A 659 7.32 -9.77 16.83
C ILE A 659 8.79 -10.15 16.88
N SER A 660 9.42 -10.39 15.72
CA SER A 660 10.84 -10.69 15.70
C SER A 660 11.67 -9.42 15.88
N SER A 661 11.64 -8.52 14.90
CA SER A 661 12.41 -7.28 15.05
C SER A 661 11.62 -6.01 14.79
N TRP A 662 10.74 -6.01 13.79
CA TRP A 662 9.89 -4.94 13.27
C TRP A 662 10.65 -3.84 12.51
N TYR A 663 11.94 -3.65 12.75
CA TYR A 663 12.64 -2.64 11.97
C TYR A 663 13.49 -3.25 10.87
N TYR A 664 13.77 -4.54 10.95
CA TYR A 664 14.18 -5.31 9.79
C TYR A 664 12.97 -5.82 9.00
N ALA A 665 11.78 -5.78 9.58
CA ALA A 665 10.57 -6.14 8.86
C ALA A 665 10.04 -4.98 8.02
N ILE A 666 10.21 -3.74 8.50
CA ILE A 666 9.84 -2.58 7.72
C ILE A 666 10.78 -2.40 6.53
N VAL A 667 12.07 -2.66 6.73
CA VAL A 667 13.08 -2.44 5.69
C VAL A 667 12.96 -3.50 4.59
N ALA A 668 12.77 -4.77 4.98
CA ALA A 668 12.72 -5.86 4.01
C ALA A 668 11.47 -5.77 3.12
N MET A 669 10.35 -5.32 3.68
CA MET A 669 9.14 -5.17 2.87
C MET A 669 9.16 -3.90 2.03
N VAL A 670 9.99 -2.93 2.38
CA VAL A 670 10.21 -1.78 1.50
C VAL A 670 11.10 -2.17 0.33
N ILE A 671 12.14 -2.98 0.60
CA ILE A 671 13.04 -3.42 -0.46
C ILE A 671 12.33 -4.36 -1.43
N ALA A 672 11.51 -5.27 -0.90
CA ALA A 672 10.71 -6.16 -1.74
C ALA A 672 9.65 -5.42 -2.54
N GLY A 673 9.18 -4.28 -2.04
CA GLY A 673 8.25 -3.47 -2.79
C GLY A 673 8.89 -2.71 -3.94
N MET A 674 10.15 -2.29 -3.77
CA MET A 674 10.85 -1.62 -4.87
C MET A 674 11.27 -2.62 -5.93
N ILE A 675 11.45 -3.89 -5.56
CA ILE A 675 11.72 -4.94 -6.53
C ILE A 675 10.46 -5.24 -7.34
N TYR A 676 9.29 -5.16 -6.69
CA TYR A 676 8.01 -5.29 -7.37
C TYR A 676 7.83 -4.18 -8.41
N LYS A 677 8.23 -2.96 -8.06
CA LYS A 677 8.06 -1.84 -8.98
C LYS A 677 9.11 -1.84 -10.08
N TYR A 678 10.29 -2.39 -9.82
CA TYR A 678 11.33 -2.42 -10.84
C TYR A 678 11.00 -3.43 -11.93
N ILE A 679 10.43 -4.58 -11.56
CA ILE A 679 10.03 -5.57 -12.55
C ILE A 679 8.80 -5.09 -13.31
N GLU A 680 7.89 -4.40 -12.64
CA GLU A 680 6.70 -3.85 -13.29
C GLU A 680 7.05 -2.74 -14.26
N TYR A 681 8.08 -1.96 -13.97
CA TYR A 681 8.54 -0.93 -14.88
C TYR A 681 9.21 -1.52 -16.11
N GLN A 682 9.97 -2.61 -15.92
CA GLN A 682 10.63 -3.25 -17.04
C GLN A 682 9.65 -4.04 -17.90
N GLY A 683 8.61 -4.60 -17.29
CA GLY A 683 7.60 -5.29 -18.06
C GLY A 683 6.73 -4.37 -18.88
N ALA A 684 6.47 -3.17 -18.37
CA ALA A 684 5.71 -2.18 -19.11
C ALA A 684 6.55 -1.52 -20.20
N GLU A 685 7.86 -1.53 -20.04
CA GLU A 685 8.75 -0.92 -21.03
C GLU A 685 8.84 -1.77 -22.29
N LYS A 686 8.64 -3.08 -22.17
CA LYS A 686 8.71 -3.97 -23.32
C LYS A 686 7.35 -4.50 -23.75
N GLU A 687 6.27 -4.10 -23.09
CA GLU A 687 4.93 -4.41 -23.55
C GLU A 687 4.29 -3.26 -24.31
N TRP A 688 4.59 -2.02 -23.92
CA TRP A 688 4.04 -0.85 -24.57
C TRP A 688 5.08 0.04 -25.23
N GLY A 689 6.37 -0.19 -24.98
CA GLY A 689 7.43 0.59 -25.56
C GLY A 689 8.06 1.59 -24.63
N ASP A 690 7.29 2.17 -23.72
CA ASP A 690 7.78 3.15 -22.76
C ASP A 690 7.43 2.70 -21.36
N GLY A 691 8.35 2.96 -20.43
CA GLY A 691 8.16 2.54 -19.05
C GLY A 691 7.10 3.30 -18.30
N ILE A 692 7.17 4.63 -18.31
CA ILE A 692 6.24 5.44 -17.52
C ILE A 692 4.87 5.47 -18.19
N ARG A 693 4.83 5.66 -19.50
CA ARG A 693 3.56 5.64 -20.23
C ARG A 693 2.94 4.25 -20.23
N GLY A 694 3.75 3.20 -20.20
CA GLY A 694 3.23 1.84 -20.20
C GLY A 694 2.61 1.42 -18.88
N LEU A 695 2.91 2.12 -17.79
CA LEU A 695 2.26 1.81 -16.52
C LEU A 695 0.82 2.28 -16.50
N SER A 696 0.51 3.37 -17.20
CA SER A 696 -0.87 3.82 -17.33
C SER A 696 -1.65 2.98 -18.34
N LEU A 697 -0.98 2.50 -19.39
CA LEU A 697 -1.64 1.64 -20.36
C LEU A 697 -1.97 0.28 -19.79
N SER A 698 -1.15 -0.22 -18.86
CA SER A 698 -1.46 -1.47 -18.19
C SER A 698 -2.55 -1.32 -17.13
N ALA A 699 -2.59 -0.18 -16.44
CA ALA A 699 -3.63 0.04 -15.45
C ALA A 699 -4.98 0.26 -16.11
N ALA A 700 -5.00 0.90 -17.28
CA ALA A 700 -6.25 1.08 -18.02
C ALA A 700 -6.73 -0.23 -18.60
N ARG A 701 -5.83 -1.09 -19.05
CA ARG A 701 -6.20 -2.36 -19.65
C ARG A 701 -6.81 -3.31 -18.63
N PHE A 702 -6.25 -3.38 -17.43
CA PHE A 702 -6.75 -4.30 -16.41
C PHE A 702 -8.11 -3.85 -15.90
N ALA A 703 -8.32 -2.55 -15.77
CA ALA A 703 -9.62 -2.05 -15.32
C ALA A 703 -10.69 -2.21 -16.40
N LEU A 704 -10.32 -2.07 -17.66
CA LEU A 704 -11.29 -2.23 -18.74
C LEU A 704 -11.66 -3.69 -18.96
N LEU A 705 -10.71 -4.61 -18.75
CA LEU A 705 -11.02 -6.03 -18.88
C LEU A 705 -11.87 -6.53 -17.73
N ARG A 706 -11.78 -5.87 -16.58
CA ARG A 706 -12.60 -6.23 -15.42
C ARG A 706 -14.07 -5.92 -15.64
N LEU A 707 -14.36 -4.92 -16.49
CA LEU A 707 -15.74 -4.55 -16.78
C LEU A 707 -16.40 -5.46 -17.81
N GLU A 708 -15.60 -6.23 -18.56
CA GLU A 708 -16.12 -7.06 -19.64
C GLU A 708 -16.74 -8.36 -19.14
N GLU A 709 -17.81 -8.28 -18.35
CA GLU A 709 -18.40 -9.50 -17.81
C GLU A 709 -19.81 -9.77 -18.30
N GLY A 710 -20.74 -8.83 -18.12
CA GLY A 710 -22.10 -9.09 -18.55
C GLY A 710 -23.31 -8.57 -17.78
N PRO A 711 -23.18 -8.12 -16.53
CA PRO A 711 -24.20 -7.20 -15.96
C PRO A 711 -23.81 -5.73 -16.06
N PRO A 712 -23.93 -5.08 -17.22
CA PRO A 712 -23.50 -3.68 -17.30
C PRO A 712 -24.56 -2.66 -16.89
N HIS A 713 -25.84 -3.03 -16.80
CA HIS A 713 -26.89 -2.04 -16.57
C HIS A 713 -27.14 -1.88 -15.08
N THR A 714 -26.52 -0.85 -14.51
CA THR A 714 -26.66 -0.54 -13.09
C THR A 714 -28.09 -0.13 -12.77
N LYS A 715 -28.60 -0.57 -11.62
CA LYS A 715 -29.88 -0.07 -11.13
C LYS A 715 -29.70 1.23 -10.34
N ASN A 716 -28.93 2.16 -10.92
CA ASN A 716 -28.83 3.54 -10.53
C ASN A 716 -28.27 4.28 -11.74
N TRP A 717 -29.17 4.83 -12.54
CA TRP A 717 -28.78 5.49 -13.78
C TRP A 717 -28.05 6.80 -13.56
N ARG A 718 -26.92 6.92 -14.25
CA ARG A 718 -26.10 8.11 -14.20
C ARG A 718 -25.83 8.46 -15.65
N PRO A 719 -26.05 9.78 -16.01
CA PRO A 719 -25.80 10.06 -17.45
C PRO A 719 -24.34 10.17 -17.88
N GLN A 720 -23.91 9.29 -18.77
CA GLN A 720 -22.56 9.31 -19.32
C GLN A 720 -22.76 9.86 -20.71
N LEU A 721 -22.24 11.05 -20.96
CA LEU A 721 -22.44 11.78 -22.20
C LEU A 721 -21.59 11.55 -23.45
N LEU A 722 -22.27 11.71 -24.58
CA LEU A 722 -21.70 11.66 -25.91
C LEU A 722 -22.25 12.96 -26.46
N VAL A 723 -21.39 13.95 -26.60
CA VAL A 723 -21.81 15.27 -27.04
C VAL A 723 -21.53 15.43 -28.53
N LEU A 724 -22.57 15.74 -29.31
CA LEU A 724 -22.45 15.89 -30.76
C LEU A 724 -22.29 17.37 -31.09
N LEU A 725 -21.13 17.74 -31.64
CA LEU A 725 -20.84 19.11 -32.03
C LEU A 725 -20.82 19.22 -33.54
N LYS A 726 -21.63 20.13 -34.08
CA LYS A 726 -21.61 20.41 -35.51
C LYS A 726 -20.48 21.39 -35.84
N LEU A 727 -19.84 21.17 -36.97
CA LEU A 727 -18.81 22.07 -37.48
C LEU A 727 -19.32 22.75 -38.73
N ASP A 728 -19.01 24.03 -38.87
CA ASP A 728 -19.32 24.74 -40.10
C ASP A 728 -18.11 24.67 -41.04
N GLU A 729 -18.19 25.33 -42.18
CA GLU A 729 -17.03 25.47 -43.04
C GLU A 729 -16.09 26.51 -42.45
N ASP A 730 -14.79 26.32 -42.72
CA ASP A 730 -13.59 26.76 -42.01
C ASP A 730 -13.37 25.95 -40.72
N LEU A 731 -14.24 24.97 -40.45
CA LEU A 731 -14.05 23.94 -39.41
C LEU A 731 -14.02 24.53 -38.00
N HIS A 732 -14.99 25.39 -37.71
CA HIS A 732 -15.18 25.95 -36.39
C HIS A 732 -16.42 25.34 -35.75
N VAL A 733 -16.43 25.32 -34.42
CA VAL A 733 -17.58 24.83 -33.69
C VAL A 733 -18.71 25.85 -33.78
N LYS A 734 -19.89 25.40 -34.20
CA LYS A 734 -21.02 26.29 -34.36
C LYS A 734 -21.63 26.70 -33.03
N HIS A 735 -21.79 25.75 -32.12
CA HIS A 735 -22.51 25.95 -30.86
C HIS A 735 -21.64 25.57 -29.68
N PRO A 736 -20.69 26.44 -29.28
CA PRO A 736 -19.78 26.07 -28.19
C PRO A 736 -20.43 26.04 -26.81
N ARG A 737 -21.66 26.53 -26.66
CA ARG A 737 -22.34 26.47 -25.38
C ARG A 737 -22.85 25.08 -25.02
N LEU A 738 -22.86 24.13 -25.97
CA LEU A 738 -23.13 22.75 -25.61
C LEU A 738 -22.06 22.17 -24.71
N LEU A 739 -20.80 22.59 -24.90
CA LEU A 739 -19.73 22.13 -24.04
C LEU A 739 -19.82 22.76 -22.66
N THR A 740 -20.27 24.01 -22.59
CA THR A 740 -20.46 24.68 -21.32
C THR A 740 -21.56 24.03 -20.51
N PHE A 741 -22.68 23.70 -21.16
CA PHE A 741 -23.79 23.08 -20.45
C PHE A 741 -23.48 21.64 -20.05
N ALA A 742 -22.70 20.93 -20.87
CA ALA A 742 -22.30 19.57 -20.50
C ALA A 742 -21.33 19.57 -19.33
N SER A 743 -20.53 20.62 -19.18
CA SER A 743 -19.64 20.72 -18.04
C SER A 743 -20.40 21.06 -16.76
N GLN A 744 -21.52 21.75 -16.88
CA GLN A 744 -22.37 22.04 -15.73
C GLN A 744 -23.22 20.85 -15.33
N LEU A 745 -23.42 19.90 -16.23
CA LEU A 745 -24.22 18.73 -15.92
C LEU A 745 -23.39 17.65 -15.23
N LYS A 746 -22.13 17.50 -15.62
CA LYS A 746 -21.27 16.46 -15.09
C LYS A 746 -20.40 16.92 -13.93
N ALA A 747 -20.06 18.22 -13.90
CA ALA A 747 -19.31 18.87 -12.82
C ALA A 747 -17.93 18.26 -12.63
N GLY A 748 -17.30 17.84 -13.73
CA GLY A 748 -15.94 17.35 -13.70
C GLY A 748 -15.78 15.88 -13.38
N LYS A 749 -16.87 15.12 -13.38
CA LYS A 749 -16.82 13.70 -13.04
C LYS A 749 -17.46 12.88 -14.15
N GLY A 750 -17.29 11.57 -14.06
CA GLY A 750 -17.88 10.67 -15.03
C GLY A 750 -17.15 10.71 -16.37
N LEU A 751 -17.85 10.21 -17.39
CA LEU A 751 -17.32 10.13 -18.74
C LEU A 751 -18.01 11.16 -19.62
N THR A 752 -17.22 11.82 -20.46
CA THR A 752 -17.74 12.75 -21.45
C THR A 752 -16.94 12.58 -22.72
N ILE A 753 -17.62 12.31 -23.83
CA ILE A 753 -16.98 12.15 -25.13
C ILE A 753 -17.57 13.18 -26.07
N VAL A 754 -16.72 13.93 -26.74
CA VAL A 754 -17.13 14.93 -27.72
C VAL A 754 -16.93 14.35 -29.10
N GLY A 755 -18.02 14.22 -29.85
CA GLY A 755 -18.00 13.61 -31.18
C GLY A 755 -18.29 14.64 -32.25
N SER A 756 -17.64 14.49 -33.39
CA SER A 756 -17.79 15.46 -34.47
C SER A 756 -17.50 14.79 -35.81
N VAL A 757 -18.09 15.33 -36.86
CA VAL A 757 -17.98 14.78 -38.21
C VAL A 757 -17.50 15.87 -39.15
N ILE A 758 -16.43 15.59 -39.89
CA ILE A 758 -16.03 16.38 -41.04
C ILE A 758 -16.56 15.69 -42.28
N VAL A 759 -17.35 16.39 -43.08
CA VAL A 759 -17.88 15.83 -44.32
C VAL A 759 -16.83 15.98 -45.41
N GLY A 760 -16.46 14.88 -46.03
CA GLY A 760 -15.47 14.91 -47.09
C GLY A 760 -14.85 13.54 -47.29
N ASN A 761 -13.75 13.55 -48.05
CA ASN A 761 -12.99 12.34 -48.35
C ASN A 761 -11.76 12.29 -47.44
N PHE A 762 -11.59 11.16 -46.75
CA PHE A 762 -10.55 11.06 -45.72
C PHE A 762 -9.14 11.03 -46.32
N LEU A 763 -8.99 10.54 -47.56
CA LEU A 763 -7.68 10.48 -48.20
C LEU A 763 -7.12 11.85 -48.51
N GLU A 764 -7.95 12.89 -48.56
CA GLU A 764 -7.49 14.25 -48.76
C GLU A 764 -7.65 15.15 -47.55
N ASN A 765 -8.30 14.67 -46.49
CA ASN A 765 -8.70 15.52 -45.37
C ASN A 765 -8.14 15.02 -44.04
N TYR A 766 -7.00 14.35 -44.05
CA TYR A 766 -6.45 13.86 -42.78
C TYR A 766 -5.69 14.96 -42.05
N GLY A 767 -5.14 15.93 -42.78
CA GLY A 767 -4.50 17.06 -42.13
C GLY A 767 -5.48 18.08 -41.61
N GLU A 768 -6.64 18.18 -42.24
CA GLU A 768 -7.70 19.06 -41.75
C GLU A 768 -8.44 18.46 -40.58
N ALA A 769 -8.37 17.14 -40.41
CA ALA A 769 -8.95 16.47 -39.25
C ALA A 769 -8.02 16.49 -38.05
N LEU A 770 -6.72 16.64 -38.26
CA LEU A 770 -5.78 16.72 -37.15
C LEU A 770 -5.76 18.11 -36.53
N ALA A 771 -5.96 19.14 -37.33
CA ALA A 771 -6.03 20.49 -36.80
C ALA A 771 -7.39 20.81 -36.20
N ALA A 772 -8.45 20.18 -36.70
CA ALA A 772 -9.77 20.35 -36.12
C ALA A 772 -9.88 19.65 -34.77
N GLU A 773 -9.04 18.67 -34.50
CA GLU A 773 -9.05 18.02 -33.19
C GLU A 773 -8.32 18.86 -32.15
N GLN A 774 -7.36 19.68 -32.56
CA GLN A 774 -6.68 20.57 -31.63
C GLN A 774 -7.53 21.78 -31.28
N THR A 775 -8.46 22.15 -32.16
CA THR A 775 -9.40 23.23 -31.86
C THR A 775 -10.40 22.81 -30.80
N ILE A 776 -10.94 21.59 -30.92
CA ILE A 776 -11.93 21.11 -29.96
C ILE A 776 -11.29 20.83 -28.61
N LYS A 777 -10.05 20.32 -28.61
CA LYS A 777 -9.36 20.06 -27.34
C LYS A 777 -8.96 21.36 -26.65
N HIS A 778 -8.65 22.41 -27.41
CA HIS A 778 -8.42 23.72 -26.81
C HIS A 778 -9.71 24.29 -26.24
N LEU A 779 -10.84 23.97 -26.86
CA LEU A 779 -12.12 24.48 -26.40
C LEU A 779 -12.65 23.70 -25.20
N MET A 780 -12.31 22.42 -25.10
CA MET A 780 -12.71 21.63 -23.93
C MET A 780 -12.03 22.11 -22.67
N GLU A 781 -10.77 22.53 -22.77
CA GLU A 781 -10.07 23.08 -21.61
C GLU A 781 -10.61 24.44 -21.22
N ALA A 782 -11.11 25.21 -22.19
CA ALA A 782 -11.66 26.53 -21.87
C ALA A 782 -13.03 26.42 -21.20
N GLU A 783 -13.80 25.39 -21.53
CA GLU A 783 -15.13 25.20 -20.96
C GLU A 783 -15.13 24.20 -19.82
N LYS A 784 -13.95 23.84 -19.30
CA LYS A 784 -13.76 22.98 -18.12
C LYS A 784 -14.38 21.60 -18.29
N VAL A 785 -14.26 21.05 -19.50
CA VAL A 785 -14.72 19.70 -19.80
C VAL A 785 -13.51 18.78 -19.74
N LYS A 786 -13.58 17.76 -18.90
CA LYS A 786 -12.53 16.78 -18.75
C LYS A 786 -13.01 15.48 -19.41
N GLY A 787 -12.60 15.27 -20.66
CA GLY A 787 -13.05 14.10 -21.39
C GLY A 787 -12.25 13.82 -22.63
N PHE A 788 -12.89 13.17 -23.61
CA PHE A 788 -12.20 12.67 -24.78
C PHE A 788 -12.84 13.21 -26.04
N CYS A 789 -12.02 13.40 -27.06
CA CYS A 789 -12.47 13.88 -28.37
C CYS A 789 -12.38 12.75 -29.39
N GLN A 790 -13.44 12.59 -30.17
CA GLN A 790 -13.48 11.59 -31.22
C GLN A 790 -14.01 12.24 -32.49
N LEU A 791 -13.17 12.36 -33.50
CA LEU A 791 -13.54 13.05 -34.73
C LEU A 791 -13.37 12.09 -35.90
N VAL A 792 -14.29 12.14 -36.85
CA VAL A 792 -14.32 11.21 -37.98
C VAL A 792 -14.60 11.98 -39.26
N VAL A 793 -13.91 11.61 -40.33
CA VAL A 793 -14.17 12.12 -41.67
C VAL A 793 -15.04 11.11 -42.39
N ALA A 794 -16.21 11.55 -42.84
CA ALA A 794 -17.17 10.68 -43.51
C ALA A 794 -17.66 11.35 -44.78
N ALA A 795 -18.09 10.52 -45.74
CA ALA A 795 -18.58 11.05 -47.01
C ALA A 795 -19.95 11.68 -46.87
N LYS A 796 -20.77 11.19 -45.94
CA LYS A 796 -22.06 11.78 -45.62
C LYS A 796 -22.10 12.16 -44.15
N LEU A 797 -22.86 13.21 -43.85
CA LEU A 797 -22.98 13.65 -42.46
C LEU A 797 -23.86 12.68 -41.67
N ARG A 798 -24.90 12.13 -42.29
CA ARG A 798 -25.79 11.20 -41.59
C ARG A 798 -25.13 9.87 -41.31
N GLU A 799 -24.14 9.47 -42.12
CA GLU A 799 -23.48 8.20 -41.92
C GLU A 799 -22.45 8.27 -40.81
N GLY A 800 -21.70 9.37 -40.74
CA GLY A 800 -20.72 9.53 -39.68
C GLY A 800 -21.32 9.80 -38.32
N ILE A 801 -22.53 10.33 -38.27
CA ILE A 801 -23.21 10.54 -36.99
C ILE A 801 -23.67 9.20 -36.43
N SER A 802 -24.27 8.36 -37.28
CA SER A 802 -24.79 7.07 -36.85
C SER A 802 -23.68 6.13 -36.38
N HIS A 803 -22.50 6.25 -36.95
CA HIS A 803 -21.38 5.42 -36.54
C HIS A 803 -20.72 5.93 -35.25
N LEU A 804 -20.82 7.23 -34.97
CA LEU A 804 -20.36 7.75 -33.69
C LEU A 804 -21.28 7.33 -32.56
N ILE A 805 -22.57 7.16 -32.84
CA ILE A 805 -23.53 6.83 -31.80
C ILE A 805 -23.38 5.39 -31.36
N GLN A 806 -23.05 4.49 -32.28
CA GLN A 806 -22.93 3.08 -31.93
C GLN A 806 -21.51 2.63 -31.67
N SER A 807 -20.49 3.47 -31.85
CA SER A 807 -19.11 3.00 -31.70
C SER A 807 -18.22 4.01 -31.01
N CYS A 808 -18.65 4.63 -29.92
CA CYS A 808 -17.79 5.49 -29.12
C CYS A 808 -17.53 4.86 -27.77
N GLY A 809 -16.26 4.77 -27.39
CA GLY A 809 -15.84 4.11 -26.17
C GLY A 809 -15.10 2.81 -26.47
N LEU A 810 -14.78 2.09 -25.39
CA LEU A 810 -13.98 0.87 -25.50
C LEU A 810 -14.50 -0.22 -24.56
N GLY A 811 -15.81 -0.35 -24.44
CA GLY A 811 -16.36 -1.54 -23.84
C GLY A 811 -16.54 -1.37 -22.35
N GLY A 812 -17.78 -1.14 -21.91
CA GLY A 812 -18.01 -0.76 -20.53
C GLY A 812 -17.88 0.73 -20.35
N MET A 813 -16.73 1.29 -20.73
CA MET A 813 -16.49 2.72 -20.73
C MET A 813 -17.10 3.32 -22.00
N LYS A 814 -18.41 3.48 -21.99
CA LYS A 814 -19.13 4.02 -23.13
C LYS A 814 -20.26 4.92 -22.64
N HIS A 815 -20.88 5.59 -23.59
CA HIS A 815 -21.86 6.62 -23.28
C HIS A 815 -23.24 6.02 -23.02
N ASN A 816 -23.99 6.72 -22.18
CA ASN A 816 -25.40 6.46 -21.94
C ASN A 816 -26.33 7.36 -22.71
N THR A 817 -25.91 8.57 -23.05
CA THR A 817 -26.79 9.66 -23.43
C THR A 817 -26.16 10.41 -24.59
N VAL A 818 -27.00 10.84 -25.52
CA VAL A 818 -26.59 11.70 -26.64
C VAL A 818 -27.10 13.09 -26.35
N VAL A 819 -26.23 14.09 -26.47
CA VAL A 819 -26.59 15.49 -26.30
C VAL A 819 -26.35 16.20 -27.62
N MET A 820 -27.36 16.90 -28.11
CA MET A 820 -27.21 17.70 -29.31
C MET A 820 -28.05 18.96 -29.20
N GLY A 821 -27.81 19.88 -30.11
CA GLY A 821 -28.56 21.11 -30.18
C GLY A 821 -29.71 21.03 -31.16
N TRP A 822 -30.67 21.89 -30.97
CA TRP A 822 -31.83 22.01 -31.84
C TRP A 822 -31.42 22.66 -33.16
N PRO A 823 -31.93 22.19 -34.30
CA PRO A 823 -31.56 22.78 -35.59
C PRO A 823 -32.23 24.13 -35.85
N ASN A 824 -31.61 25.20 -35.36
CA ASN A 824 -32.19 26.54 -35.45
C ASN A 824 -32.18 27.03 -36.89
N GLY A 825 -33.33 27.54 -37.35
CA GLY A 825 -33.47 27.95 -38.72
C GLY A 825 -33.79 26.84 -39.69
N TRP A 826 -34.50 25.80 -39.24
CA TRP A 826 -34.74 24.63 -40.08
C TRP A 826 -35.79 24.93 -41.14
N ARG A 827 -36.71 25.85 -40.84
CA ARG A 827 -37.88 26.03 -41.69
C ARG A 827 -37.58 26.93 -42.87
N GLN A 828 -36.94 28.06 -42.60
CA GLN A 828 -36.95 29.16 -43.54
C GLN A 828 -35.73 29.20 -44.45
N SER A 829 -34.76 28.31 -44.26
CA SER A 829 -33.54 28.48 -45.03
C SER A 829 -33.67 27.94 -46.45
N GLU A 830 -33.63 26.61 -46.59
CA GLU A 830 -33.50 25.92 -47.87
C GLU A 830 -33.93 24.46 -47.77
N ASP A 831 -33.40 23.65 -48.70
CA ASP A 831 -33.61 22.20 -48.86
C ASP A 831 -33.67 21.40 -47.55
N ALA A 832 -34.58 20.44 -47.51
CA ALA A 832 -34.85 19.65 -46.32
C ALA A 832 -33.75 18.64 -46.02
N ARG A 833 -32.60 19.11 -45.56
CA ARG A 833 -31.55 18.17 -45.15
C ARG A 833 -31.07 18.50 -43.74
N ALA A 834 -31.18 19.77 -43.35
CA ALA A 834 -30.74 20.18 -42.03
C ALA A 834 -31.67 19.67 -40.94
N TRP A 835 -32.98 19.64 -41.20
CA TRP A 835 -33.91 19.12 -40.23
C TRP A 835 -34.24 17.65 -40.43
N LYS A 836 -33.85 17.05 -41.55
CA LYS A 836 -34.02 15.61 -41.72
C LYS A 836 -32.85 14.81 -41.18
N THR A 837 -31.67 15.43 -41.08
CA THR A 837 -30.58 14.83 -40.33
C THR A 837 -30.90 14.79 -38.84
N PHE A 838 -31.67 15.77 -38.36
CA PHE A 838 -32.06 15.82 -36.95
C PHE A 838 -33.00 14.68 -36.59
N ILE A 839 -33.99 14.39 -37.44
CA ILE A 839 -34.91 13.30 -37.15
C ILE A 839 -34.22 11.95 -37.27
N GLY A 840 -33.26 11.83 -38.19
CA GLY A 840 -32.50 10.60 -38.31
C GLY A 840 -31.61 10.31 -37.11
N THR A 841 -31.18 11.35 -36.40
CA THR A 841 -30.39 11.14 -35.20
C THR A 841 -31.26 10.71 -34.02
N VAL A 842 -32.49 11.24 -33.93
CA VAL A 842 -33.43 10.80 -32.91
C VAL A 842 -33.83 9.34 -33.12
N ARG A 843 -33.91 8.89 -34.36
CA ARG A 843 -34.26 7.49 -34.63
C ARG A 843 -33.11 6.55 -34.31
N VAL A 844 -31.88 6.94 -34.66
CA VAL A 844 -30.70 6.11 -34.40
C VAL A 844 -30.45 5.99 -32.90
N THR A 845 -30.73 7.06 -32.15
CA THR A 845 -30.51 7.06 -30.71
C THR A 845 -31.45 6.11 -29.99
N THR A 846 -32.75 6.13 -30.32
CA THR A 846 -33.68 5.24 -29.65
C THR A 846 -33.60 3.81 -30.14
N ALA A 847 -33.11 3.57 -31.36
CA ALA A 847 -32.84 2.22 -31.80
C ALA A 847 -31.65 1.62 -31.04
N ALA A 848 -30.70 2.45 -30.65
CA ALA A 848 -29.55 2.04 -29.85
C ALA A 848 -29.86 1.91 -28.37
N HIS A 849 -31.10 2.19 -27.97
CA HIS A 849 -31.57 2.19 -26.57
C HIS A 849 -30.75 3.13 -25.69
N LEU A 850 -30.51 4.33 -26.21
CA LEU A 850 -29.80 5.38 -25.51
C LEU A 850 -30.75 6.51 -25.15
N ALA A 851 -30.37 7.29 -24.13
CA ALA A 851 -31.10 8.49 -23.76
C ALA A 851 -30.71 9.65 -24.66
N LEU A 852 -31.61 10.63 -24.76
CA LEU A 852 -31.41 11.78 -25.62
C LEU A 852 -31.69 13.06 -24.83
N LEU A 853 -30.85 14.06 -25.03
CA LEU A 853 -31.04 15.39 -24.47
C LEU A 853 -30.87 16.41 -25.58
N VAL A 854 -31.93 17.14 -25.89
CA VAL A 854 -31.92 18.18 -26.92
C VAL A 854 -32.07 19.53 -26.22
N ALA A 855 -31.13 20.43 -26.48
CA ALA A 855 -31.15 21.77 -25.91
C ALA A 855 -31.61 22.76 -26.95
N LYS A 856 -32.61 23.57 -26.60
CA LYS A 856 -33.19 24.53 -27.53
C LYS A 856 -32.81 25.94 -27.08
N ASN A 857 -32.45 26.77 -28.07
CA ASN A 857 -31.86 28.10 -27.88
C ASN A 857 -30.60 28.02 -27.01
N ILE A 858 -29.64 27.20 -27.47
CA ILE A 858 -28.42 26.94 -26.73
C ILE A 858 -27.50 28.15 -26.65
N SER A 859 -27.68 29.14 -27.52
CA SER A 859 -26.90 30.36 -27.43
C SER A 859 -27.33 31.27 -26.29
N PHE A 860 -28.48 31.01 -25.67
CA PHE A 860 -28.95 31.77 -24.51
C PHE A 860 -28.61 31.09 -23.19
N PHE A 861 -27.92 29.98 -23.22
CA PHE A 861 -27.58 29.27 -22.00
C PHE A 861 -26.44 29.99 -21.29
N PRO A 862 -26.38 29.94 -19.96
CA PRO A 862 -25.37 30.70 -19.23
C PRO A 862 -23.97 30.12 -19.39
N SER A 863 -22.98 30.98 -19.24
CA SER A 863 -21.59 30.56 -19.27
C SER A 863 -21.18 30.12 -17.86
N ASN A 864 -19.90 29.84 -17.67
CA ASN A 864 -19.45 29.34 -16.39
C ASN A 864 -19.20 30.43 -15.36
N VAL A 865 -19.40 31.70 -15.71
CA VAL A 865 -19.17 32.79 -14.77
C VAL A 865 -20.42 33.65 -14.63
N GLU A 866 -21.60 33.06 -14.77
CA GLU A 866 -22.83 33.85 -14.80
C GLU A 866 -23.56 33.85 -13.46
N GLN A 867 -23.95 32.67 -12.96
CA GLN A 867 -24.53 32.50 -11.61
C GLN A 867 -25.81 33.29 -11.36
N PHE A 868 -26.94 32.82 -11.90
CA PHE A 868 -28.28 33.27 -11.51
C PHE A 868 -28.42 33.45 -10.00
N SER A 869 -28.95 34.60 -9.59
CA SER A 869 -29.13 34.91 -8.18
C SER A 869 -30.42 34.33 -7.63
N GLU A 870 -31.49 34.34 -8.41
CA GLU A 870 -32.70 33.64 -8.06
C GLU A 870 -33.37 33.16 -9.33
N GLY A 871 -34.27 32.20 -9.19
CA GLY A 871 -35.00 31.69 -10.33
C GLY A 871 -35.54 30.31 -10.03
N ASN A 872 -36.20 29.75 -11.03
CA ASN A 872 -36.79 28.43 -10.93
C ASN A 872 -36.11 27.49 -11.92
N ILE A 873 -36.43 26.20 -11.79
CA ILE A 873 -36.19 25.20 -12.81
C ILE A 873 -37.48 24.40 -12.86
N ASP A 874 -38.22 24.53 -13.96
CA ASP A 874 -39.55 23.95 -14.05
C ASP A 874 -39.49 22.63 -14.80
N VAL A 875 -40.02 21.58 -14.18
CA VAL A 875 -40.07 20.25 -14.77
C VAL A 875 -41.52 19.94 -15.08
N TRP A 876 -41.78 19.67 -16.35
CA TRP A 876 -43.12 19.32 -16.79
C TRP A 876 -43.14 17.84 -17.13
N TRP A 877 -43.45 17.03 -16.14
CA TRP A 877 -43.48 15.59 -16.31
C TRP A 877 -44.84 15.12 -16.82
N ILE A 878 -44.83 14.39 -17.93
CA ILE A 878 -46.07 13.91 -18.53
C ILE A 878 -46.06 12.41 -18.81
N VAL A 879 -46.62 11.66 -17.87
CA VAL A 879 -46.75 10.20 -17.94
C VAL A 879 -45.59 9.39 -18.53
N HIS A 880 -44.36 9.89 -18.44
CA HIS A 880 -43.24 9.12 -18.98
C HIS A 880 -41.87 9.65 -18.60
N ASP A 881 -40.92 8.73 -18.38
CA ASP A 881 -39.54 9.14 -18.07
C ASP A 881 -39.44 10.00 -16.82
N GLY A 882 -40.14 9.60 -15.75
CA GLY A 882 -40.15 10.40 -14.54
C GLY A 882 -38.85 10.39 -13.77
N GLY A 883 -38.13 9.26 -13.79
CA GLY A 883 -36.87 9.18 -13.07
C GLY A 883 -35.77 10.02 -13.67
N MET A 884 -35.81 10.26 -14.97
CA MET A 884 -34.78 11.05 -15.62
C MET A 884 -35.07 12.54 -15.54
N LEU A 885 -36.35 12.92 -15.57
CA LEU A 885 -36.70 14.33 -15.44
C LEU A 885 -36.55 14.86 -14.03
N MET A 886 -36.37 14.01 -13.02
CA MET A 886 -36.13 14.47 -11.67
C MET A 886 -34.68 14.36 -11.23
N LEU A 887 -33.89 13.49 -11.86
CA LEU A 887 -32.48 13.43 -11.55
C LEU A 887 -31.73 14.61 -12.14
N LEU A 888 -32.14 15.05 -13.34
CA LEU A 888 -31.40 16.08 -14.05
C LEU A 888 -31.40 17.47 -13.41
N PRO A 889 -32.50 17.99 -12.82
CA PRO A 889 -32.34 19.25 -12.07
C PRO A 889 -31.58 19.09 -10.78
N PHE A 890 -31.64 17.92 -10.14
CA PHE A 890 -30.88 17.70 -8.92
C PHE A 890 -29.39 17.64 -9.20
N LEU A 891 -28.99 17.11 -10.35
CA LEU A 891 -27.58 17.10 -10.71
C LEU A 891 -27.11 18.48 -11.14
N LEU A 892 -27.98 19.22 -11.80
CA LEU A 892 -27.60 20.53 -12.32
C LEU A 892 -27.52 21.58 -11.21
N LYS A 893 -28.25 21.37 -10.11
CA LYS A 893 -28.31 22.31 -9.01
C LYS A 893 -27.05 22.31 -8.15
N GLN A 894 -26.21 21.30 -8.22
CA GLN A 894 -24.96 21.28 -7.46
C GLN A 894 -23.78 21.80 -8.28
N HIS A 895 -24.06 22.57 -9.32
CA HIS A 895 -23.07 23.40 -9.99
C HIS A 895 -23.29 24.83 -9.51
N LYS A 896 -22.24 25.65 -9.62
CA LYS A 896 -22.28 27.01 -9.08
C LYS A 896 -23.25 27.91 -9.83
N VAL A 897 -23.51 27.61 -11.10
CA VAL A 897 -24.37 28.46 -11.92
C VAL A 897 -25.83 28.32 -11.50
N TRP A 898 -26.27 27.09 -11.29
CA TRP A 898 -27.67 26.78 -11.00
C TRP A 898 -27.92 26.54 -9.52
N ARG A 899 -27.04 27.04 -8.65
CA ARG A 899 -27.06 26.66 -7.24
C ARG A 899 -28.23 27.29 -6.49
N LYS A 900 -28.59 28.52 -6.85
CA LYS A 900 -29.58 29.28 -6.09
C LYS A 900 -30.98 29.22 -6.71
N CYS A 901 -31.23 28.25 -7.58
CA CYS A 901 -32.56 28.07 -8.16
C CYS A 901 -33.36 27.07 -7.34
N SER A 902 -34.67 27.10 -7.52
CA SER A 902 -35.56 26.17 -6.84
C SER A 902 -36.30 25.34 -7.86
N ILE A 903 -36.51 24.07 -7.54
CA ILE A 903 -37.10 23.12 -8.48
C ILE A 903 -38.60 23.07 -8.30
N ARG A 904 -39.34 23.26 -9.38
CA ARG A 904 -40.79 23.13 -9.39
C ARG A 904 -41.18 22.04 -10.37
N ILE A 905 -42.02 21.11 -9.93
CA ILE A 905 -42.42 19.97 -10.73
C ILE A 905 -43.92 20.05 -10.99
N PHE A 906 -44.30 19.94 -12.26
CA PHE A 906 -45.68 20.04 -12.70
C PHE A 906 -46.09 18.77 -13.41
N THR A 907 -47.29 18.27 -13.09
CA THR A 907 -47.91 17.18 -13.82
C THR A 907 -49.24 17.66 -14.38
N VAL A 908 -49.77 16.96 -15.37
CA VAL A 908 -51.05 17.31 -15.96
C VAL A 908 -52.08 16.27 -15.52
N ALA A 909 -53.29 16.73 -15.23
CA ALA A 909 -54.38 15.87 -14.76
C ALA A 909 -55.47 15.86 -15.82
N GLN A 910 -55.94 14.66 -16.18
CA GLN A 910 -57.09 14.52 -17.05
C GLN A 910 -58.25 14.04 -16.17
N LEU A 911 -59.48 14.17 -16.65
CA LEU A 911 -60.68 13.94 -15.84
C LEU A 911 -60.85 12.50 -15.37
N GLU A 912 -60.28 11.54 -16.10
CA GLU A 912 -60.51 10.14 -15.79
C GLU A 912 -59.51 9.58 -14.79
N ASP A 913 -59.27 10.33 -13.70
CA ASP A 913 -58.46 9.98 -12.52
C ASP A 913 -58.65 11.03 -11.45
N ASN A 914 -58.07 10.82 -10.27
CA ASN A 914 -58.17 11.75 -9.16
C ASN A 914 -56.86 12.50 -9.01
N SER A 915 -56.95 13.77 -8.58
CA SER A 915 -55.83 14.68 -8.56
C SER A 915 -55.09 14.77 -7.24
N ILE A 916 -55.77 14.57 -6.11
CA ILE A 916 -55.18 14.78 -4.80
C ILE A 916 -54.27 13.61 -4.45
N GLN A 917 -54.72 12.39 -4.75
CA GLN A 917 -53.94 11.19 -4.48
C GLN A 917 -52.68 11.13 -5.33
N MET A 918 -52.74 11.63 -6.57
CA MET A 918 -51.58 11.62 -7.46
C MET A 918 -50.52 12.61 -6.99
N LYS A 919 -50.94 13.65 -6.27
CA LYS A 919 -49.99 14.65 -5.78
C LYS A 919 -49.15 14.12 -4.63
N LYS A 920 -49.78 13.51 -3.63
CA LYS A 920 -49.02 13.05 -2.47
C LYS A 920 -48.33 11.71 -2.73
N ASP A 921 -48.71 11.04 -3.82
CA ASP A 921 -47.91 9.91 -4.31
C ASP A 921 -46.60 10.42 -4.92
N LEU A 922 -46.61 11.65 -5.43
CA LEU A 922 -45.42 12.25 -6.00
C LEU A 922 -44.58 12.97 -4.94
N ALA A 923 -45.25 13.54 -3.94
CA ALA A 923 -44.58 14.18 -2.81
C ALA A 923 -43.80 13.14 -2.01
N THR A 924 -44.41 11.96 -1.80
CA THR A 924 -43.71 10.87 -1.13
C THR A 924 -42.60 10.30 -2.01
N PHE A 925 -42.72 10.40 -3.33
CA PHE A 925 -41.71 9.94 -4.26
C PHE A 925 -40.47 10.84 -4.22
N LEU A 926 -40.61 12.06 -3.69
CA LEU A 926 -39.49 13.00 -3.59
C LEU A 926 -38.97 13.10 -2.16
N TYR A 927 -39.85 12.92 -1.17
CA TYR A 927 -39.50 13.24 0.22
C TYR A 927 -38.57 12.20 0.81
N HIS A 928 -38.57 10.99 0.25
CA HIS A 928 -37.68 9.95 0.73
C HIS A 928 -36.28 10.08 0.14
N LEU A 929 -36.09 11.04 -0.75
CA LEU A 929 -34.80 11.22 -1.40
C LEU A 929 -34.27 12.64 -1.18
N ARG A 930 -35.01 13.42 -0.38
CA ARG A 930 -34.76 14.83 -0.01
C ARG A 930 -34.28 15.69 -1.19
N ILE A 931 -35.06 15.62 -2.28
CA ILE A 931 -34.78 16.41 -3.46
C ILE A 931 -35.09 17.88 -3.20
N GLU A 932 -36.11 18.16 -2.38
CA GLU A 932 -36.62 19.50 -2.08
C GLU A 932 -37.07 20.22 -3.35
N ALA A 933 -38.18 19.71 -3.87
CA ALA A 933 -38.91 20.35 -4.95
C ALA A 933 -40.37 20.46 -4.54
N GLU A 934 -41.06 21.48 -5.06
CA GLU A 934 -42.47 21.65 -4.79
C GLU A 934 -43.29 21.12 -5.96
N VAL A 935 -44.46 20.58 -5.65
CA VAL A 935 -45.26 19.80 -6.58
C VAL A 935 -46.59 20.50 -6.79
N GLU A 936 -46.98 20.66 -8.06
CA GLU A 936 -48.32 21.10 -8.41
C GLU A 936 -48.88 20.16 -9.45
N VAL A 937 -50.14 19.79 -9.30
CA VAL A 937 -50.85 19.02 -10.31
C VAL A 937 -51.75 19.96 -11.08
N VAL A 938 -51.54 20.02 -12.40
CA VAL A 938 -52.29 20.97 -13.22
C VAL A 938 -53.53 20.28 -13.78
N GLU A 939 -54.70 20.76 -13.39
CA GLU A 939 -55.96 20.18 -13.83
C GLU A 939 -56.28 20.66 -15.24
N MET A 940 -56.21 19.75 -16.20
CA MET A 940 -56.55 20.11 -17.58
C MET A 940 -58.02 19.77 -17.80
N HIS A 941 -58.52 19.97 -19.01
CA HIS A 941 -59.94 20.14 -19.30
C HIS A 941 -60.28 19.34 -20.55
N ASP A 942 -61.35 19.73 -21.25
CA ASP A 942 -61.65 19.18 -22.57
C ASP A 942 -60.43 19.27 -23.48
N SER A 943 -59.84 18.12 -23.76
CA SER A 943 -58.55 18.00 -24.43
C SER A 943 -58.30 16.55 -24.79
N ASP A 944 -57.14 16.25 -25.35
CA ASP A 944 -56.77 14.88 -25.69
C ASP A 944 -55.40 14.58 -25.10
N ILE A 945 -55.34 13.51 -24.30
CA ILE A 945 -54.08 13.07 -23.73
C ILE A 945 -54.14 11.57 -23.46
N SER A 1041 -55.28 11.72 -35.87
CA SER A 1041 -55.17 12.67 -36.97
C SER A 1041 -53.88 13.46 -36.88
N ASN A 1042 -53.89 14.65 -37.48
CA ASN A 1042 -52.79 15.60 -37.41
C ASN A 1042 -53.23 16.97 -36.91
N VAL A 1043 -54.45 17.39 -37.25
CA VAL A 1043 -54.96 18.66 -36.77
C VAL A 1043 -55.33 18.57 -35.29
N ARG A 1044 -55.53 17.36 -34.79
CA ARG A 1044 -55.80 17.17 -33.36
C ARG A 1044 -54.50 17.15 -32.57
N ARG A 1045 -53.39 16.80 -33.22
CA ARG A 1045 -52.09 16.82 -32.56
C ARG A 1045 -51.57 18.24 -32.52
N MET A 1046 -51.90 19.04 -33.52
CA MET A 1046 -51.60 20.46 -33.49
C MET A 1046 -52.65 21.27 -32.75
N HIS A 1047 -53.67 20.62 -32.19
CA HIS A 1047 -54.59 21.25 -31.28
C HIS A 1047 -54.35 20.85 -29.83
N THR A 1048 -53.80 19.66 -29.59
CA THR A 1048 -53.35 19.28 -28.27
C THR A 1048 -51.96 19.81 -27.94
N ALA A 1049 -51.26 20.42 -28.90
CA ALA A 1049 -50.00 21.11 -28.65
C ALA A 1049 -50.18 22.60 -28.43
N VAL A 1050 -51.24 23.18 -28.99
CA VAL A 1050 -51.53 24.58 -28.74
C VAL A 1050 -52.11 24.75 -27.34
N LYS A 1051 -53.01 23.84 -26.95
CA LYS A 1051 -53.58 23.87 -25.61
C LYS A 1051 -52.53 23.54 -24.56
N LEU A 1052 -51.60 22.64 -24.87
CA LEU A 1052 -50.56 22.30 -23.90
C LEU A 1052 -49.51 23.39 -23.78
N ASN A 1053 -49.26 24.13 -24.86
CA ASN A 1053 -48.30 25.23 -24.81
C ASN A 1053 -48.80 26.37 -23.93
N GLU A 1054 -50.09 26.67 -23.98
CA GLU A 1054 -50.60 27.81 -23.24
C GLU A 1054 -50.73 27.52 -21.75
N VAL A 1055 -50.68 26.25 -21.35
CA VAL A 1055 -50.59 25.91 -19.95
C VAL A 1055 -49.17 26.06 -19.44
N ILE A 1056 -48.19 25.68 -20.27
CA ILE A 1056 -46.78 25.75 -19.86
C ILE A 1056 -46.31 27.21 -19.81
N VAL A 1057 -46.67 28.01 -20.81
CA VAL A 1057 -46.20 29.39 -20.86
C VAL A 1057 -46.90 30.25 -19.80
N ASN A 1058 -48.11 29.86 -19.39
CA ASN A 1058 -48.80 30.56 -18.31
C ASN A 1058 -48.09 30.37 -16.98
N LYS A 1059 -47.39 29.25 -16.79
CA LYS A 1059 -46.73 28.98 -15.53
C LYS A 1059 -45.21 29.01 -15.60
N SER A 1060 -44.61 28.72 -16.76
CA SER A 1060 -43.17 28.53 -16.83
C SER A 1060 -42.49 29.54 -17.75
N HIS A 1061 -43.16 30.62 -18.11
CA HIS A 1061 -42.41 31.78 -18.55
C HIS A 1061 -41.75 32.39 -17.32
N GLU A 1062 -40.61 33.07 -17.55
CA GLU A 1062 -39.74 33.58 -16.48
C GLU A 1062 -39.33 32.45 -15.54
N ALA A 1063 -38.62 31.46 -16.11
CA ALA A 1063 -38.30 30.27 -15.33
C ALA A 1063 -36.91 29.69 -15.56
N LYS A 1064 -36.06 30.32 -16.37
CA LYS A 1064 -34.61 30.09 -16.46
C LYS A 1064 -34.19 28.74 -17.05
N LEU A 1065 -35.09 27.75 -17.06
CA LEU A 1065 -34.95 26.45 -17.69
C LEU A 1065 -36.28 25.72 -17.59
N VAL A 1066 -36.73 25.09 -18.68
CA VAL A 1066 -37.89 24.22 -18.66
C VAL A 1066 -37.45 22.85 -19.16
N LEU A 1067 -37.87 21.81 -18.45
CA LEU A 1067 -37.62 20.43 -18.86
C LEU A 1067 -38.96 19.76 -19.16
N LEU A 1068 -39.04 19.08 -20.30
CA LEU A 1068 -40.23 18.31 -20.62
C LEU A 1068 -39.85 17.16 -21.54
N ASN A 1069 -40.76 16.20 -21.63
CA ASN A 1069 -40.56 15.03 -22.47
C ASN A 1069 -40.68 15.39 -23.94
N MET A 1070 -39.80 14.81 -24.76
CA MET A 1070 -40.19 14.93 -26.15
C MET A 1070 -40.81 13.62 -26.62
N PRO A 1071 -41.88 13.67 -27.40
CA PRO A 1071 -42.46 12.45 -27.95
C PRO A 1071 -41.67 11.94 -29.14
N GLY A 1072 -41.87 10.66 -29.44
CA GLY A 1072 -41.11 9.99 -30.46
C GLY A 1072 -41.45 10.41 -31.87
N PRO A 1073 -40.53 10.17 -32.80
CA PRO A 1073 -40.81 10.44 -34.21
C PRO A 1073 -41.85 9.47 -34.74
N PRO A 1074 -42.53 9.82 -35.83
CA PRO A 1074 -43.55 8.92 -36.36
C PRO A 1074 -42.95 7.67 -37.00
N ARG A 1075 -43.80 6.68 -37.21
CA ARG A 1075 -43.37 5.42 -37.81
C ARG A 1075 -42.82 5.62 -39.23
N ASN A 1076 -43.64 6.18 -40.12
CA ASN A 1076 -43.22 6.43 -41.50
C ASN A 1076 -42.59 7.80 -41.68
N PRO A 1077 -41.31 7.80 -42.24
CA PRO A 1077 -40.72 9.14 -42.39
C PRO A 1077 -41.52 10.11 -43.27
N GLU A 1078 -42.82 9.93 -43.37
CA GLU A 1078 -43.64 10.83 -44.18
C GLU A 1078 -44.04 12.03 -43.34
N GLY A 1079 -44.22 11.81 -42.05
CA GLY A 1079 -44.62 12.85 -41.12
C GLY A 1079 -43.49 13.48 -40.35
N ASP A 1080 -42.35 13.69 -40.99
CA ASP A 1080 -41.23 14.33 -40.32
C ASP A 1080 -41.36 15.84 -40.27
N GLU A 1081 -42.12 16.44 -41.18
CA GLU A 1081 -42.38 17.87 -41.09
C GLU A 1081 -43.56 18.18 -40.17
N ASN A 1082 -44.50 17.24 -40.01
CA ASN A 1082 -45.52 17.42 -39.00
C ASN A 1082 -44.95 17.22 -37.60
N TYR A 1083 -43.91 16.41 -37.47
CA TYR A 1083 -43.24 16.22 -36.19
C TYR A 1083 -42.42 17.44 -35.82
N MET A 1084 -41.72 18.04 -36.79
CA MET A 1084 -40.93 19.22 -36.52
C MET A 1084 -41.79 20.45 -36.26
N GLU A 1085 -42.97 20.51 -36.85
CA GLU A 1085 -43.91 21.58 -36.52
C GLU A 1085 -44.60 21.35 -35.19
N PHE A 1086 -44.70 20.10 -34.75
CA PHE A 1086 -45.24 19.82 -33.42
C PHE A 1086 -44.32 20.32 -32.32
N LEU A 1087 -43.02 20.11 -32.47
CA LEU A 1087 -42.06 20.55 -31.46
C LEU A 1087 -41.82 22.05 -31.46
N GLU A 1088 -42.07 22.72 -32.59
CA GLU A 1088 -41.97 24.18 -32.63
C GLU A 1088 -43.13 24.83 -31.90
N VAL A 1089 -44.34 24.29 -32.05
CA VAL A 1089 -45.52 24.88 -31.42
C VAL A 1089 -45.53 24.63 -29.93
N LEU A 1090 -45.06 23.45 -29.51
CA LEU A 1090 -45.10 23.07 -28.10
C LEU A 1090 -44.13 23.88 -27.26
N THR A 1091 -42.95 24.17 -27.80
CA THR A 1091 -41.92 24.92 -27.08
C THR A 1091 -41.86 26.39 -27.49
N GLU A 1092 -42.98 26.96 -27.89
CA GLU A 1092 -43.03 28.34 -28.34
C GLU A 1092 -43.17 29.28 -27.15
N GLY A 1093 -42.33 30.30 -27.10
CA GLY A 1093 -42.40 31.30 -26.04
C GLY A 1093 -41.55 31.03 -24.83
N LEU A 1094 -40.72 29.99 -24.84
CA LEU A 1094 -39.84 29.67 -23.72
C LEU A 1094 -38.40 29.94 -24.11
N GLU A 1095 -37.62 30.45 -23.17
CA GLU A 1095 -36.27 30.92 -23.51
C GLU A 1095 -35.27 29.78 -23.52
N ARG A 1096 -35.23 28.97 -22.47
CA ARG A 1096 -34.26 27.87 -22.35
C ARG A 1096 -35.03 26.58 -22.10
N VAL A 1097 -34.98 25.65 -23.06
CA VAL A 1097 -35.73 24.40 -23.01
C VAL A 1097 -34.74 23.24 -23.14
N LEU A 1098 -34.97 22.18 -22.37
CA LEU A 1098 -34.26 20.92 -22.55
C LEU A 1098 -35.29 19.82 -22.75
N LEU A 1099 -35.31 19.23 -23.95
CA LEU A 1099 -36.20 18.13 -24.27
C LEU A 1099 -35.51 16.81 -23.95
N VAL A 1100 -36.17 15.99 -23.15
CA VAL A 1100 -35.57 14.79 -22.55
C VAL A 1100 -36.35 13.58 -23.03
N ARG A 1101 -35.63 12.57 -23.50
CA ARG A 1101 -36.25 11.32 -23.91
C ARG A 1101 -35.47 10.13 -23.36
N GLY A 1102 -36.16 9.23 -22.69
CA GLY A 1102 -35.50 8.08 -22.11
C GLY A 1102 -35.23 6.98 -23.12
N GLY A 1103 -34.22 6.16 -22.83
CA GLY A 1103 -33.85 5.10 -23.73
C GLY A 1103 -34.68 3.84 -23.59
N GLY A 1104 -35.34 3.67 -22.44
CA GLY A 1104 -36.20 2.52 -22.24
C GLY A 1104 -35.89 1.77 -20.95
N SER A 1105 -34.63 1.71 -20.58
CA SER A 1105 -34.20 1.02 -19.35
C SER A 1105 -33.29 1.96 -18.56
N GLU A 1106 -33.90 2.81 -17.74
CA GLU A 1106 -33.16 3.69 -16.83
C GLU A 1106 -33.83 3.58 -15.45
N VAL A 1107 -33.28 2.73 -14.60
CA VAL A 1107 -33.77 2.56 -13.24
C VAL A 1107 -32.95 3.46 -12.34
N ILE A 1108 -33.63 4.37 -11.64
CA ILE A 1108 -33.00 5.27 -10.68
C ILE A 1108 -33.59 4.96 -9.32
N THR A 1109 -32.78 4.38 -8.44
CA THR A 1109 -33.20 4.06 -7.07
C THR A 1109 -32.63 5.02 -6.04
N ILE A 1110 -31.36 5.36 -6.14
CA ILE A 1110 -30.70 6.27 -5.20
C ILE A 1110 -30.41 7.56 -5.95
N TYR A 1111 -30.92 8.68 -5.43
CA TYR A 1111 -30.68 10.00 -6.02
C TYR A 1111 -29.41 10.61 -5.41
N SER A 1112 -28.29 9.95 -5.71
CA SER A 1112 -26.94 10.30 -5.22
C SER A 1112 -26.84 10.43 -3.71
N TYR B 118 -10.77 40.26 16.25
CA TYR B 118 -9.47 39.70 15.86
C TYR B 118 -9.61 38.22 15.50
N THR B 119 -10.45 37.48 16.24
CA THR B 119 -10.96 36.16 15.86
C THR B 119 -9.90 35.09 15.61
N ASN B 120 -9.29 34.54 16.67
CA ASN B 120 -8.45 33.36 16.50
C ASN B 120 -9.25 32.05 16.34
N LEU B 121 -10.57 32.11 16.20
CA LEU B 121 -11.41 30.93 16.08
C LEU B 121 -11.60 30.55 14.60
N THR B 122 -12.11 29.35 14.38
CA THR B 122 -12.25 28.79 13.04
C THR B 122 -13.59 29.17 12.41
N GLN B 123 -13.67 28.97 11.09
CA GLN B 123 -14.90 29.25 10.36
C GLN B 123 -15.80 28.03 10.25
N GLY B 124 -15.31 26.95 9.65
CA GLY B 124 -16.14 25.79 9.42
C GLY B 124 -17.27 26.07 8.44
N ALA B 125 -18.38 25.38 8.64
CA ALA B 125 -19.58 25.66 7.87
C ALA B 125 -20.24 26.94 8.38
N LYS B 126 -21.40 27.26 7.78
CA LYS B 126 -22.23 28.46 7.91
C LYS B 126 -21.58 29.66 7.21
N GLU B 127 -20.32 29.55 6.80
CA GLU B 127 -19.67 30.56 5.98
C GLU B 127 -19.23 30.03 4.63
N HIS B 128 -19.31 28.72 4.42
CA HIS B 128 -19.09 28.15 3.10
C HIS B 128 -20.30 28.31 2.20
N GLU B 129 -21.49 28.46 2.79
CA GLU B 129 -22.71 28.73 2.04
C GLU B 129 -23.05 30.22 1.95
N GLU B 130 -22.34 31.08 2.66
CA GLU B 130 -22.59 32.51 2.54
C GLU B 130 -21.94 33.07 1.29
N GLN B 146 -10.69 41.68 4.14
CA GLN B 146 -10.58 42.74 5.12
C GLN B 146 -9.30 42.59 5.95
N MET B 147 -8.88 41.35 6.16
CA MET B 147 -7.71 41.07 6.99
C MET B 147 -6.46 40.87 6.15
N GLY B 148 -5.34 41.32 6.70
CA GLY B 148 -4.04 41.14 6.09
C GLY B 148 -3.32 39.92 6.62
N THR B 149 -2.01 39.88 6.38
CA THR B 149 -1.21 38.73 6.74
C THR B 149 -0.99 38.66 8.25
N PHE B 150 -0.76 39.80 8.88
CA PHE B 150 -0.33 39.82 10.28
C PHE B 150 -1.46 39.46 11.24
N MET B 151 -2.60 40.13 11.13
CA MET B 151 -3.71 39.91 12.04
C MET B 151 -4.65 38.82 11.55
N GLY B 152 -4.55 38.41 10.29
CA GLY B 152 -5.42 37.38 9.76
C GLY B 152 -4.85 35.98 9.76
N VAL B 153 -3.53 35.82 9.67
CA VAL B 153 -2.89 34.51 9.62
C VAL B 153 -1.85 34.34 10.73
N TYR B 154 -0.96 35.33 10.89
CA TYR B 154 0.25 35.14 11.70
C TYR B 154 -0.07 35.10 13.19
N LEU B 155 -0.85 36.05 13.68
CA LEU B 155 -1.29 36.06 15.07
C LEU B 155 -2.29 34.94 15.43
N PRO B 156 -3.27 34.56 14.58
CA PRO B 156 -4.04 33.36 14.93
C PRO B 156 -3.25 32.07 14.90
N CYS B 157 -2.20 31.96 14.08
CA CYS B 157 -1.38 30.76 14.10
C CYS B 157 -0.48 30.73 15.33
N LEU B 158 0.02 31.90 15.74
CA LEU B 158 0.90 31.98 16.90
C LEU B 158 0.17 31.65 18.20
N GLN B 159 -1.09 32.08 18.31
CA GLN B 159 -1.88 31.83 19.52
C GLN B 159 -2.15 30.35 19.72
N ASN B 160 -2.38 29.62 18.64
CA ASN B 160 -2.77 28.22 18.76
C ASN B 160 -1.58 27.27 18.89
N ILE B 161 -0.37 27.71 18.52
CA ILE B 161 0.82 26.88 18.73
C ILE B 161 1.31 26.98 20.17
N PHE B 162 1.36 28.20 20.73
CA PHE B 162 1.77 28.36 22.12
C PHE B 162 0.71 27.79 23.05
N GLY B 163 1.15 27.28 24.20
CA GLY B 163 0.22 26.65 25.10
C GLY B 163 0.81 26.14 26.40
N VAL B 164 0.40 24.95 26.83
CA VAL B 164 0.58 24.53 28.21
C VAL B 164 1.92 23.82 28.45
N ILE B 165 2.47 23.13 27.43
CA ILE B 165 3.69 22.35 27.59
C ILE B 165 4.90 23.27 27.82
N LEU B 166 4.86 24.48 27.27
CA LEU B 166 5.94 25.45 27.46
C LEU B 166 6.07 25.87 28.93
N PHE B 167 4.94 26.01 29.63
CA PHE B 167 4.96 26.51 30.99
C PHE B 167 4.91 25.42 32.05
N LEU B 168 4.51 24.20 31.70
CA LEU B 168 4.29 23.15 32.68
C LEU B 168 5.21 21.95 32.54
N ARG B 169 5.81 21.73 31.38
CA ARG B 169 6.59 20.52 31.15
C ARG B 169 7.97 20.76 30.57
N LEU B 170 8.27 21.95 30.03
CA LEU B 170 9.50 22.13 29.27
C LEU B 170 10.73 22.19 30.17
N THR B 171 10.62 22.76 31.37
CA THR B 171 11.75 22.73 32.30
C THR B 171 12.08 21.30 32.73
N TRP B 172 11.06 20.44 32.83
CA TRP B 172 11.29 19.05 33.17
C TRP B 172 11.89 18.27 32.00
N VAL B 173 11.62 18.71 30.77
CA VAL B 173 12.22 18.10 29.59
C VAL B 173 13.69 18.50 29.47
N VAL B 174 14.05 19.70 29.93
CA VAL B 174 15.48 20.04 29.98
C VAL B 174 16.14 19.42 31.21
N GLY B 175 15.39 19.16 32.27
CA GLY B 175 15.90 18.52 33.47
C GLY B 175 16.33 17.09 33.26
N THR B 176 15.42 16.28 32.73
CA THR B 176 15.78 15.00 32.14
C THR B 176 16.46 15.29 30.80
N ALA B 177 17.16 14.31 30.23
CA ALA B 177 17.73 14.34 28.88
C ALA B 177 18.85 15.36 28.64
N GLY B 178 19.09 16.27 29.58
CA GLY B 178 20.09 17.32 29.39
C GLY B 178 19.67 18.37 28.35
N VAL B 179 20.58 19.31 28.13
CA VAL B 179 20.34 20.35 27.14
C VAL B 179 20.53 19.81 25.71
N LEU B 180 21.51 18.93 25.52
CA LEU B 180 21.90 18.51 24.17
C LEU B 180 20.87 17.61 23.51
N GLN B 181 20.24 16.73 24.29
CA GLN B 181 19.20 15.89 23.69
C GLN B 181 17.86 16.59 23.66
N ALA B 182 17.60 17.53 24.57
CA ALA B 182 16.37 18.32 24.51
C ALA B 182 16.42 19.33 23.36
N PHE B 183 17.61 19.74 22.95
CA PHE B 183 17.75 20.54 21.74
C PHE B 183 17.41 19.72 20.50
N ALA B 184 17.67 18.40 20.54
CA ALA B 184 17.36 17.54 19.40
C ALA B 184 15.88 17.15 19.37
N ILE B 185 15.23 16.99 20.52
CA ILE B 185 13.81 16.69 20.57
C ILE B 185 12.99 17.85 19.99
N VAL B 186 13.37 19.08 20.35
CA VAL B 186 12.67 20.26 19.85
C VAL B 186 12.92 20.42 18.36
N LEU B 187 14.14 20.14 17.90
CA LEU B 187 14.49 20.31 16.49
C LEU B 187 13.83 19.27 15.59
N ILE B 188 13.64 18.05 16.10
CA ILE B 188 13.01 16.99 15.31
C ILE B 188 11.53 17.28 15.11
N CYS B 189 10.85 17.70 16.18
CA CYS B 189 9.42 18.00 16.10
C CYS B 189 9.14 19.25 15.27
N CYS B 190 10.05 20.21 15.27
CA CYS B 190 9.84 21.46 14.54
C CYS B 190 10.11 21.32 13.05
N CYS B 191 11.02 20.42 12.66
CA CYS B 191 11.25 20.16 11.24
C CYS B 191 10.08 19.41 10.62
N CYS B 192 9.34 18.65 11.41
CA CYS B 192 8.17 17.93 10.92
C CYS B 192 7.04 18.89 10.56
N THR B 193 6.77 19.88 11.41
CA THR B 193 5.68 20.81 11.14
C THR B 193 6.05 21.81 10.06
N MET B 194 7.34 22.11 9.91
CA MET B 194 7.76 23.08 8.89
C MET B 194 7.62 22.48 7.48
N LEU B 195 7.96 21.20 7.31
CA LEU B 195 7.76 20.55 6.03
C LEU B 195 6.29 20.37 5.72
N THR B 196 5.48 20.08 6.74
CA THR B 196 4.03 20.00 6.56
C THR B 196 3.43 21.35 6.19
N ALA B 197 4.02 22.44 6.67
CA ALA B 197 3.57 23.77 6.30
C ALA B 197 3.88 24.10 4.84
N ILE B 198 4.95 23.53 4.29
CA ILE B 198 5.28 23.73 2.89
C ILE B 198 4.31 22.98 1.98
N SER B 199 3.90 21.77 2.39
CA SER B 199 2.82 21.07 1.71
C SER B 199 1.50 21.80 1.85
N MET B 200 1.29 22.48 2.98
CA MET B 200 0.09 23.26 3.19
C MET B 200 0.10 24.52 2.34
N SER B 201 1.28 25.06 2.07
CA SER B 201 1.42 26.19 1.16
C SER B 201 1.10 25.82 -0.27
N ALA B 202 1.40 24.58 -0.68
CA ALA B 202 1.09 24.14 -2.02
C ALA B 202 -0.40 23.92 -2.21
N ILE B 203 -1.11 23.58 -1.13
CA ILE B 203 -2.57 23.44 -1.19
C ILE B 203 -3.23 24.80 -1.34
N ALA B 204 -2.73 25.81 -0.63
CA ALA B 204 -3.29 27.16 -0.67
C ALA B 204 -2.97 27.93 -1.94
N THR B 205 -2.21 27.35 -2.87
CA THR B 205 -1.89 27.99 -4.13
C THR B 205 -2.32 27.14 -5.32
N ASN B 206 -3.36 26.32 -5.14
CA ASN B 206 -3.84 25.44 -6.20
C ASN B 206 -5.10 25.97 -6.86
N GLY B 207 -6.16 26.21 -6.09
CA GLY B 207 -7.43 26.61 -6.65
C GLY B 207 -7.74 28.08 -6.49
N VAL B 208 -8.73 28.41 -5.66
CA VAL B 208 -9.10 29.81 -5.40
C VAL B 208 -9.26 30.09 -3.91
N VAL B 209 -8.81 29.16 -3.05
CA VAL B 209 -8.88 29.22 -1.59
C VAL B 209 -10.30 29.48 -1.09
N PRO B 210 -11.13 28.44 -0.98
CA PRO B 210 -12.54 28.64 -0.60
C PRO B 210 -12.72 29.19 0.81
N ALA B 211 -13.92 29.68 1.06
CA ALA B 211 -14.23 30.45 2.26
C ALA B 211 -14.88 29.57 3.33
N GLY B 212 -14.13 28.59 3.81
CA GLY B 212 -14.65 27.77 4.88
C GLY B 212 -13.67 27.25 5.92
N GLY B 213 -12.42 27.70 5.86
CA GLY B 213 -11.40 27.19 6.75
C GLY B 213 -10.50 26.17 6.09
N SER B 214 -9.80 25.40 6.94
CA SER B 214 -8.78 24.49 6.44
C SER B 214 -9.37 23.20 5.88
N TYR B 215 -10.53 22.77 6.38
CA TYR B 215 -11.13 21.53 5.89
C TYR B 215 -11.60 21.68 4.45
N PHE B 216 -12.18 22.82 4.09
CA PHE B 216 -12.63 23.01 2.73
C PHE B 216 -11.46 23.27 1.79
N MET B 217 -10.36 23.78 2.31
CA MET B 217 -9.17 24.01 1.49
C MET B 217 -8.48 22.70 1.14
N ILE B 218 -8.44 21.76 2.07
CA ILE B 218 -7.79 20.47 1.84
C ILE B 218 -8.66 19.56 1.00
N SER B 219 -9.99 19.63 1.19
CA SER B 219 -10.90 18.74 0.49
C SER B 219 -11.02 19.08 -0.99
N ARG B 220 -10.88 20.35 -1.35
CA ARG B 220 -10.99 20.73 -2.75
C ARG B 220 -9.67 20.59 -3.51
N ALA B 221 -8.55 20.54 -2.80
CA ALA B 221 -7.24 20.41 -3.44
C ALA B 221 -6.78 18.97 -3.54
N LEU B 222 -7.17 18.12 -2.59
CA LEU B 222 -6.79 16.72 -2.59
C LEU B 222 -7.97 15.81 -2.85
N GLY B 223 -9.13 16.36 -3.21
CA GLY B 223 -10.30 15.58 -3.51
C GLY B 223 -10.94 15.02 -2.26
N PRO B 224 -11.95 14.20 -2.43
CA PRO B 224 -12.42 13.39 -1.30
C PRO B 224 -11.44 12.25 -1.03
N GLU B 225 -11.70 11.53 0.06
CA GLU B 225 -10.97 10.40 0.65
C GLU B 225 -9.63 10.82 1.26
N PHE B 226 -9.14 12.00 0.94
CA PHE B 226 -8.06 12.66 1.64
C PHE B 226 -8.53 13.87 2.41
N GLY B 227 -9.71 14.41 2.09
CA GLY B 227 -10.36 15.40 2.91
C GLY B 227 -10.93 14.73 4.14
N GLY B 228 -11.75 13.71 3.91
CA GLY B 228 -12.00 12.74 4.96
C GLY B 228 -10.76 11.93 5.25
N ALA B 229 -10.68 11.45 6.49
CA ALA B 229 -9.55 10.73 7.13
C ALA B 229 -8.33 11.63 7.36
N VAL B 230 -8.38 12.88 6.90
CA VAL B 230 -7.61 13.97 7.49
C VAL B 230 -8.48 14.79 8.42
N GLY B 231 -9.71 15.08 7.99
CA GLY B 231 -10.65 15.78 8.83
C GLY B 231 -11.10 14.99 10.04
N LEU B 232 -11.16 13.67 9.94
CA LEU B 232 -11.59 12.86 11.07
C LEU B 232 -10.51 12.71 12.13
N CYS B 233 -9.24 12.63 11.73
CA CYS B 233 -8.19 12.51 12.73
C CYS B 233 -7.69 13.85 13.23
N PHE B 234 -7.86 14.92 12.44
CA PHE B 234 -7.71 16.26 13.00
C PHE B 234 -8.82 16.56 13.99
N TYR B 235 -10.00 15.97 13.80
CA TYR B 235 -11.10 16.15 14.74
C TYR B 235 -10.82 15.46 16.07
N LEU B 236 -10.29 14.23 16.01
CA LEU B 236 -9.98 13.49 17.24
C LEU B 236 -8.79 14.09 17.96
N GLY B 237 -7.84 14.66 17.23
CA GLY B 237 -6.72 15.34 17.87
C GLY B 237 -7.13 16.62 18.56
N THR B 238 -8.12 17.33 18.03
CA THR B 238 -8.63 18.52 18.67
C THR B 238 -9.51 18.19 19.87
N THR B 239 -10.22 17.06 19.83
CA THR B 239 -11.06 16.67 20.95
C THR B 239 -10.23 16.20 22.13
N PHE B 240 -9.11 15.53 21.86
CA PHE B 240 -8.23 15.11 22.94
C PHE B 240 -7.29 16.21 23.39
N ALA B 241 -7.06 17.23 22.55
CA ALA B 241 -6.35 18.42 23.01
C ALA B 241 -7.18 19.22 24.00
N ALA B 242 -8.50 19.25 23.84
CA ALA B 242 -9.37 19.94 24.78
C ALA B 242 -9.35 19.29 26.16
N ALA B 243 -9.19 17.96 26.21
CA ALA B 243 -9.01 17.30 27.50
C ALA B 243 -7.63 17.58 28.08
N MET B 244 -6.61 17.73 27.23
CA MET B 244 -5.27 18.04 27.72
C MET B 244 -5.18 19.46 28.27
N TYR B 245 -5.93 20.40 27.70
CA TYR B 245 -5.94 21.76 28.23
C TYR B 245 -6.76 21.87 29.51
N ILE B 246 -7.79 21.06 29.66
CA ILE B 246 -8.58 21.10 30.88
C ILE B 246 -7.81 20.48 32.04
N LEU B 247 -7.12 19.36 31.77
CA LEU B 247 -6.24 18.75 32.77
C LEU B 247 -5.05 19.65 33.08
N GLY B 248 -4.57 20.42 32.10
CA GLY B 248 -3.49 21.35 32.35
C GLY B 248 -3.90 22.52 33.20
N ALA B 249 -5.18 22.89 33.16
CA ALA B 249 -5.67 23.99 33.99
C ALA B 249 -5.97 23.55 35.41
N ILE B 250 -6.39 22.30 35.60
CA ILE B 250 -6.66 21.78 36.94
C ILE B 250 -5.35 21.56 37.69
N GLU B 251 -4.26 21.31 36.96
CA GLU B 251 -2.95 21.15 37.59
C GLU B 251 -2.43 22.48 38.10
N ILE B 252 -2.54 23.55 37.30
CA ILE B 252 -2.19 24.90 37.76
C ILE B 252 -3.14 25.36 38.85
N PHE B 253 -4.35 24.81 38.92
CA PHE B 253 -5.25 25.16 40.01
C PHE B 253 -4.91 24.41 41.29
N LEU B 254 -4.74 23.09 41.21
CA LEU B 254 -4.62 22.27 42.41
C LEU B 254 -3.25 22.38 43.05
N VAL B 255 -2.19 22.33 42.25
CA VAL B 255 -0.90 22.86 42.66
C VAL B 255 -0.94 24.38 42.44
N TYR B 256 -0.02 25.11 43.07
CA TYR B 256 0.34 26.49 42.73
C TYR B 256 -0.70 27.60 42.95
N ILE B 257 -1.96 27.28 43.24
CA ILE B 257 -2.94 28.33 43.48
C ILE B 257 -3.63 28.05 44.80
N VAL B 258 -4.28 26.89 44.90
CA VAL B 258 -4.93 26.44 46.12
C VAL B 258 -4.68 24.95 46.33
N PRO B 259 -3.55 24.54 46.98
CA PRO B 259 -3.42 23.15 47.46
C PRO B 259 -4.19 22.87 48.75
N ARG B 260 -5.44 23.33 48.79
CA ARG B 260 -6.36 23.18 49.91
C ARG B 260 -7.75 22.79 49.46
N ALA B 261 -8.09 22.95 48.18
CA ALA B 261 -9.38 22.60 47.63
C ALA B 261 -9.43 21.19 47.10
N ALA B 262 -8.45 20.36 47.44
CA ALA B 262 -8.46 18.96 47.03
C ALA B 262 -9.52 18.21 47.82
N ILE B 263 -10.38 17.47 47.12
CA ILE B 263 -11.41 16.69 47.79
C ILE B 263 -10.80 15.50 48.51
N PHE B 264 -9.96 14.73 47.82
CA PHE B 264 -9.36 13.53 48.38
C PHE B 264 -8.00 13.84 49.00
N HIS B 265 -8.03 14.64 50.07
CA HIS B 265 -6.87 14.72 50.95
C HIS B 265 -6.80 13.43 51.74
N SER B 266 -6.06 12.45 51.22
CA SER B 266 -6.03 11.13 51.79
C SER B 266 -5.08 11.08 52.99
N ASP B 267 -4.87 9.87 53.49
CA ASP B 267 -3.92 9.65 54.58
C ASP B 267 -2.49 9.86 54.09
N ASP B 268 -1.62 10.23 55.02
CA ASP B 268 -0.21 10.41 54.71
C ASP B 268 0.43 9.03 54.54
N ALA B 269 0.40 8.50 53.33
CA ALA B 269 0.70 7.10 53.11
C ALA B 269 1.40 6.93 51.77
N LEU B 270 1.44 5.68 51.29
CA LEU B 270 2.18 5.34 50.08
C LEU B 270 1.40 5.68 48.82
N LYS B 271 0.12 6.03 48.94
CA LYS B 271 -0.71 6.34 47.78
C LYS B 271 -0.81 7.86 47.64
N GLU B 272 0.20 8.47 47.01
CA GLU B 272 0.18 9.88 46.68
C GLU B 272 -0.27 10.15 45.25
N SER B 273 -0.39 9.11 44.44
CA SER B 273 -0.87 9.27 43.07
C SER B 273 -2.33 8.89 42.90
N ALA B 274 -2.83 7.96 43.73
CA ALA B 274 -4.21 7.52 43.59
C ALA B 274 -5.20 8.58 44.05
N ALA B 275 -4.84 9.37 45.06
CA ALA B 275 -5.71 10.46 45.50
C ALA B 275 -5.54 11.71 44.65
N MET B 276 -4.39 11.89 44.00
CA MET B 276 -4.21 13.03 43.12
C MET B 276 -4.95 12.81 41.80
N LEU B 277 -5.00 11.56 41.32
CA LEU B 277 -5.68 11.27 40.06
C LEU B 277 -7.19 11.39 40.20
N ASN B 278 -7.73 11.00 41.36
CA ASN B 278 -9.15 11.19 41.59
C ASN B 278 -9.51 12.65 41.86
N ASN B 279 -8.55 13.49 42.22
CA ASN B 279 -8.81 14.92 42.32
C ASN B 279 -8.92 15.56 40.95
N MET B 280 -8.12 15.11 39.98
CA MET B 280 -8.19 15.63 38.63
C MET B 280 -9.42 15.10 37.88
N ARG B 281 -9.91 13.93 38.27
CA ARG B 281 -11.10 13.36 37.64
C ARG B 281 -12.36 14.12 38.05
N VAL B 282 -12.42 14.58 39.29
CA VAL B 282 -13.62 15.25 39.77
C VAL B 282 -13.63 16.71 39.32
N TYR B 283 -12.49 17.40 39.44
CA TYR B 283 -12.43 18.80 39.03
C TYR B 283 -12.39 18.95 37.52
N GLY B 284 -11.74 18.01 36.81
CA GLY B 284 -11.71 18.09 35.36
C GLY B 284 -13.02 17.75 34.69
N THR B 285 -13.88 16.99 35.35
CA THR B 285 -15.22 16.75 34.82
C THR B 285 -16.08 18.00 34.97
N ALA B 286 -16.05 18.61 36.15
CA ALA B 286 -16.85 19.81 36.40
C ALA B 286 -16.34 21.01 35.61
N PHE B 287 -15.04 21.06 35.33
CA PHE B 287 -14.51 22.10 34.47
C PHE B 287 -14.93 21.91 33.02
N LEU B 288 -15.02 20.65 32.56
CA LEU B 288 -15.46 20.40 31.20
C LEU B 288 -16.94 20.68 31.02
N VAL B 289 -17.75 20.38 32.04
CA VAL B 289 -19.19 20.59 31.95
C VAL B 289 -19.52 22.07 31.88
N LEU B 290 -18.85 22.90 32.69
CA LEU B 290 -19.04 24.34 32.61
C LEU B 290 -18.48 24.93 31.32
N MET B 291 -17.51 24.28 30.69
CA MET B 291 -16.93 24.81 29.47
C MET B 291 -17.71 24.42 28.21
N VAL B 292 -18.47 23.33 28.25
CA VAL B 292 -19.41 23.07 27.17
C VAL B 292 -20.57 24.05 27.25
N LEU B 293 -20.91 24.48 28.48
CA LEU B 293 -21.98 25.45 28.69
C LEU B 293 -21.64 26.81 28.08
N VAL B 294 -20.38 27.23 28.17
CA VAL B 294 -20.00 28.54 27.62
C VAL B 294 -20.03 28.50 26.09
N VAL B 295 -19.61 27.39 25.49
CA VAL B 295 -19.67 27.23 24.04
C VAL B 295 -21.11 27.24 23.54
N PHE B 296 -22.04 26.71 24.33
CA PHE B 296 -23.43 26.66 23.89
C PHE B 296 -24.13 28.02 24.02
N ILE B 297 -24.11 28.65 25.19
CA ILE B 297 -24.99 29.79 25.39
C ILE B 297 -24.36 31.08 24.87
N GLY B 298 -23.05 31.28 25.05
CA GLY B 298 -22.43 32.41 24.40
C GLY B 298 -21.06 32.15 23.82
N VAL B 299 -20.97 32.12 22.50
CA VAL B 299 -19.70 31.91 21.81
C VAL B 299 -19.17 33.20 21.20
N ARG B 300 -20.02 34.22 21.07
CA ARG B 300 -19.58 35.54 20.64
C ARG B 300 -18.65 36.19 21.64
N TYR B 301 -18.80 35.86 22.92
CA TYR B 301 -17.89 36.38 23.95
C TYR B 301 -16.59 35.59 24.01
N VAL B 302 -16.58 34.35 23.53
CA VAL B 302 -15.33 33.63 23.35
C VAL B 302 -14.57 34.23 22.17
N ASN B 303 -15.29 34.73 21.16
CA ASN B 303 -14.65 35.40 20.03
C ASN B 303 -13.95 36.69 20.43
N LYS B 304 -14.61 37.53 21.22
CA LYS B 304 -14.07 38.86 21.48
C LYS B 304 -13.09 38.90 22.65
N PHE B 305 -12.96 37.81 23.40
CA PHE B 305 -11.92 37.68 24.41
C PHE B 305 -10.61 37.13 23.85
N ALA B 306 -10.49 37.02 22.52
CA ALA B 306 -9.30 36.44 21.91
C ALA B 306 -8.07 37.32 22.07
N SER B 307 -8.26 38.65 22.17
CA SER B 307 -7.13 39.56 22.25
C SER B 307 -6.46 39.52 23.61
N LEU B 308 -7.19 39.15 24.66
CA LEU B 308 -6.60 39.06 25.98
C LEU B 308 -6.10 37.65 26.31
N PHE B 309 -6.60 36.63 25.61
CA PHE B 309 -5.97 35.32 25.71
C PHE B 309 -4.59 35.33 25.06
N LEU B 310 -4.44 36.07 23.96
CA LEU B 310 -3.15 36.20 23.33
C LEU B 310 -2.19 37.06 24.15
N ALA B 311 -2.71 38.07 24.85
CA ALA B 311 -1.87 38.95 25.65
C ALA B 311 -1.32 38.25 26.88
N CYS B 312 -2.06 37.28 27.43
CA CYS B 312 -1.56 36.49 28.55
C CYS B 312 -0.39 35.60 28.15
N VAL B 313 -0.34 35.17 26.88
CA VAL B 313 0.77 34.37 26.39
C VAL B 313 2.02 35.22 26.21
N ILE B 314 1.86 36.41 25.63
CA ILE B 314 3.00 37.23 25.22
C ILE B 314 3.72 37.81 26.42
N VAL B 315 2.98 38.32 27.42
CA VAL B 315 3.63 38.87 28.61
C VAL B 315 4.21 37.78 29.50
N SER B 316 3.77 36.53 29.37
CA SER B 316 4.41 35.44 30.09
C SER B 316 5.72 35.04 29.44
N ILE B 317 5.81 35.13 28.11
CA ILE B 317 7.07 34.84 27.43
C ILE B 317 8.08 35.96 27.67
N LEU B 318 7.63 37.21 27.65
CA LEU B 318 8.51 38.34 27.91
C LEU B 318 8.95 38.43 29.36
N ALA B 319 8.21 37.81 30.29
CA ALA B 319 8.64 37.75 31.68
C ALA B 319 9.74 36.73 31.88
N ILE B 320 9.75 35.65 31.10
CA ILE B 320 10.81 34.64 31.20
C ILE B 320 12.11 35.20 30.64
N TYR B 321 12.04 35.95 29.53
CA TYR B 321 13.22 36.56 28.93
C TYR B 321 13.82 37.64 29.83
N ALA B 322 12.97 38.45 30.46
CA ALA B 322 13.45 39.53 31.31
C ALA B 322 14.12 39.00 32.57
N GLY B 323 13.53 37.98 33.18
CA GLY B 323 14.10 37.41 34.40
C GLY B 323 15.30 36.52 34.18
N ALA B 324 15.53 36.05 32.97
CA ALA B 324 16.73 35.28 32.68
C ALA B 324 17.93 36.18 32.40
N ILE B 325 17.69 37.32 31.76
CA ILE B 325 18.75 38.27 31.48
C ILE B 325 19.20 38.96 32.76
N LYS B 326 18.26 39.23 33.66
CA LYS B 326 18.57 39.90 34.92
C LYS B 326 19.42 39.03 35.84
N SER B 327 19.27 37.71 35.76
CA SER B 327 20.06 36.78 36.57
C SER B 327 21.54 36.73 36.18
N SER B 328 22.00 37.47 35.16
CA SER B 328 23.42 37.62 34.91
C SER B 328 24.10 38.48 35.96
N PHE B 329 23.37 39.46 36.51
CA PHE B 329 23.92 40.35 37.54
C PHE B 329 23.10 40.40 38.82
N ALA B 330 21.84 39.98 38.80
CA ALA B 330 20.98 39.99 40.00
C ALA B 330 20.09 38.77 39.99
N PRO B 331 20.60 37.63 40.43
CA PRO B 331 19.80 36.41 40.44
C PRO B 331 18.82 36.41 41.61
N PRO B 332 17.65 35.79 41.44
CA PRO B 332 16.71 35.70 42.56
C PRO B 332 17.17 34.69 43.60
N HIS B 333 16.55 34.77 44.77
CA HIS B 333 16.91 33.94 45.92
C HIS B 333 15.86 32.85 46.09
N PHE B 334 16.21 31.63 45.68
CA PHE B 334 15.37 30.45 45.90
C PHE B 334 16.27 29.32 46.39
N PRO B 335 16.36 29.10 47.69
CA PRO B 335 17.29 28.09 48.22
C PRO B 335 16.74 26.68 48.13
N VAL B 336 17.65 25.73 48.00
CA VAL B 336 17.31 24.30 47.94
C VAL B 336 18.07 23.59 49.06
N CYS B 337 17.35 22.81 49.85
CA CYS B 337 17.92 22.12 51.00
C CYS B 337 18.40 20.73 50.57
N MET B 338 19.66 20.43 50.85
CA MET B 338 20.28 19.16 50.46
C MET B 338 20.80 18.44 51.69
N LEU B 339 20.51 17.15 51.79
CA LEU B 339 21.01 16.33 52.88
C LEU B 339 22.08 15.44 52.27
N GLY B 340 23.32 15.93 52.28
CA GLY B 340 24.42 15.19 51.72
C GLY B 340 24.53 15.36 50.21
N ASN B 341 23.82 14.50 49.48
CA ASN B 341 23.83 14.49 48.03
C ASN B 341 22.41 14.41 47.49
N ARG B 342 21.49 14.17 48.41
CA ARG B 342 20.06 14.02 48.15
C ARG B 342 19.24 15.30 48.30
N THR B 343 18.27 15.48 47.41
CA THR B 343 17.41 16.66 47.41
C THR B 343 16.22 16.45 48.34
N LEU B 344 16.07 17.35 49.31
CA LEU B 344 14.95 17.32 50.23
C LEU B 344 13.82 18.22 49.74
N SER B 345 12.59 17.83 50.06
CA SER B 345 11.44 18.68 49.79
C SER B 345 11.45 19.88 50.71
N SER B 346 11.25 21.07 50.14
CA SER B 346 11.32 22.30 50.90
C SER B 346 10.00 22.68 51.53
N ARG B 347 8.91 21.99 51.19
CA ARG B 347 7.69 22.08 51.98
C ARG B 347 7.91 21.45 53.34
N HIS B 348 7.12 21.91 54.33
CA HIS B 348 7.12 21.44 55.71
C HIS B 348 8.47 21.65 56.39
N ILE B 349 9.28 22.59 55.91
CA ILE B 349 10.61 22.86 56.42
C ILE B 349 10.74 24.37 56.58
N ASP B 350 11.03 24.82 57.80
CA ASP B 350 11.27 26.23 58.04
C ASP B 350 12.75 26.60 57.92
N VAL B 351 13.64 25.77 58.47
CA VAL B 351 15.06 26.06 58.49
C VAL B 351 15.83 24.85 57.97
N CYS B 352 16.85 25.11 57.14
CA CYS B 352 17.69 24.07 56.55
C CYS B 352 19.01 23.99 57.31
N SER B 353 18.93 23.64 58.59
CA SER B 353 20.12 23.62 59.44
C SER B 353 20.27 22.36 60.27
N LYS B 354 19.15 21.75 60.65
CA LYS B 354 19.00 20.67 61.66
C LYS B 354 19.44 21.10 63.08
N THR B 355 19.75 22.38 63.31
CA THR B 355 20.19 22.86 64.61
C THR B 355 19.18 23.78 65.28
N LYS B 356 18.70 24.82 64.58
CA LYS B 356 17.57 25.67 64.99
C LYS B 356 17.83 26.40 66.32
N GLU B 357 18.75 27.36 66.25
CA GLU B 357 18.86 28.37 67.31
C GLU B 357 17.52 29.10 67.47
N ILE B 358 17.13 29.39 68.72
CA ILE B 358 15.97 30.24 68.94
C ILE B 358 16.34 31.46 69.79
N ASN B 359 16.76 31.25 71.05
CA ASN B 359 17.32 32.31 71.88
C ASN B 359 18.30 31.68 72.88
N ASN B 360 19.56 31.55 72.44
CA ASN B 360 20.69 31.00 73.16
C ASN B 360 20.45 29.59 73.70
N MET B 361 19.51 28.84 73.12
CA MET B 361 19.25 27.45 73.50
C MET B 361 18.89 26.70 72.23
N THR B 362 19.41 25.48 72.08
CA THR B 362 19.34 24.74 70.83
C THR B 362 18.30 23.63 70.94
N VAL B 363 17.07 23.93 70.56
CA VAL B 363 16.10 22.87 70.28
C VAL B 363 16.28 22.42 68.84
N PRO B 364 16.34 21.12 68.55
CA PRO B 364 16.58 20.69 67.17
C PRO B 364 15.39 20.96 66.26
N SER B 365 15.68 21.07 64.97
CA SER B 365 14.76 21.63 64.01
C SER B 365 13.67 20.63 63.62
N LYS B 366 12.78 21.09 62.74
CA LYS B 366 11.71 20.23 62.24
C LYS B 366 12.25 19.19 61.26
N LEU B 367 13.34 19.51 60.58
CA LEU B 367 14.01 18.54 59.72
C LEU B 367 14.61 17.39 60.52
N TRP B 368 15.02 17.65 61.77
CA TRP B 368 15.47 16.59 62.66
C TRP B 368 14.36 15.60 62.98
N GLY B 369 13.12 16.06 63.08
CA GLY B 369 12.02 15.19 63.44
C GLY B 369 11.57 14.24 62.36
N PHE B 370 11.88 14.53 61.09
CA PHE B 370 11.49 13.64 60.01
C PHE B 370 12.44 12.45 59.86
N PHE B 371 13.66 12.58 60.36
CA PHE B 371 14.65 11.50 60.28
C PHE B 371 14.91 10.86 61.63
N CYS B 372 14.13 11.20 62.65
CA CYS B 372 14.29 10.69 64.00
C CYS B 372 12.91 10.55 64.61
N ASN B 373 12.87 10.44 65.94
CA ASN B 373 11.66 10.64 66.72
C ASN B 373 11.51 12.13 67.04
N SER B 374 10.76 12.46 68.08
CA SER B 374 10.24 13.79 68.41
C SER B 374 11.33 14.87 68.45
N SER B 375 10.90 16.12 68.38
CA SER B 375 11.81 17.23 68.09
C SER B 375 12.54 17.71 69.33
N GLN B 376 12.39 17.02 70.46
CA GLN B 376 13.18 17.32 71.64
C GLN B 376 14.20 16.24 71.95
N PHE B 377 14.57 15.43 70.95
CA PHE B 377 15.26 14.17 71.19
C PHE B 377 16.64 14.14 70.55
N PHE B 378 17.49 15.11 70.92
CA PHE B 378 18.91 15.11 70.52
C PHE B 378 19.69 13.90 71.05
N ASN B 379 19.07 13.05 71.90
CA ASN B 379 19.75 11.97 72.59
C ASN B 379 20.33 10.92 71.64
N ALA B 380 19.48 10.20 70.91
CA ALA B 380 19.94 9.00 70.21
C ALA B 380 18.99 8.63 69.07
N THR B 381 19.12 7.37 68.62
CA THR B 381 18.25 6.64 67.66
C THR B 381 17.98 7.41 66.36
N CYS B 382 19.03 7.98 65.80
CA CYS B 382 18.91 8.70 64.55
C CYS B 382 19.09 7.76 63.35
N ASP B 383 18.59 8.22 62.20
CA ASP B 383 18.65 7.45 60.96
C ASP B 383 20.06 7.50 60.36
N GLU B 384 20.44 6.41 59.72
CA GLU B 384 21.74 6.33 59.07
C GLU B 384 21.77 7.28 57.88
N TYR B 385 22.96 7.54 57.36
CA TYR B 385 23.11 8.46 56.25
C TYR B 385 22.88 9.88 56.75
N PHE B 386 22.01 10.00 57.75
CA PHE B 386 21.67 11.29 58.34
C PHE B 386 22.65 11.61 59.44
N VAL B 387 23.01 10.62 60.26
CA VAL B 387 23.97 10.84 61.32
C VAL B 387 25.23 11.33 60.62
N HIS B 388 25.47 10.76 59.44
CA HIS B 388 26.59 11.14 58.60
C HIS B 388 26.02 12.17 57.63
N ASN B 389 26.87 12.79 56.81
CA ASN B 389 26.39 13.78 55.86
C ASN B 389 25.82 15.03 56.52
N ASN B 390 26.38 16.19 56.20
CA ASN B 390 25.89 17.44 56.78
C ASN B 390 24.74 18.02 55.96
N VAL B 391 24.04 18.98 56.54
CA VAL B 391 22.90 19.60 55.85
C VAL B 391 23.35 20.94 55.27
N THR B 392 23.21 21.09 53.96
CA THR B 392 23.62 22.29 53.24
C THR B 392 22.46 22.89 52.47
N SER B 393 22.66 24.12 52.01
CA SER B 393 21.65 24.83 51.23
C SER B 393 22.32 25.41 49.99
N ILE B 394 21.77 25.09 48.83
CA ILE B 394 22.29 25.56 47.56
C ILE B 394 21.28 26.50 46.92
N GLN B 395 21.74 27.27 45.95
CA GLN B 395 20.89 28.20 45.23
C GLN B 395 20.17 27.48 44.09
N GLY B 396 18.85 27.65 44.02
CA GLY B 396 18.08 27.03 42.95
C GLY B 396 18.27 27.70 41.61
N ILE B 397 18.55 29.00 41.61
CA ILE B 397 18.85 29.74 40.39
C ILE B 397 20.19 30.43 40.60
N PRO B 398 21.28 29.84 40.13
CA PRO B 398 22.57 30.55 40.18
C PRO B 398 22.67 31.67 39.17
N GLY B 399 21.94 31.60 38.07
CA GLY B 399 21.88 32.66 37.09
C GLY B 399 22.62 32.31 35.82
N LEU B 400 22.55 33.26 34.88
CA LEU B 400 23.12 33.07 33.55
C LEU B 400 24.64 33.23 33.54
N ALA B 401 25.20 33.98 34.47
CA ALA B 401 26.63 34.25 34.44
C ALA B 401 27.47 33.17 35.10
N SER B 402 26.85 32.23 35.80
CA SER B 402 27.59 31.12 36.36
C SER B 402 27.86 30.07 35.28
N GLY B 403 28.55 29.01 35.67
CA GLY B 403 28.82 27.93 34.74
C GLY B 403 27.98 26.69 34.99
N ILE B 404 26.70 26.89 35.31
CA ILE B 404 25.83 25.75 35.62
C ILE B 404 25.37 25.01 34.37
N ILE B 405 25.64 25.53 33.17
CA ILE B 405 25.22 24.84 31.96
C ILE B 405 26.10 23.62 31.70
N THR B 406 27.34 23.59 32.21
CA THR B 406 28.19 22.42 32.02
C THR B 406 27.72 21.22 32.83
N GLU B 407 26.92 21.44 33.86
CA GLU B 407 26.31 20.36 34.61
C GLU B 407 24.95 19.93 34.04
N ASN B 408 24.40 20.68 33.09
CA ASN B 408 23.07 20.42 32.56
C ASN B 408 23.09 19.91 31.12
N LEU B 409 24.25 19.47 30.62
CA LEU B 409 24.35 19.06 29.23
C LEU B 409 23.86 17.64 28.99
N TRP B 410 24.07 16.73 29.96
CA TRP B 410 23.87 15.31 29.76
C TRP B 410 22.61 14.83 30.48
N SER B 411 22.23 13.60 30.16
CA SER B 411 20.92 13.06 30.47
C SER B 411 20.86 12.46 31.88
N ASN B 412 19.64 12.39 32.41
CA ASN B 412 19.38 11.87 33.74
C ASN B 412 18.16 10.96 33.72
N TYR B 413 18.11 10.02 32.77
CA TYR B 413 17.01 9.07 32.68
C TYR B 413 17.07 8.10 33.86
N LEU B 414 16.05 8.14 34.71
CA LEU B 414 15.97 7.33 35.92
C LEU B 414 14.64 6.61 35.99
N PRO B 415 14.58 5.45 36.64
CA PRO B 415 13.28 4.81 36.87
C PRO B 415 12.46 5.56 37.91
N LYS B 416 11.17 5.26 37.93
CA LYS B 416 10.24 5.90 38.86
C LYS B 416 10.52 5.44 40.28
N GLY B 417 10.77 6.40 41.17
CA GLY B 417 10.97 6.12 42.59
C GLY B 417 12.35 6.41 43.12
N GLU B 418 13.31 6.77 42.28
CA GLU B 418 14.66 7.05 42.74
C GLU B 418 14.81 8.51 43.17
N ILE B 419 15.70 8.73 44.13
CA ILE B 419 15.94 10.07 44.66
C ILE B 419 16.70 10.90 43.62
N ILE B 420 16.33 12.18 43.53
CA ILE B 420 16.99 13.11 42.63
C ILE B 420 18.22 13.67 43.32
N GLU B 421 19.39 13.43 42.75
CA GLU B 421 20.66 13.80 43.35
C GLU B 421 21.46 14.65 42.39
N LYS B 422 22.48 15.32 42.92
CA LYS B 422 23.31 16.10 42.02
C LYS B 422 24.79 15.73 42.17
N PRO B 423 25.52 15.62 41.05
CA PRO B 423 26.97 15.53 41.14
C PRO B 423 27.58 16.81 41.68
N SER B 424 28.87 16.70 42.05
CA SER B 424 29.65 17.74 42.73
C SER B 424 29.05 18.15 44.08
N ALA B 425 28.30 17.24 44.71
CA ALA B 425 27.82 17.40 46.08
C ALA B 425 28.33 16.22 46.90
N LYS B 426 28.77 16.50 48.12
CA LYS B 426 29.50 15.52 48.91
C LYS B 426 28.56 14.58 49.64
N SER B 427 28.92 13.31 49.67
CA SER B 427 28.14 12.29 50.32
C SER B 427 29.06 11.16 50.76
N SER B 428 28.88 10.70 51.99
CA SER B 428 29.71 9.63 52.51
C SER B 428 29.73 8.44 51.56
N ASP B 429 28.79 7.52 51.76
CA ASP B 429 28.62 6.31 50.96
C ASP B 429 27.90 5.24 51.77
N VAL B 430 27.13 5.67 52.76
CA VAL B 430 26.39 4.75 53.60
C VAL B 430 25.09 4.37 52.89
N LEU B 431 24.23 3.66 53.59
CA LEU B 431 22.95 3.24 53.02
C LEU B 431 21.87 3.29 54.09
N GLY B 432 21.14 4.38 54.14
CA GLY B 432 20.09 4.52 55.13
C GLY B 432 18.74 4.03 54.64
N SER B 433 17.69 4.51 55.30
CA SER B 433 16.32 4.21 54.92
C SER B 433 15.78 5.27 53.96
N LEU B 434 14.66 4.96 53.32
CA LEU B 434 14.05 5.86 52.35
C LEU B 434 12.96 6.67 53.05
N ASN B 435 13.18 7.97 53.18
CA ASN B 435 12.29 8.88 53.87
C ASN B 435 11.17 9.36 52.96
N HIS B 436 10.23 10.09 53.54
CA HIS B 436 9.14 10.73 52.81
C HIS B 436 9.47 12.17 52.44
N GLU B 437 10.58 12.70 52.96
CA GLU B 437 10.99 14.07 52.68
C GLU B 437 11.91 14.19 51.48
N TYR B 438 12.30 13.10 50.86
CA TYR B 438 13.10 13.18 49.65
C TYR B 438 12.25 13.56 48.45
N VAL B 439 12.87 14.17 47.46
CA VAL B 439 12.23 14.43 46.19
C VAL B 439 12.58 13.28 45.25
N LEU B 440 11.56 12.59 44.74
CA LEU B 440 11.74 11.40 43.93
C LEU B 440 11.37 11.64 42.48
N VAL B 441 11.75 10.68 41.64
CA VAL B 441 11.45 10.73 40.22
C VAL B 441 9.99 10.35 40.01
N ASP B 442 9.27 11.17 39.23
CA ASP B 442 7.82 11.03 39.09
C ASP B 442 7.44 9.76 38.34
N ILE B 443 7.96 9.59 37.12
CA ILE B 443 7.70 8.40 36.31
C ILE B 443 9.00 7.99 35.63
N THR B 444 9.03 6.77 35.11
CA THR B 444 10.19 6.33 34.35
C THR B 444 10.20 6.99 32.98
N THR B 445 11.38 7.39 32.53
CA THR B 445 11.53 8.34 31.43
C THR B 445 12.53 7.80 30.42
N SER B 446 12.32 8.14 29.15
CA SER B 446 13.27 7.82 28.09
C SER B 446 13.17 8.89 27.02
N PHE B 447 13.98 8.73 25.96
CA PHE B 447 13.98 9.68 24.85
C PHE B 447 12.66 9.65 24.09
N THR B 448 12.11 8.46 23.83
CA THR B 448 10.89 8.36 23.04
C THR B 448 9.66 8.78 23.83
N LEU B 449 9.69 8.62 25.16
CA LEU B 449 8.60 9.13 25.98
C LEU B 449 8.60 10.66 26.00
N LEU B 450 9.78 11.28 25.94
CA LEU B 450 9.87 12.74 25.95
C LEU B 450 9.53 13.38 24.61
N VAL B 451 9.61 12.63 23.51
CA VAL B 451 9.19 13.15 22.22
C VAL B 451 7.67 13.29 22.17
N GLY B 452 6.95 12.30 22.68
CA GLY B 452 5.49 12.33 22.70
C GLY B 452 4.89 13.30 23.69
N ILE B 453 5.66 13.80 24.64
CA ILE B 453 5.18 14.79 25.59
C ILE B 453 5.44 16.20 25.08
N PHE B 454 6.55 16.43 24.38
CA PHE B 454 6.81 17.75 23.83
C PHE B 454 5.95 18.05 22.61
N PHE B 455 5.60 17.01 21.82
CA PHE B 455 5.03 17.22 20.49
C PHE B 455 3.70 17.98 20.39
N PRO B 456 2.75 17.94 21.35
CA PRO B 456 1.58 18.84 21.24
C PRO B 456 1.90 20.33 21.28
N SER B 457 3.12 20.73 21.69
CA SER B 457 3.49 22.14 21.66
C SER B 457 3.68 22.67 20.24
N VAL B 458 4.21 21.85 19.33
CA VAL B 458 4.49 22.34 17.98
C VAL B 458 3.29 22.26 17.06
N THR B 459 2.20 21.62 17.49
CA THR B 459 1.02 21.53 16.65
C THR B 459 0.25 22.85 16.66
N GLY B 460 -0.84 22.91 15.91
CA GLY B 460 -1.60 24.12 15.76
C GLY B 460 -1.30 24.90 14.51
N ILE B 461 -0.72 24.27 13.49
CA ILE B 461 -0.31 24.96 12.26
C ILE B 461 -1.44 25.08 11.25
N MET B 462 -2.56 24.39 11.45
CA MET B 462 -3.75 24.58 10.62
C MET B 462 -4.52 25.86 10.96
N ALA B 463 -4.12 26.55 12.04
CA ALA B 463 -4.75 27.79 12.47
C ALA B 463 -4.58 28.94 11.49
N GLY B 464 -3.55 28.90 10.64
CA GLY B 464 -3.35 29.96 9.67
C GLY B 464 -4.32 29.97 8.51
N SER B 465 -5.15 28.95 8.38
CA SER B 465 -6.09 28.85 7.27
C SER B 465 -7.54 29.00 7.71
N ASN B 466 -7.83 29.12 9.00
CA ASN B 466 -9.21 29.07 9.47
C ASN B 466 -9.92 30.43 9.40
N ARG B 467 -9.32 31.41 8.74
CA ARG B 467 -9.95 32.68 8.41
C ARG B 467 -9.83 32.95 6.92
N SER B 468 -10.15 31.94 6.11
CA SER B 468 -9.83 31.96 4.68
C SER B 468 -10.70 32.95 3.91
N GLY B 469 -11.97 33.08 4.26
CA GLY B 469 -12.85 33.97 3.55
C GLY B 469 -12.72 35.43 3.89
N ASP B 470 -11.98 35.76 4.95
CA ASP B 470 -11.86 37.13 5.42
C ASP B 470 -10.51 37.75 5.08
N LEU B 471 -9.73 37.12 4.23
CA LEU B 471 -8.45 37.66 3.80
C LEU B 471 -8.62 38.39 2.47
N LYS B 472 -7.75 39.36 2.23
CA LYS B 472 -7.73 40.04 0.94
C LYS B 472 -7.13 39.15 -0.14
N ASP B 473 -5.91 38.67 0.09
CA ASP B 473 -5.21 37.75 -0.81
C ASP B 473 -4.78 36.55 0.03
N ALA B 474 -5.68 35.58 0.17
CA ALA B 474 -5.41 34.38 0.95
C ALA B 474 -4.35 33.49 0.32
N GLN B 475 -4.19 33.56 -1.00
CA GLN B 475 -3.17 32.78 -1.72
C GLN B 475 -1.77 33.21 -1.31
N LYS B 476 -1.57 34.48 -0.99
CA LYS B 476 -0.29 35.00 -0.55
C LYS B 476 -0.16 35.06 0.97
N SER B 477 -1.26 35.23 1.70
CA SER B 477 -1.18 35.44 3.14
C SER B 477 -0.90 34.15 3.89
N ILE B 478 -1.53 33.05 3.48
CA ILE B 478 -1.46 31.78 4.21
C ILE B 478 -0.07 31.14 4.18
N PRO B 479 0.69 31.12 3.07
CA PRO B 479 2.08 30.63 3.20
C PRO B 479 3.00 31.56 3.99
N ILE B 480 2.86 32.88 3.85
CA ILE B 480 3.77 33.80 4.52
C ILE B 480 3.51 33.82 6.03
N GLY B 481 2.24 33.81 6.43
CA GLY B 481 1.93 33.91 7.84
C GLY B 481 2.18 32.63 8.61
N THR B 482 1.94 31.48 7.97
CA THR B 482 2.14 30.20 8.66
C THR B 482 3.61 29.89 8.86
N ILE B 483 4.42 30.09 7.81
CA ILE B 483 5.83 29.72 7.86
C ILE B 483 6.60 30.63 8.82
N LEU B 484 6.24 31.92 8.85
CA LEU B 484 6.85 32.85 9.79
C LEU B 484 6.45 32.55 11.23
N ALA B 485 5.25 31.99 11.44
CA ALA B 485 4.83 31.64 12.79
C ALA B 485 5.53 30.38 13.30
N ILE B 486 5.91 29.47 12.40
CA ILE B 486 6.71 28.32 12.80
C ILE B 486 8.10 28.78 13.22
N LEU B 487 8.68 29.75 12.50
CA LEU B 487 9.99 30.27 12.83
C LEU B 487 10.00 31.04 14.15
N THR B 488 8.87 31.66 14.52
CA THR B 488 8.80 32.41 15.76
C THR B 488 8.67 31.48 16.97
N THR B 489 7.78 30.49 16.89
CA THR B 489 7.61 29.58 18.02
C THR B 489 8.78 28.63 18.19
N SER B 490 9.43 28.25 17.09
CA SER B 490 10.60 27.37 17.20
C SER B 490 11.80 28.11 17.76
N PHE B 491 11.91 29.42 17.52
CA PHE B 491 12.96 30.20 18.16
C PHE B 491 12.73 30.30 19.66
N VAL B 492 11.48 30.46 20.07
CA VAL B 492 11.15 30.57 21.49
C VAL B 492 11.38 29.24 22.20
N TYR B 493 11.14 28.13 21.52
CA TYR B 493 11.37 26.83 22.13
C TYR B 493 12.86 26.49 22.18
N LEU B 494 13.61 26.83 21.14
CA LEU B 494 15.03 26.49 21.09
C LEU B 494 15.86 27.40 21.98
N SER B 495 15.46 28.66 22.14
CA SER B 495 16.20 29.54 23.05
C SER B 495 15.78 29.37 24.50
N ASN B 496 14.66 28.68 24.78
CA ASN B 496 14.31 28.39 26.17
C ASN B 496 15.02 27.14 26.68
N VAL B 497 15.36 26.20 25.78
CA VAL B 497 16.11 25.02 26.18
C VAL B 497 17.50 25.41 26.68
N VAL B 498 18.11 26.40 26.02
CA VAL B 498 19.45 26.84 26.41
C VAL B 498 19.39 27.68 27.68
N LEU B 499 18.36 28.53 27.82
CA LEU B 499 18.27 29.41 28.98
C LEU B 499 17.80 28.70 30.24
N PHE B 500 17.08 27.58 30.12
CA PHE B 500 16.72 26.84 31.32
C PHE B 500 17.93 26.10 31.87
N GLY B 501 18.72 25.47 31.00
CA GLY B 501 19.90 24.75 31.41
C GLY B 501 21.04 25.63 31.86
N ALA B 502 21.02 26.91 31.51
CA ALA B 502 22.11 27.81 31.87
C ALA B 502 21.80 28.66 33.10
N CYS B 503 20.57 28.66 33.60
CA CYS B 503 20.21 29.48 34.75
C CYS B 503 19.66 28.71 35.94
N ILE B 504 19.17 27.50 35.77
CA ILE B 504 18.47 26.77 36.83
C ILE B 504 19.33 25.57 37.24
N GLU B 505 19.40 25.35 38.55
CA GLU B 505 20.04 24.16 39.11
C GLU B 505 19.30 22.90 38.66
N GLY B 506 20.06 21.85 38.37
CA GLY B 506 19.52 20.65 37.74
C GLY B 506 18.53 19.86 38.58
N VAL B 507 18.69 19.87 39.90
CA VAL B 507 17.72 19.20 40.77
C VAL B 507 16.42 19.98 40.91
N VAL B 508 16.40 21.25 40.50
CA VAL B 508 15.16 22.01 40.42
C VAL B 508 14.46 21.76 39.09
N LEU B 509 15.23 21.59 38.02
CA LEU B 509 14.65 21.25 36.72
C LEU B 509 14.10 19.83 36.70
N ARG B 510 14.69 18.93 37.50
CA ARG B 510 14.37 17.51 37.44
C ARG B 510 13.17 17.12 38.30
N ASP B 511 12.46 18.06 38.88
CA ASP B 511 11.22 17.71 39.55
C ASP B 511 10.10 18.64 39.10
N LYS B 512 9.04 18.05 38.57
CA LYS B 512 7.79 18.76 38.42
C LYS B 512 7.14 18.94 39.79
N PHE B 513 6.16 19.85 39.84
CA PHE B 513 5.35 20.26 40.98
C PHE B 513 6.14 21.07 42.02
N GLY B 514 7.43 21.29 41.82
CA GLY B 514 8.22 22.25 42.58
C GLY B 514 8.39 21.97 44.07
N ASP B 515 8.63 20.71 44.43
CA ASP B 515 8.80 20.37 45.84
C ASP B 515 10.14 20.85 46.40
N ALA B 516 11.13 21.06 45.54
CA ALA B 516 12.44 21.53 45.97
C ALA B 516 12.50 23.05 46.15
N VAL B 517 11.56 23.79 45.55
CA VAL B 517 11.52 25.24 45.70
C VAL B 517 10.20 25.66 46.33
N LYS B 518 9.71 24.82 47.26
CA LYS B 518 8.54 25.05 48.14
C LYS B 518 7.28 25.45 47.39
N GLY B 519 6.98 24.71 46.33
CA GLY B 519 5.68 24.78 45.68
C GLY B 519 5.53 25.86 44.64
N ASN B 520 6.62 26.33 44.05
CA ASN B 520 6.58 27.27 42.95
C ASN B 520 6.74 26.52 41.63
N LEU B 521 6.18 27.10 40.56
CA LEU B 521 6.61 26.71 39.22
C LEU B 521 8.09 27.01 39.04
N VAL B 522 8.76 26.11 38.33
CA VAL B 522 10.19 26.27 38.13
C VAL B 522 10.48 27.38 37.12
N VAL B 523 9.64 27.48 36.10
CA VAL B 523 9.77 28.57 35.14
C VAL B 523 9.26 29.88 35.73
N GLY B 524 8.40 29.80 36.75
CA GLY B 524 7.96 31.00 37.44
C GLY B 524 9.03 31.62 38.31
N THR B 525 9.89 30.79 38.90
CA THR B 525 11.01 31.27 39.72
C THR B 525 12.03 32.06 38.92
N LEU B 526 12.10 31.84 37.61
CA LEU B 526 13.07 32.51 36.75
C LEU B 526 12.57 33.86 36.26
N SER B 527 11.24 34.07 36.17
CA SER B 527 10.70 35.33 35.70
C SER B 527 10.84 36.43 36.76
N TRP B 528 11.02 37.67 36.28
CA TRP B 528 11.43 38.77 37.14
C TRP B 528 10.39 39.31 38.13
N PRO B 529 9.21 39.82 37.72
CA PRO B 529 8.41 40.60 38.70
C PRO B 529 7.83 39.74 39.80
N SER B 530 7.30 38.56 39.46
CA SER B 530 6.84 37.58 40.42
C SER B 530 6.69 36.25 39.70
N PRO B 531 6.73 35.13 40.42
CA PRO B 531 6.25 33.87 39.85
C PRO B 531 4.75 33.87 39.57
N TRP B 532 3.98 34.77 40.18
CA TRP B 532 2.54 34.84 39.97
C TRP B 532 2.17 35.36 38.59
N VAL B 533 3.09 36.01 37.89
CA VAL B 533 2.82 36.47 36.53
C VAL B 533 2.65 35.27 35.59
N ILE B 534 3.51 34.27 35.72
CA ILE B 534 3.41 33.09 34.88
C ILE B 534 2.28 32.16 35.34
N VAL B 535 2.01 32.10 36.65
CA VAL B 535 0.97 31.22 37.17
C VAL B 535 -0.41 31.70 36.74
N ILE B 536 -0.65 33.01 36.79
CA ILE B 536 -1.92 33.55 36.33
C ILE B 536 -1.95 33.63 34.81
N GLY B 537 -0.81 33.96 34.20
CA GLY B 537 -0.75 34.07 32.75
C GLY B 537 -0.92 32.76 32.02
N SER B 538 -0.40 31.67 32.57
CA SER B 538 -0.57 30.36 31.94
C SER B 538 -1.88 29.69 32.31
N PHE B 539 -2.54 30.14 33.38
CA PHE B 539 -3.86 29.63 33.71
C PHE B 539 -4.91 30.11 32.71
N PHE B 540 -4.83 31.38 32.31
CA PHE B 540 -5.78 31.90 31.33
C PHE B 540 -5.39 31.53 29.90
N SER B 541 -4.10 31.31 29.65
CA SER B 541 -3.66 30.79 28.36
C SER B 541 -4.19 29.38 28.11
N THR B 542 -4.32 28.58 29.16
CA THR B 542 -4.76 27.21 29.04
C THR B 542 -6.28 27.10 29.11
N CYS B 543 -6.95 28.08 29.73
CA CYS B 543 -8.41 28.10 29.73
C CYS B 543 -8.96 28.57 28.39
N GLY B 544 -8.22 29.40 27.66
CA GLY B 544 -8.67 29.84 26.35
C GLY B 544 -8.33 28.87 25.25
N ALA B 545 -7.24 28.13 25.39
CA ALA B 545 -6.90 27.08 24.43
C ALA B 545 -7.87 25.92 24.51
N GLY B 546 -8.41 25.64 25.69
CA GLY B 546 -9.41 24.59 25.81
C GLY B 546 -10.75 25.02 25.27
N LEU B 547 -11.10 26.29 25.44
CA LEU B 547 -12.32 26.84 24.84
C LEU B 547 -12.21 26.91 23.32
N GLN B 548 -10.99 27.09 22.80
CA GLN B 548 -10.81 27.15 21.35
C GLN B 548 -10.99 25.76 20.71
N SER B 549 -10.51 24.72 21.39
CA SER B 549 -10.66 23.36 20.88
C SER B 549 -12.10 22.89 20.96
N LEU B 550 -12.87 23.42 21.90
CA LEU B 550 -14.21 22.94 22.17
C LEU B 550 -15.26 23.71 21.36
N THR B 551 -14.85 24.72 20.60
CA THR B 551 -15.68 25.27 19.52
C THR B 551 -15.23 24.81 18.14
N GLY B 552 -13.93 24.56 17.96
CA GLY B 552 -13.43 24.25 16.64
C GLY B 552 -13.81 22.85 16.18
N ALA B 553 -13.56 21.85 17.03
CA ALA B 553 -13.85 20.47 16.69
C ALA B 553 -15.34 20.15 16.45
N PRO B 554 -16.33 20.74 17.16
CA PRO B 554 -17.71 20.57 16.70
C PRO B 554 -18.00 21.22 15.35
N ARG B 555 -17.36 22.35 15.04
CA ARG B 555 -17.56 22.98 13.75
C ARG B 555 -16.91 22.20 12.61
N LEU B 556 -15.89 21.42 12.91
CA LEU B 556 -15.28 20.56 11.91
C LEU B 556 -16.12 19.32 11.66
N LEU B 557 -16.63 18.69 12.73
CA LEU B 557 -17.43 17.48 12.58
C LEU B 557 -18.77 17.76 11.91
N GLN B 558 -19.28 18.98 12.05
CA GLN B 558 -20.51 19.36 11.37
C GLN B 558 -20.27 19.59 9.87
N ALA B 559 -19.08 20.04 9.50
CA ALA B 559 -18.74 20.22 8.09
C ALA B 559 -18.42 18.91 7.39
N ILE B 560 -18.09 17.85 8.11
CA ILE B 560 -17.92 16.53 7.52
C ILE B 560 -19.25 15.78 7.45
N ALA B 561 -20.19 16.11 8.33
CA ALA B 561 -21.55 15.59 8.22
C ALA B 561 -22.24 16.08 6.95
N LYS B 562 -21.91 17.29 6.52
CA LYS B 562 -22.23 17.74 5.19
C LYS B 562 -21.09 17.39 4.23
N ASP B 563 -21.37 17.54 2.93
CA ASP B 563 -20.72 16.96 1.73
C ASP B 563 -21.07 15.48 1.57
N ASN B 564 -21.73 14.90 2.58
CA ASN B 564 -22.31 13.56 2.58
C ASN B 564 -21.32 12.48 2.15
N ILE B 565 -20.10 12.57 2.67
CA ILE B 565 -19.07 11.60 2.29
C ILE B 565 -19.10 10.36 3.18
N ILE B 566 -19.59 10.51 4.42
CA ILE B 566 -19.72 9.39 5.36
C ILE B 566 -21.16 9.39 5.84
N PRO B 567 -22.01 8.50 5.31
CA PRO B 567 -23.47 8.67 5.48
C PRO B 567 -23.99 8.40 6.88
N PHE B 568 -23.28 7.63 7.71
CA PHE B 568 -23.80 7.39 9.06
C PHE B 568 -23.47 8.53 10.04
N LEU B 569 -22.72 9.54 9.59
CA LEU B 569 -22.48 10.74 10.39
C LEU B 569 -23.52 11.83 10.12
N ARG B 570 -24.69 11.46 9.57
CA ARG B 570 -25.66 12.43 9.07
C ARG B 570 -26.30 13.25 10.19
N VAL B 571 -26.44 12.67 11.38
CA VAL B 571 -27.16 13.35 12.45
C VAL B 571 -26.36 14.49 13.07
N PHE B 572 -25.04 14.53 12.86
CA PHE B 572 -24.20 15.53 13.48
C PHE B 572 -24.15 16.83 12.70
N GLY B 573 -24.84 16.92 11.57
CA GLY B 573 -25.17 18.22 11.00
C GLY B 573 -26.56 18.61 11.44
N HIS B 574 -26.65 19.36 12.54
CA HIS B 574 -27.93 19.77 13.12
C HIS B 574 -27.84 21.22 13.59
N SER B 575 -27.39 22.09 12.67
CA SER B 575 -27.13 23.50 12.97
C SER B 575 -28.35 24.21 13.54
N LYS B 576 -28.09 25.12 14.48
CA LYS B 576 -29.11 26.00 15.04
C LYS B 576 -29.36 27.20 14.15
N ALA B 577 -29.95 28.26 14.72
CA ALA B 577 -30.40 29.41 13.94
C ALA B 577 -29.24 30.14 13.28
N ASN B 578 -28.08 30.21 13.94
CA ASN B 578 -26.89 30.85 13.35
C ASN B 578 -25.71 29.89 13.46
N GLY B 579 -25.65 28.91 12.54
CA GLY B 579 -24.66 27.85 12.67
C GLY B 579 -24.89 27.02 13.92
N GLU B 580 -23.96 27.05 14.87
CA GLU B 580 -24.09 26.49 16.22
C GLU B 580 -24.45 25.01 16.26
N PRO B 581 -23.47 24.10 16.10
CA PRO B 581 -23.77 22.66 16.18
C PRO B 581 -24.34 22.25 17.53
N THR B 582 -25.26 21.28 17.49
CA THR B 582 -25.93 20.80 18.71
C THR B 582 -25.52 19.38 19.06
N TRP B 583 -25.70 18.42 18.16
CA TRP B 583 -25.30 17.06 18.45
C TRP B 583 -23.81 16.83 18.28
N ALA B 584 -23.14 17.68 17.49
CA ALA B 584 -21.70 17.55 17.34
C ALA B 584 -20.95 18.01 18.59
N LEU B 585 -21.50 19.00 19.30
CA LEU B 585 -20.90 19.43 20.55
C LEU B 585 -21.09 18.39 21.65
N LEU B 586 -22.21 17.66 21.62
CA LEU B 586 -22.44 16.60 22.59
C LEU B 586 -21.47 15.43 22.39
N LEU B 587 -21.09 15.15 21.15
CA LEU B 587 -20.14 14.07 20.90
C LEU B 587 -18.72 14.47 21.29
N THR B 588 -18.34 15.75 21.13
CA THR B 588 -17.01 16.18 21.55
C THR B 588 -16.86 16.21 23.07
N ALA B 589 -17.95 16.37 23.81
CA ALA B 589 -17.86 16.34 25.26
C ALA B 589 -17.64 14.91 25.77
N ALA B 590 -18.28 13.93 25.12
CA ALA B 590 -18.15 12.55 25.57
C ALA B 590 -16.81 11.92 25.23
N ILE B 591 -16.20 12.33 24.10
CA ILE B 591 -14.88 11.83 23.76
C ILE B 591 -13.81 12.53 24.60
N ALA B 592 -14.01 13.80 24.94
CA ALA B 592 -13.05 14.49 25.80
C ALA B 592 -13.17 14.04 27.25
N GLU B 593 -14.32 13.48 27.65
CA GLU B 593 -14.45 12.89 28.97
C GLU B 593 -13.71 11.56 29.07
N LEU B 594 -13.43 10.90 27.94
CA LEU B 594 -12.53 9.75 27.96
C LEU B 594 -11.12 10.17 28.34
N GLY B 595 -10.65 11.30 27.81
CA GLY B 595 -9.36 11.85 28.17
C GLY B 595 -9.32 12.66 29.45
N ILE B 596 -10.44 12.80 30.14
CA ILE B 596 -10.44 13.32 31.51
C ILE B 596 -10.37 12.18 32.51
N LEU B 597 -11.11 11.10 32.23
CA LEU B 597 -11.04 9.89 33.05
C LEU B 597 -9.67 9.24 32.94
N ILE B 598 -9.05 9.28 31.76
CA ILE B 598 -7.61 9.10 31.67
C ILE B 598 -7.02 10.42 32.11
N ALA B 599 -6.66 10.54 33.39
CA ALA B 599 -6.01 11.74 33.88
C ALA B 599 -4.53 11.66 33.57
N SER B 600 -3.70 12.45 34.27
CA SER B 600 -2.25 12.46 34.06
C SER B 600 -1.88 12.88 32.64
N LEU B 601 -1.88 14.19 32.39
CA LEU B 601 -1.47 14.88 31.16
C LEU B 601 -0.31 14.25 30.39
N ASP B 602 0.65 13.66 31.09
CA ASP B 602 1.73 12.89 30.46
C ASP B 602 1.24 11.62 29.76
N LEU B 603 0.01 11.18 29.99
CA LEU B 603 -0.56 10.05 29.25
C LEU B 603 -1.46 10.48 28.10
N VAL B 604 -2.15 11.61 28.24
CA VAL B 604 -3.06 12.09 27.20
C VAL B 604 -2.27 12.68 26.04
N ALA B 605 -1.15 13.34 26.33
CA ALA B 605 -0.33 13.98 25.30
C ALA B 605 0.27 13.03 24.25
N PRO B 606 0.66 11.78 24.54
CA PRO B 606 1.00 10.88 23.42
C PRO B 606 -0.18 10.41 22.60
N ILE B 607 -1.40 10.41 23.16
CA ILE B 607 -2.58 9.94 22.43
C ILE B 607 -2.94 10.92 21.31
N LEU B 608 -2.94 12.21 21.61
CA LEU B 608 -3.27 13.19 20.59
C LEU B 608 -2.08 13.52 19.69
N SER B 609 -0.86 13.20 20.12
CA SER B 609 0.29 13.30 19.23
C SER B 609 0.20 12.31 18.09
N MET B 610 -0.40 11.14 18.33
CA MET B 610 -0.60 10.16 17.28
C MET B 610 -1.61 10.63 16.23
N PHE B 611 -2.68 11.31 16.67
CA PHE B 611 -3.70 11.76 15.74
C PHE B 611 -3.22 12.91 14.88
N PHE B 612 -2.41 13.81 15.45
CA PHE B 612 -1.90 14.95 14.69
C PHE B 612 -0.81 14.52 13.72
N LEU B 613 0.02 13.56 14.13
CA LEU B 613 1.05 13.02 13.25
C LEU B 613 0.44 12.23 12.10
N MET B 614 -0.68 11.56 12.36
CA MET B 614 -1.38 10.84 11.30
C MET B 614 -2.11 11.81 10.38
N CYS B 615 -2.50 12.98 10.90
CA CYS B 615 -3.05 14.04 10.06
C CYS B 615 -1.99 14.66 9.16
N TYR B 616 -0.80 14.93 9.71
CA TYR B 616 0.29 15.51 8.92
C TYR B 616 0.89 14.50 7.97
N LEU B 617 0.72 13.20 8.23
CA LEU B 617 1.18 12.15 7.33
C LEU B 617 0.43 12.18 6.02
N PHE B 618 -0.90 12.17 6.08
CA PHE B 618 -1.72 12.06 4.88
C PHE B 618 -1.72 13.33 4.04
N VAL B 619 -1.41 14.49 4.65
CA VAL B 619 -1.29 15.71 3.88
C VAL B 619 0.02 15.71 3.09
N ASN B 620 1.11 15.31 3.74
CA ASN B 620 2.40 15.19 3.06
C ASN B 620 2.39 14.09 2.01
N LEU B 621 1.67 13.00 2.27
CA LEU B 621 1.59 11.89 1.31
C LEU B 621 0.77 12.29 0.09
N ALA B 622 -0.39 12.90 0.29
CA ALA B 622 -1.26 13.25 -0.82
C ALA B 622 -0.70 14.40 -1.66
N CYS B 623 0.16 15.23 -1.08
CA CYS B 623 0.74 16.32 -1.86
C CYS B 623 1.78 15.79 -2.84
N ALA B 624 2.62 14.86 -2.40
CA ALA B 624 3.65 14.29 -3.27
C ALA B 624 3.09 13.30 -4.26
N LEU B 625 1.95 12.67 -3.94
CA LEU B 625 1.40 11.63 -4.80
C LEU B 625 0.64 12.22 -5.99
N GLN B 626 0.02 13.39 -5.81
CA GLN B 626 -0.74 13.98 -6.90
C GLN B 626 0.15 14.69 -7.92
N THR B 627 1.35 15.10 -7.52
CA THR B 627 2.28 15.72 -8.45
C THR B 627 3.18 14.70 -9.14
N LEU B 628 3.31 13.50 -8.59
CA LEU B 628 4.02 12.43 -9.26
C LEU B 628 3.13 11.70 -10.26
N LEU B 629 1.82 11.66 -10.00
CA LEU B 629 0.87 10.95 -10.84
C LEU B 629 0.07 11.87 -11.75
N ARG B 630 0.29 13.19 -11.64
CA ARG B 630 -0.37 14.23 -12.45
C ARG B 630 -1.89 14.15 -12.35
N THR B 631 -2.38 14.34 -11.12
CA THR B 631 -3.82 14.43 -10.87
C THR B 631 -4.37 15.64 -11.61
N PRO B 632 -5.56 15.52 -12.26
CA PRO B 632 -5.98 16.51 -13.28
C PRO B 632 -6.08 17.97 -12.86
N ASN B 633 -6.45 18.26 -11.61
CA ASN B 633 -6.60 19.65 -11.19
C ASN B 633 -5.61 20.03 -10.08
N TRP B 634 -4.41 19.47 -10.14
CA TRP B 634 -3.38 19.69 -9.13
C TRP B 634 -2.20 20.39 -9.78
N ARG B 635 -2.03 21.68 -9.49
CA ARG B 635 -0.92 22.46 -10.03
C ARG B 635 -0.54 23.54 -9.00
N PRO B 636 0.35 23.19 -8.05
CA PRO B 636 0.72 24.16 -7.02
C PRO B 636 1.56 25.32 -7.55
N ARG B 637 1.02 26.51 -7.41
CA ARG B 637 1.59 27.76 -7.94
C ARG B 637 2.44 28.46 -6.90
N PHE B 638 3.38 27.72 -6.30
CA PHE B 638 4.14 28.18 -5.15
C PHE B 638 5.57 27.71 -5.31
N ARG B 639 6.49 28.65 -5.52
CA ARG B 639 7.90 28.31 -5.56
C ARG B 639 8.37 27.90 -4.17
N TYR B 640 9.55 27.27 -4.13
CA TYR B 640 10.09 26.55 -2.97
C TYR B 640 9.18 25.40 -2.53
N TYR B 641 8.41 24.83 -3.46
CA TYR B 641 7.71 23.58 -3.24
C TYR B 641 8.30 22.52 -4.16
N HIS B 642 8.57 21.34 -3.60
CA HIS B 642 9.00 20.18 -4.36
C HIS B 642 8.32 18.96 -3.78
N TRP B 643 8.16 17.93 -4.61
CA TRP B 643 7.56 16.69 -4.14
C TRP B 643 8.46 15.96 -3.14
N ALA B 644 9.78 16.17 -3.24
CA ALA B 644 10.72 15.54 -2.33
C ALA B 644 10.77 16.20 -0.98
N LEU B 645 10.18 17.40 -0.83
CA LEU B 645 9.99 17.98 0.49
C LEU B 645 8.77 17.37 1.18
N SER B 646 7.74 17.05 0.41
CA SER B 646 6.56 16.41 0.99
C SER B 646 6.82 14.95 1.32
N PHE B 647 7.65 14.27 0.53
CA PHE B 647 8.06 12.92 0.85
C PHE B 647 8.95 12.88 2.08
N MET B 648 9.79 13.91 2.25
CA MET B 648 10.66 14.00 3.42
C MET B 648 9.85 14.28 4.68
N GLY B 649 8.81 15.12 4.57
CA GLY B 649 7.92 15.33 5.70
C GLY B 649 7.07 14.12 6.00
N MET B 650 6.79 13.30 5.00
CA MET B 650 6.06 12.06 5.21
C MET B 650 6.90 11.03 5.96
N SER B 651 8.22 11.05 5.77
CA SER B 651 9.10 10.09 6.42
C SER B 651 9.33 10.42 7.88
N ILE B 652 9.35 11.71 8.23
CA ILE B 652 9.55 12.12 9.63
C ILE B 652 8.29 11.88 10.44
N CYS B 653 7.10 12.01 9.84
CA CYS B 653 5.86 11.72 10.54
C CYS B 653 5.73 10.22 10.85
N LEU B 654 6.23 9.37 9.94
CA LEU B 654 6.19 7.93 10.16
C LEU B 654 7.16 7.51 11.25
N ALA B 655 8.35 8.12 11.27
CA ALA B 655 9.36 7.77 12.28
C ALA B 655 8.92 8.21 13.68
N LEU B 656 8.23 9.34 13.78
CA LEU B 656 7.75 9.80 15.08
C LEU B 656 6.54 9.02 15.56
N MET B 657 5.81 8.37 14.65
CA MET B 657 4.70 7.50 15.03
C MET B 657 5.16 6.14 15.53
N PHE B 658 6.20 5.58 14.91
CA PHE B 658 6.61 4.22 15.23
C PHE B 658 7.52 4.12 16.45
N ILE B 659 8.28 5.17 16.75
CA ILE B 659 9.05 5.16 17.99
C ILE B 659 8.17 5.38 19.22
N SER B 660 6.91 5.79 19.03
CA SER B 660 6.01 5.95 20.17
C SER B 660 5.49 4.60 20.63
N SER B 661 4.67 3.93 19.82
CA SER B 661 4.17 2.62 20.24
C SER B 661 4.35 1.52 19.20
N TRP B 662 4.16 1.82 17.92
CA TRP B 662 4.21 0.98 16.72
C TRP B 662 3.03 0.00 16.60
N TYR B 663 2.36 -0.37 17.69
CA TYR B 663 1.22 -1.26 17.52
C TYR B 663 -0.10 -0.52 17.62
N TYR B 664 -0.09 0.70 18.16
CA TYR B 664 -1.16 1.65 17.91
C TYR B 664 -0.94 2.43 16.62
N ALA B 665 0.27 2.39 16.07
CA ALA B 665 0.54 3.02 14.78
C ALA B 665 0.12 2.12 13.61
N ILE B 666 0.25 0.79 13.78
CA ILE B 666 -0.22 -0.13 12.76
C ILE B 666 -1.74 -0.14 12.71
N VAL B 667 -2.39 -0.07 13.87
CA VAL B 667 -3.85 -0.15 13.94
C VAL B 667 -4.50 1.12 13.41
N ALA B 668 -3.96 2.29 13.77
CA ALA B 668 -4.55 3.56 13.36
C ALA B 668 -4.43 3.79 11.86
N MET B 669 -3.33 3.35 11.25
CA MET B 669 -3.18 3.49 9.80
C MET B 669 -3.96 2.43 9.03
N VAL B 670 -4.33 1.34 9.67
CA VAL B 670 -5.25 0.38 9.05
C VAL B 670 -6.67 0.92 9.09
N ILE B 671 -7.06 1.55 10.21
CA ILE B 671 -8.39 2.12 10.35
C ILE B 671 -8.58 3.31 9.40
N ALA B 672 -7.56 4.16 9.30
CA ALA B 672 -7.59 5.28 8.38
C ALA B 672 -7.60 4.84 6.92
N GLY B 673 -7.02 3.67 6.63
CA GLY B 673 -7.08 3.14 5.28
C GLY B 673 -8.44 2.58 4.90
N MET B 674 -9.16 2.01 5.87
CA MET B 674 -10.52 1.53 5.58
C MET B 674 -11.49 2.68 5.47
N ILE B 675 -11.19 3.82 6.10
CA ILE B 675 -12.01 5.02 5.93
C ILE B 675 -11.77 5.61 4.54
N TYR B 676 -10.54 5.51 4.04
CA TYR B 676 -10.22 5.91 2.67
C TYR B 676 -11.00 5.07 1.66
N LYS B 677 -11.11 3.77 1.92
CA LYS B 677 -11.81 2.90 0.99
C LYS B 677 -13.32 3.03 1.10
N TYR B 678 -13.83 3.39 2.28
CA TYR B 678 -15.27 3.53 2.45
C TYR B 678 -15.79 4.77 1.74
N ILE B 679 -15.02 5.87 1.79
CA ILE B 679 -15.42 7.09 1.09
C ILE B 679 -15.25 6.91 -0.43
N GLU B 680 -14.23 6.18 -0.85
CA GLU B 680 -14.01 5.91 -2.27
C GLU B 680 -15.09 5.00 -2.84
N TYR B 681 -15.60 4.07 -2.04
CA TYR B 681 -16.69 3.22 -2.48
C TYR B 681 -18.00 3.99 -2.59
N GLN B 682 -18.23 4.94 -1.67
CA GLN B 682 -19.45 5.73 -1.72
C GLN B 682 -19.39 6.78 -2.83
N GLY B 683 -18.20 7.29 -3.12
CA GLY B 683 -18.07 8.24 -4.21
C GLY B 683 -18.22 7.60 -5.57
N ALA B 684 -17.78 6.35 -5.71
CA ALA B 684 -17.96 5.62 -6.96
C ALA B 684 -19.39 5.14 -7.13
N GLU B 685 -20.12 4.97 -6.03
CA GLU B 685 -21.50 4.51 -6.10
C GLU B 685 -22.43 5.59 -6.62
N LYS B 686 -22.08 6.86 -6.42
CA LYS B 686 -22.90 7.96 -6.89
C LYS B 686 -22.31 8.70 -8.07
N GLU B 687 -21.15 8.29 -8.57
CA GLU B 687 -20.60 8.81 -9.80
C GLU B 687 -20.89 7.92 -11.00
N TRP B 688 -20.91 6.61 -10.80
CA TRP B 688 -21.16 5.66 -11.87
C TRP B 688 -22.42 4.84 -11.68
N GLY B 689 -23.04 4.88 -10.49
CA GLY B 689 -24.24 4.14 -10.21
C GLY B 689 -24.03 2.90 -9.37
N ASP B 690 -22.91 2.22 -9.52
CA ASP B 690 -22.60 1.02 -8.77
C ASP B 690 -21.27 1.19 -8.07
N GLY B 691 -21.17 0.65 -6.86
CA GLY B 691 -19.97 0.79 -6.06
C GLY B 691 -18.78 -0.02 -6.57
N ILE B 692 -18.97 -1.31 -6.81
CA ILE B 692 -17.86 -2.17 -7.20
C ILE B 692 -17.48 -1.92 -8.66
N ARG B 693 -18.48 -1.82 -9.54
CA ARG B 693 -18.21 -1.52 -10.94
C ARG B 693 -17.67 -0.11 -11.12
N GLY B 694 -18.06 0.83 -10.26
CA GLY B 694 -17.60 2.20 -10.36
C GLY B 694 -16.15 2.39 -9.94
N LEU B 695 -15.58 1.44 -9.18
CA LEU B 695 -14.17 1.54 -8.83
C LEU B 695 -13.28 1.23 -10.02
N SER B 696 -13.72 0.34 -10.92
CA SER B 696 -12.98 0.08 -12.14
C SER B 696 -13.16 1.19 -13.17
N LEU B 697 -14.34 1.81 -13.20
CA LEU B 697 -14.56 2.92 -14.12
C LEU B 697 -13.78 4.15 -13.73
N SER B 698 -13.55 4.35 -12.43
CA SER B 698 -12.72 5.46 -11.98
C SER B 698 -11.23 5.20 -12.19
N ALA B 699 -10.80 3.95 -12.04
CA ALA B 699 -9.40 3.62 -12.27
C ALA B 699 -9.05 3.69 -13.75
N ALA B 700 -9.99 3.32 -14.61
CA ALA B 700 -9.76 3.42 -16.05
C ALA B 700 -9.77 4.87 -16.51
N ARG B 701 -10.60 5.71 -15.90
CA ARG B 701 -10.68 7.11 -16.29
C ARG B 701 -9.43 7.88 -15.92
N PHE B 702 -8.87 7.63 -14.74
CA PHE B 702 -7.68 8.35 -14.30
C PHE B 702 -6.47 7.95 -15.11
N ALA B 703 -6.36 6.68 -15.48
CA ALA B 703 -5.23 6.23 -16.29
C ALA B 703 -5.34 6.72 -17.73
N LEU B 704 -6.56 6.81 -18.26
CA LEU B 704 -6.74 7.30 -19.62
C LEU B 704 -6.52 8.80 -19.73
N LEU B 705 -6.87 9.56 -18.68
CA LEU B 705 -6.64 10.99 -18.69
C LEU B 705 -5.16 11.32 -18.52
N ARG B 706 -4.41 10.42 -17.89
CA ARG B 706 -2.98 10.61 -17.71
C ARG B 706 -2.23 10.50 -19.04
N LEU B 707 -2.78 9.75 -19.99
CA LEU B 707 -2.16 9.58 -21.30
C LEU B 707 -2.42 10.75 -22.23
N GLU B 708 -3.42 11.58 -21.93
CA GLU B 708 -3.83 12.67 -22.81
C GLU B 708 -2.92 13.89 -22.70
N GLU B 709 -1.64 13.75 -23.04
CA GLU B 709 -0.73 14.88 -22.89
C GLU B 709 -0.17 15.38 -24.21
N GLY B 710 0.47 14.53 -25.00
CA GLY B 710 1.05 15.01 -26.25
C GLY B 710 2.36 14.46 -26.80
N PRO B 711 3.18 13.75 -26.02
CA PRO B 711 4.18 12.83 -26.65
C PRO B 711 3.70 11.39 -26.72
N PRO B 712 2.83 11.01 -27.67
CA PRO B 712 2.36 9.63 -27.69
C PRO B 712 3.25 8.66 -28.46
N HIS B 713 4.18 9.12 -29.30
CA HIS B 713 4.93 8.22 -30.17
C HIS B 713 6.21 7.76 -29.47
N THR B 714 6.13 6.58 -28.87
CA THR B 714 7.27 5.99 -28.17
C THR B 714 8.39 5.67 -29.15
N LYS B 715 9.64 5.90 -28.74
CA LYS B 715 10.78 5.44 -29.51
C LYS B 715 11.13 3.99 -29.17
N ASN B 716 10.11 3.14 -29.14
CA ASN B 716 10.20 1.69 -29.11
C ASN B 716 8.85 1.19 -29.59
N TRP B 717 8.76 0.91 -30.89
CA TRP B 717 7.51 0.50 -31.49
C TRP B 717 7.07 -0.90 -31.08
N ARG B 718 5.81 -0.98 -30.68
CA ARG B 718 5.20 -2.23 -30.28
C ARG B 718 3.89 -2.29 -31.04
N PRO B 719 3.63 -3.48 -31.70
CA PRO B 719 2.35 -3.46 -32.46
C PRO B 719 1.06 -3.63 -31.64
N GLN B 720 0.20 -2.62 -31.67
CA GLN B 720 -1.08 -2.66 -31.00
C GLN B 720 -2.07 -2.87 -32.12
N LEU B 721 -2.71 -4.04 -32.13
CA LEU B 721 -3.60 -4.46 -33.20
C LEU B 721 -5.07 -4.06 -33.28
N LEU B 722 -5.50 -3.90 -34.52
CA LEU B 722 -6.88 -3.62 -34.90
C LEU B 722 -7.07 -4.72 -35.93
N VAL B 723 -7.83 -5.73 -35.58
CA VAL B 723 -8.03 -6.88 -36.45
C VAL B 723 -9.35 -6.74 -37.19
N LEU B 724 -9.30 -6.78 -38.52
CA LEU B 724 -10.50 -6.63 -39.35
C LEU B 724 -11.01 -8.00 -39.75
N LEU B 725 -12.20 -8.36 -39.29
CA LEU B 725 -12.83 -9.64 -39.60
C LEU B 725 -13.99 -9.43 -40.54
N LYS B 726 -13.97 -10.11 -41.68
CA LYS B 726 -15.10 -10.08 -42.59
C LYS B 726 -16.16 -11.08 -42.16
N LEU B 727 -17.42 -10.69 -42.32
CA LEU B 727 -18.55 -11.56 -42.05
C LEU B 727 -19.25 -11.90 -43.35
N ASP B 728 -19.69 -13.15 -43.47
CA ASP B 728 -20.49 -13.55 -44.61
C ASP B 728 -21.97 -13.40 -44.25
N GLU B 729 -22.86 -13.78 -45.16
CA GLU B 729 -24.27 -13.85 -44.84
C GLU B 729 -24.53 -15.08 -43.99
N ASP B 730 -25.55 -14.97 -43.12
CA ASP B 730 -25.83 -15.67 -41.86
C ASP B 730 -24.91 -15.19 -40.74
N LEU B 731 -24.04 -14.20 -41.02
CA LEU B 731 -23.28 -13.44 -40.02
C LEU B 731 -22.29 -14.32 -39.25
N HIS B 732 -21.53 -15.12 -39.99
CA HIS B 732 -20.45 -15.93 -39.45
C HIS B 732 -19.11 -15.34 -39.86
N VAL B 733 -18.10 -15.61 -39.05
CA VAL B 733 -16.75 -15.18 -39.37
C VAL B 733 -16.20 -16.03 -40.49
N LYS B 734 -15.71 -15.39 -41.55
CA LYS B 734 -15.20 -16.11 -42.70
C LYS B 734 -13.83 -16.73 -42.43
N HIS B 735 -12.94 -15.98 -41.80
CA HIS B 735 -11.54 -16.38 -41.62
C HIS B 735 -11.17 -16.34 -40.14
N PRO B 736 -11.57 -17.37 -39.36
CA PRO B 736 -11.29 -17.33 -37.92
C PRO B 736 -9.82 -17.54 -37.56
N ARG B 737 -8.96 -17.91 -38.50
CA ARG B 737 -7.54 -18.06 -38.22
C ARG B 737 -6.81 -16.73 -38.09
N LEU B 738 -7.42 -15.62 -38.47
CA LEU B 738 -6.84 -14.31 -38.16
C LEU B 738 -6.79 -14.06 -36.68
N LEU B 739 -7.79 -14.55 -35.93
CA LEU B 739 -7.77 -14.39 -34.49
C LEU B 739 -6.73 -15.30 -33.84
N THR B 740 -6.52 -16.48 -34.41
CA THR B 740 -5.50 -17.38 -33.91
C THR B 740 -4.10 -16.81 -34.11
N PHE B 741 -3.85 -16.24 -35.29
CA PHE B 741 -2.53 -15.68 -35.56
C PHE B 741 -2.29 -14.39 -34.77
N ALA B 742 -3.33 -13.61 -34.53
CA ALA B 742 -3.18 -12.40 -33.71
C ALA B 742 -2.91 -12.75 -32.26
N SER B 743 -3.41 -13.89 -31.79
CA SER B 743 -3.14 -14.32 -30.42
C SER B 743 -1.71 -14.85 -30.29
N GLN B 744 -1.15 -15.38 -31.36
CA GLN B 744 0.24 -15.82 -31.35
C GLN B 744 1.21 -14.66 -31.50
N LEU B 745 0.76 -13.53 -32.01
CA LEU B 745 1.62 -12.37 -32.17
C LEU B 745 1.72 -11.56 -30.88
N LYS B 746 0.62 -11.45 -30.14
CA LYS B 746 0.58 -10.64 -28.94
C LYS B 746 0.86 -11.42 -27.67
N ALA B 747 0.53 -12.73 -27.66
CA ALA B 747 0.80 -13.67 -26.57
C ALA B 747 0.12 -13.25 -25.27
N GLY B 748 -1.08 -12.68 -25.39
CA GLY B 748 -1.88 -12.34 -24.23
C GLY B 748 -1.60 -11.00 -23.60
N LYS B 749 -0.83 -10.13 -24.26
CA LYS B 749 -0.45 -8.84 -23.71
C LYS B 749 -0.80 -7.76 -24.70
N GLY B 750 -0.71 -6.50 -24.25
CA GLY B 750 -0.98 -5.37 -25.09
C GLY B 750 -2.46 -5.19 -25.37
N LEU B 751 -2.74 -4.42 -26.42
CA LEU B 751 -4.09 -4.11 -26.84
C LEU B 751 -4.43 -4.85 -28.12
N THR B 752 -5.64 -5.39 -28.18
CA THR B 752 -6.15 -6.03 -29.38
C THR B 752 -7.61 -5.68 -29.52
N ILE B 753 -7.99 -5.12 -30.66
CA ILE B 753 -9.37 -4.74 -30.94
C ILE B 753 -9.80 -5.48 -32.19
N VAL B 754 -10.94 -6.15 -32.11
CA VAL B 754 -11.52 -6.88 -33.24
C VAL B 754 -12.64 -6.03 -33.81
N GLY B 755 -12.49 -5.64 -35.08
CA GLY B 755 -13.44 -4.77 -35.75
C GLY B 755 -14.18 -5.51 -36.85
N SER B 756 -15.45 -5.19 -37.02
CA SER B 756 -16.27 -5.88 -38.01
C SER B 756 -17.40 -4.97 -38.47
N VAL B 757 -17.88 -5.21 -39.67
CA VAL B 757 -18.91 -4.40 -40.31
C VAL B 757 -20.05 -5.31 -40.75
N ILE B 758 -21.27 -4.99 -40.33
CA ILE B 758 -22.48 -5.55 -40.91
C ILE B 758 -23.01 -4.56 -41.93
N VAL B 759 -23.18 -4.99 -43.16
CA VAL B 759 -23.72 -4.13 -44.21
C VAL B 759 -25.24 -4.15 -44.12
N GLY B 760 -25.84 -2.98 -43.99
CA GLY B 760 -27.28 -2.89 -43.90
C GLY B 760 -27.70 -1.58 -43.25
N ASN B 761 -28.99 -1.53 -42.88
CA ASN B 761 -29.58 -0.37 -42.23
C ASN B 761 -29.67 -0.64 -40.73
N PHE B 762 -29.15 0.29 -39.93
CA PHE B 762 -29.02 0.07 -38.49
C PHE B 762 -30.38 0.08 -37.79
N LEU B 763 -31.37 0.81 -38.33
CA LEU B 763 -32.69 0.87 -37.72
C LEU B 763 -33.43 -0.45 -37.77
N GLU B 764 -33.03 -1.36 -38.66
CA GLU B 764 -33.62 -2.69 -38.72
C GLU B 764 -32.69 -3.81 -38.29
N ASN B 765 -31.42 -3.50 -38.03
CA ASN B 765 -30.40 -4.52 -37.82
C ASN B 765 -29.69 -4.38 -36.47
N TYR B 766 -30.37 -3.84 -35.47
CA TYR B 766 -29.71 -3.70 -34.17
C TYR B 766 -29.75 -4.99 -33.38
N GLY B 767 -30.76 -5.84 -33.62
CA GLY B 767 -30.79 -7.14 -32.97
C GLY B 767 -29.87 -8.14 -33.62
N GLU B 768 -29.61 -7.99 -34.91
CA GLU B 768 -28.65 -8.84 -35.59
C GLU B 768 -27.22 -8.43 -35.31
N ALA B 769 -27.01 -7.19 -34.87
CA ALA B 769 -25.69 -6.73 -34.45
C ALA B 769 -25.37 -7.10 -33.01
N LEU B 770 -26.39 -7.33 -32.19
CA LEU B 770 -26.16 -7.74 -30.81
C LEU B 770 -25.84 -9.22 -30.70
N ALA B 771 -26.41 -10.04 -31.57
CA ALA B 771 -26.11 -11.46 -31.58
C ALA B 771 -24.81 -11.75 -32.32
N ALA B 772 -24.45 -10.93 -33.29
CA ALA B 772 -23.17 -11.09 -33.97
C ALA B 772 -22.01 -10.68 -33.09
N GLU B 773 -22.24 -9.87 -32.06
CA GLU B 773 -21.18 -9.52 -31.13
C GLU B 773 -20.94 -10.63 -30.12
N GLN B 774 -21.95 -11.44 -29.82
CA GLN B 774 -21.77 -12.57 -28.91
C GLN B 774 -21.08 -13.73 -29.61
N THR B 775 -21.19 -13.81 -30.93
CA THR B 775 -20.47 -14.83 -31.69
C THR B 775 -18.98 -14.55 -31.70
N ILE B 776 -18.59 -13.29 -31.93
CA ILE B 776 -17.18 -12.93 -31.99
C ILE B 776 -16.54 -13.00 -30.61
N LYS B 777 -17.28 -12.64 -29.56
CA LYS B 777 -16.74 -12.72 -28.20
C LYS B 777 -16.60 -14.17 -27.75
N HIS B 778 -17.49 -15.06 -28.21
CA HIS B 778 -17.31 -16.48 -27.94
C HIS B 778 -16.11 -17.03 -28.69
N LEU B 779 -15.82 -16.47 -29.87
CA LEU B 779 -14.69 -16.94 -30.66
C LEU B 779 -13.37 -16.39 -30.16
N MET B 780 -13.38 -15.19 -29.57
CA MET B 780 -12.16 -14.63 -28.99
C MET B 780 -11.69 -15.44 -27.79
N GLU B 781 -12.61 -15.95 -26.99
CA GLU B 781 -12.24 -16.81 -25.87
C GLU B 781 -11.73 -18.16 -26.33
N ALA B 782 -12.22 -18.65 -27.46
CA ALA B 782 -11.76 -19.94 -27.96
C ALA B 782 -10.36 -19.84 -28.56
N GLU B 783 -10.01 -18.70 -29.14
CA GLU B 783 -8.71 -18.50 -29.75
C GLU B 783 -7.74 -17.77 -28.84
N LYS B 784 -8.07 -17.65 -27.55
CA LYS B 784 -7.20 -17.09 -26.50
C LYS B 784 -6.80 -15.64 -26.78
N VAL B 785 -7.74 -14.87 -27.31
CA VAL B 785 -7.53 -13.44 -27.55
C VAL B 785 -8.18 -12.68 -26.41
N LYS B 786 -7.38 -11.86 -25.72
CA LYS B 786 -7.85 -11.04 -24.63
C LYS B 786 -7.92 -9.60 -25.12
N GLY B 787 -9.11 -9.17 -25.53
CA GLY B 787 -9.25 -7.83 -26.07
C GLY B 787 -10.68 -7.37 -26.17
N PHE B 788 -10.95 -6.46 -27.12
CA PHE B 788 -12.23 -5.80 -27.21
C PHE B 788 -12.83 -5.99 -28.59
N CYS B 789 -14.15 -6.04 -28.63
CA CYS B 789 -14.90 -6.18 -29.88
C CYS B 789 -15.62 -4.88 -30.20
N GLN B 790 -15.51 -4.45 -31.45
CA GLN B 790 -16.19 -3.24 -31.91
C GLN B 790 -16.87 -3.56 -33.23
N LEU B 791 -18.19 -3.54 -33.24
CA LEU B 791 -18.96 -3.91 -34.42
C LEU B 791 -19.86 -2.75 -34.81
N VAL B 792 -20.00 -2.50 -36.11
CA VAL B 792 -20.74 -1.35 -36.62
C VAL B 792 -21.61 -1.80 -37.78
N VAL B 793 -22.83 -1.27 -37.84
CA VAL B 793 -23.73 -1.46 -38.97
C VAL B 793 -23.61 -0.24 -39.86
N ALA B 794 -23.25 -0.45 -41.12
CA ALA B 794 -23.05 0.63 -42.07
C ALA B 794 -23.76 0.30 -43.37
N ALA B 795 -24.13 1.36 -44.11
CA ALA B 795 -24.84 1.16 -45.38
C ALA B 795 -23.91 0.66 -46.47
N LYS B 796 -22.63 1.02 -46.41
CA LYS B 796 -21.62 0.50 -47.32
C LYS B 796 -20.52 -0.18 -46.53
N LEU B 797 -19.90 -1.19 -47.14
CA LEU B 797 -18.82 -1.88 -46.47
C LEU B 797 -17.55 -1.04 -46.44
N ARG B 798 -17.29 -0.26 -47.50
CA ARG B 798 -16.10 0.58 -47.55
C ARG B 798 -16.17 1.74 -46.59
N GLU B 799 -17.39 2.21 -46.26
CA GLU B 799 -17.53 3.34 -45.36
C GLU B 799 -17.36 2.92 -43.91
N GLY B 800 -17.90 1.77 -43.53
CA GLY B 800 -17.74 1.29 -42.17
C GLY B 800 -16.36 0.80 -41.84
N ILE B 801 -15.59 0.39 -42.85
CA ILE B 801 -14.20 -0.02 -42.62
C ILE B 801 -13.34 1.21 -42.34
N SER B 802 -13.53 2.27 -43.14
CA SER B 802 -12.73 3.49 -42.99
C SER B 802 -12.99 4.19 -41.66
N HIS B 803 -14.21 4.07 -41.13
CA HIS B 803 -14.52 4.68 -39.86
C HIS B 803 -14.02 3.84 -38.68
N LEU B 804 -13.87 2.53 -38.86
CA LEU B 804 -13.25 1.70 -37.83
C LEU B 804 -11.76 1.96 -37.74
N ILE B 805 -11.13 2.32 -38.86
CA ILE B 805 -9.69 2.51 -38.88
C ILE B 805 -9.30 3.81 -38.19
N GLN B 806 -10.12 4.84 -38.31
CA GLN B 806 -9.79 6.12 -37.70
C GLN B 806 -10.47 6.37 -36.36
N SER B 807 -11.34 5.48 -35.88
CA SER B 807 -12.06 5.78 -34.65
C SER B 807 -12.22 4.55 -33.76
N CYS B 808 -11.17 3.76 -33.55
CA CYS B 808 -11.21 2.66 -32.59
C CYS B 808 -10.29 2.96 -31.42
N GLY B 809 -10.81 2.84 -30.21
CA GLY B 809 -10.09 3.18 -29.00
C GLY B 809 -10.66 4.43 -28.34
N LEU B 810 -9.97 4.87 -27.28
CA LEU B 810 -10.45 6.00 -26.48
C LEU B 810 -9.29 6.91 -26.06
N GLY B 811 -8.34 7.14 -26.96
CA GLY B 811 -7.42 8.23 -26.75
C GLY B 811 -6.18 7.76 -26.01
N GLY B 812 -5.08 7.57 -26.73
CA GLY B 812 -3.93 6.93 -26.13
C GLY B 812 -4.01 5.42 -26.25
N MET B 813 -5.10 4.85 -25.72
CA MET B 813 -5.40 3.43 -25.85
C MET B 813 -6.03 3.18 -27.22
N LYS B 814 -5.19 3.16 -28.24
CA LYS B 814 -5.65 2.95 -29.60
C LYS B 814 -4.65 2.09 -30.35
N HIS B 815 -5.03 1.70 -31.56
CA HIS B 815 -4.27 0.73 -32.32
C HIS B 815 -3.13 1.40 -33.08
N ASN B 816 -2.08 0.61 -33.29
CA ASN B 816 -0.96 0.95 -34.15
C ASN B 816 -1.04 0.33 -35.53
N THR B 817 -1.69 -0.81 -35.68
CA THR B 817 -1.52 -1.70 -36.81
C THR B 817 -2.88 -2.24 -37.21
N VAL B 818 -3.09 -2.38 -38.51
CA VAL B 818 -4.28 -3.01 -39.07
C VAL B 818 -3.87 -4.38 -39.57
N VAL B 819 -4.64 -5.41 -39.19
CA VAL B 819 -4.41 -6.77 -39.67
C VAL B 819 -5.64 -7.20 -40.45
N MET B 820 -5.42 -7.69 -41.67
CA MET B 820 -6.52 -8.21 -42.46
C MET B 820 -6.02 -9.38 -43.29
N GLY B 821 -6.96 -10.11 -43.87
CA GLY B 821 -6.65 -11.21 -44.74
C GLY B 821 -6.65 -10.80 -46.21
N TRP B 822 -5.97 -11.58 -47.00
CA TRP B 822 -5.90 -11.40 -48.44
C TRP B 822 -7.23 -11.79 -49.08
N PRO B 823 -7.72 -11.03 -50.07
CA PRO B 823 -8.99 -11.38 -50.71
C PRO B 823 -8.90 -12.56 -51.67
N ASN B 824 -9.03 -13.77 -51.12
CA ASN B 824 -8.86 -15.00 -51.90
C ASN B 824 -10.01 -15.17 -52.89
N GLY B 825 -9.67 -15.45 -54.15
CA GLY B 825 -10.66 -15.54 -55.19
C GLY B 825 -11.08 -14.22 -55.79
N TRP B 826 -10.18 -13.24 -55.83
CA TRP B 826 -10.55 -11.90 -56.28
C TRP B 826 -10.71 -11.85 -57.79
N ARG B 827 -9.98 -12.71 -58.50
CA ARG B 827 -9.89 -12.59 -59.95
C ARG B 827 -11.06 -13.25 -60.64
N GLN B 828 -11.38 -14.47 -60.23
CA GLN B 828 -12.20 -15.34 -61.05
C GLN B 828 -13.68 -15.31 -60.70
N SER B 829 -14.07 -14.58 -59.65
CA SER B 829 -15.46 -14.70 -59.24
C SER B 829 -16.40 -13.86 -60.09
N GLU B 830 -16.39 -12.54 -59.86
CA GLU B 830 -17.39 -11.61 -60.40
C GLU B 830 -16.88 -10.17 -60.36
N ASP B 831 -17.84 -9.23 -60.35
CA ASP B 831 -17.68 -7.78 -60.30
C ASP B 831 -16.58 -7.27 -59.38
N ALA B 832 -15.86 -6.25 -59.83
CA ALA B 832 -14.71 -5.71 -59.14
C ALA B 832 -15.09 -4.91 -57.91
N ARG B 833 -15.53 -5.57 -56.84
CA ARG B 833 -15.79 -4.86 -55.60
C ARG B 833 -15.07 -5.53 -54.43
N ALA B 834 -14.83 -6.83 -54.56
CA ALA B 834 -14.15 -7.56 -53.49
C ALA B 834 -12.68 -7.20 -53.42
N TRP B 835 -12.02 -6.98 -54.57
CA TRP B 835 -10.64 -6.59 -54.57
C TRP B 835 -10.42 -5.09 -54.63
N LYS B 836 -11.46 -4.31 -54.89
CA LYS B 836 -11.35 -2.85 -54.82
C LYS B 836 -11.60 -2.31 -53.42
N THR B 837 -12.35 -3.04 -52.60
CA THR B 837 -12.42 -2.73 -51.18
C THR B 837 -11.08 -2.99 -50.50
N PHE B 838 -10.32 -3.96 -51.01
CA PHE B 838 -9.01 -4.27 -50.44
C PHE B 838 -8.01 -3.15 -50.69
N ILE B 839 -7.99 -2.58 -51.90
CA ILE B 839 -7.07 -1.48 -52.19
C ILE B 839 -7.48 -0.23 -51.45
N GLY B 840 -8.77 -0.01 -51.26
CA GLY B 840 -9.23 1.14 -50.49
C GLY B 840 -8.86 1.07 -49.02
N THR B 841 -8.71 -0.14 -48.48
CA THR B 841 -8.28 -0.26 -47.09
C THR B 841 -6.78 -0.01 -46.94
N VAL B 842 -5.97 -0.42 -47.93
CA VAL B 842 -4.55 -0.12 -47.92
C VAL B 842 -4.31 1.39 -48.04
N ARG B 843 -5.16 2.10 -48.77
CA ARG B 843 -4.99 3.55 -48.90
C ARG B 843 -5.40 4.28 -47.64
N VAL B 844 -6.49 3.85 -47.00
CA VAL B 844 -6.97 4.48 -45.77
C VAL B 844 -5.98 4.26 -44.63
N THR B 845 -5.34 3.09 -44.61
CA THR B 845 -4.39 2.75 -43.55
C THR B 845 -3.14 3.62 -43.62
N THR B 846 -2.56 3.80 -44.82
CA THR B 846 -1.36 4.62 -44.91
C THR B 846 -1.65 6.11 -44.85
N ALA B 847 -2.86 6.54 -45.18
CA ALA B 847 -3.23 7.93 -44.96
C ALA B 847 -3.36 8.22 -43.46
N ALA B 848 -3.76 7.24 -42.67
CA ALA B 848 -3.85 7.35 -41.22
C ALA B 848 -2.52 7.20 -40.53
N HIS B 849 -1.44 6.96 -41.28
CA HIS B 849 -0.08 6.71 -40.77
C HIS B 849 -0.03 5.52 -39.81
N LEU B 850 -0.70 4.45 -40.21
CA LEU B 850 -0.73 3.20 -39.46
C LEU B 850 0.04 2.12 -40.20
N ALA B 851 0.49 1.12 -39.45
CA ALA B 851 1.12 -0.06 -40.03
C ALA B 851 0.07 -1.04 -40.54
N LEU B 852 0.48 -1.87 -41.49
CA LEU B 852 -0.42 -2.83 -42.11
C LEU B 852 0.23 -4.20 -42.11
N LEU B 853 -0.56 -5.23 -41.81
CA LEU B 853 -0.15 -6.62 -41.89
C LEU B 853 -1.20 -7.39 -42.67
N VAL B 854 -0.83 -7.93 -43.82
CA VAL B 854 -1.72 -8.72 -44.66
C VAL B 854 -1.23 -10.16 -44.64
N ALA B 855 -2.12 -11.08 -44.27
CA ALA B 855 -1.81 -12.50 -44.23
C ALA B 855 -2.40 -13.19 -45.43
N LYS B 856 -1.58 -13.95 -46.14
CA LYS B 856 -2.00 -14.64 -47.36
C LYS B 856 -2.05 -16.13 -47.10
N ASN B 857 -3.11 -16.77 -47.61
CA ASN B 857 -3.48 -18.16 -47.33
C ASN B 857 -3.62 -18.39 -45.82
N ILE B 858 -4.51 -17.60 -45.20
CA ILE B 858 -4.71 -17.62 -43.77
C ILE B 858 -5.36 -18.91 -43.28
N SER B 859 -6.00 -19.67 -44.16
CA SER B 859 -6.56 -20.95 -43.77
C SER B 859 -5.51 -22.03 -43.59
N PHE B 860 -4.27 -21.80 -44.03
CA PHE B 860 -3.17 -22.74 -43.83
C PHE B 860 -2.31 -22.39 -42.62
N PHE B 861 -2.67 -21.37 -41.87
CA PHE B 861 -1.89 -20.98 -40.72
C PHE B 861 -2.16 -21.95 -39.56
N PRO B 862 -1.18 -22.19 -38.69
CA PRO B 862 -1.35 -23.19 -37.64
C PRO B 862 -2.32 -22.73 -36.55
N SER B 863 -2.92 -23.69 -35.89
CA SER B 863 -3.80 -23.42 -34.76
C SER B 863 -2.95 -23.34 -33.50
N ASN B 864 -3.60 -23.23 -32.34
CA ASN B 864 -2.87 -23.06 -31.11
C ASN B 864 -2.36 -24.36 -30.52
N VAL B 865 -2.62 -25.50 -31.16
CA VAL B 865 -2.17 -26.79 -30.64
C VAL B 865 -1.35 -27.53 -31.68
N GLU B 866 -0.63 -26.81 -32.54
CA GLU B 866 0.06 -27.45 -33.66
C GLU B 866 1.54 -27.66 -33.39
N GLN B 867 2.30 -26.58 -33.12
CA GLN B 867 3.70 -26.64 -32.70
C GLN B 867 4.64 -27.33 -33.69
N PHE B 868 5.01 -26.65 -34.77
CA PHE B 868 6.12 -27.04 -35.64
C PHE B 868 7.34 -27.52 -34.86
N SER B 869 7.87 -28.67 -35.26
CA SER B 869 9.03 -29.25 -34.59
C SER B 869 10.33 -28.68 -35.10
N GLU B 870 10.43 -28.42 -36.41
CA GLU B 870 11.55 -27.69 -36.96
C GLU B 870 11.06 -26.88 -38.14
N GLY B 871 11.84 -25.90 -38.54
CA GLY B 871 11.50 -25.08 -39.68
C GLY B 871 12.21 -23.75 -39.61
N ASN B 872 11.93 -22.93 -40.61
CA ASN B 872 12.52 -21.61 -40.72
C ASN B 872 11.43 -20.55 -40.61
N ILE B 873 11.86 -19.29 -40.49
CA ILE B 873 11.03 -18.13 -40.73
C ILE B 873 11.90 -17.20 -41.57
N ASP B 874 11.54 -17.03 -42.83
CA ASP B 874 12.37 -16.31 -43.77
C ASP B 874 11.90 -14.87 -43.91
N VAL B 875 12.82 -13.93 -43.70
CA VAL B 875 12.53 -12.51 -43.82
C VAL B 875 13.26 -12.00 -45.05
N TRP B 876 12.50 -11.43 -45.97
CA TRP B 876 13.06 -10.87 -47.18
C TRP B 876 12.96 -9.36 -47.08
N TRP B 877 14.00 -8.74 -46.54
CA TRP B 877 14.03 -7.31 -46.36
C TRP B 877 14.56 -6.61 -47.61
N ILE B 878 13.78 -5.66 -48.13
CA ILE B 878 14.18 -4.94 -49.33
C ILE B 878 14.11 -3.42 -49.18
N VAL B 879 15.26 -2.84 -48.86
CA VAL B 879 15.43 -1.39 -48.69
C VAL B 879 14.32 -0.59 -48.00
N HIS B 880 13.55 -1.22 -47.12
CA HIS B 880 12.49 -0.47 -46.45
C HIS B 880 11.85 -1.20 -45.28
N ASP B 881 11.50 -0.46 -44.23
CA ASP B 881 10.81 -1.06 -43.07
C ASP B 881 11.61 -2.17 -42.41
N GLY B 882 12.91 -1.94 -42.20
CA GLY B 882 13.75 -2.97 -41.64
C GLY B 882 13.49 -3.26 -40.17
N GLY B 883 13.12 -2.23 -39.40
CA GLY B 883 12.88 -2.43 -37.98
C GLY B 883 11.63 -3.23 -37.69
N MET B 884 10.64 -3.18 -38.58
CA MET B 884 9.41 -3.91 -38.36
C MET B 884 9.51 -5.35 -38.85
N LEU B 885 10.27 -5.59 -39.92
CA LEU B 885 10.46 -6.94 -40.41
C LEU B 885 11.37 -7.78 -39.54
N MET B 886 12.11 -7.19 -38.61
CA MET B 886 12.93 -7.95 -37.69
C MET B 886 12.35 -8.08 -36.30
N LEU B 887 11.44 -7.17 -35.90
CA LEU B 887 10.78 -7.33 -34.62
C LEU B 887 9.73 -8.42 -34.67
N LEU B 888 9.04 -8.55 -35.81
CA LEU B 888 7.92 -9.48 -35.91
C LEU B 888 8.27 -10.97 -35.81
N PRO B 889 9.37 -11.49 -36.40
CA PRO B 889 9.71 -12.89 -36.09
C PRO B 889 10.22 -13.08 -34.68
N PHE B 890 10.86 -12.08 -34.08
CA PHE B 890 11.33 -12.20 -32.70
C PHE B 890 10.15 -12.23 -31.73
N LEU B 891 9.08 -11.51 -32.02
CA LEU B 891 7.90 -11.56 -31.17
C LEU B 891 7.13 -12.86 -31.38
N LEU B 892 7.12 -13.36 -32.60
CA LEU B 892 6.35 -14.55 -32.91
C LEU B 892 7.04 -15.82 -32.39
N LYS B 893 8.35 -15.78 -32.22
CA LYS B 893 9.14 -16.92 -31.80
C LYS B 893 9.00 -17.23 -30.31
N GLN B 894 8.48 -16.31 -29.49
CA GLN B 894 8.26 -16.58 -28.08
C GLN B 894 6.83 -17.03 -27.80
N HIS B 895 6.14 -17.53 -28.81
CA HIS B 895 4.91 -18.30 -28.65
C HIS B 895 5.27 -19.76 -28.82
N LYS B 896 4.43 -20.64 -28.27
CA LYS B 896 4.73 -22.07 -28.26
C LYS B 896 4.70 -22.69 -29.65
N VAL B 897 3.93 -22.11 -30.57
CA VAL B 897 3.77 -22.67 -31.90
C VAL B 897 5.05 -22.48 -32.73
N TRP B 898 5.62 -21.28 -32.67
CA TRP B 898 6.76 -20.90 -33.48
C TRP B 898 8.08 -20.96 -32.71
N ARG B 899 8.11 -21.72 -31.62
CA ARG B 899 9.24 -21.64 -30.68
C ARG B 899 10.49 -22.30 -31.24
N LYS B 900 10.34 -23.39 -32.00
CA LYS B 900 11.47 -24.19 -32.45
C LYS B 900 11.90 -23.85 -33.88
N CYS B 901 11.51 -22.70 -34.40
CA CYS B 901 11.93 -22.27 -35.72
C CYS B 901 13.17 -21.40 -35.61
N SER B 902 13.88 -21.25 -36.72
CA SER B 902 15.06 -20.41 -36.79
C SER B 902 14.84 -19.30 -37.80
N ILE B 903 15.35 -18.12 -37.49
CA ILE B 903 15.11 -16.93 -38.31
C ILE B 903 16.22 -16.78 -39.32
N ARG B 904 15.86 -16.66 -40.59
CA ARG B 904 16.79 -16.38 -41.68
C ARG B 904 16.41 -15.08 -42.34
N ILE B 905 17.38 -14.18 -42.51
CA ILE B 905 17.15 -12.86 -43.06
C ILE B 905 17.90 -12.73 -44.37
N PHE B 906 17.19 -12.32 -45.42
CA PHE B 906 17.74 -12.18 -46.76
C PHE B 906 17.59 -10.75 -47.24
N THR B 907 18.65 -10.21 -47.84
CA THR B 907 18.61 -8.94 -48.53
C THR B 907 18.99 -9.16 -49.99
N VAL B 908 18.65 -8.21 -50.85
CA VAL B 908 18.99 -8.29 -52.26
C VAL B 908 20.09 -7.28 -52.55
N ALA B 909 21.04 -7.66 -53.38
CA ALA B 909 22.19 -6.82 -53.74
C ALA B 909 22.08 -6.47 -55.22
N GLN B 910 22.24 -5.19 -55.54
CA GLN B 910 22.33 -4.74 -56.92
C GLN B 910 23.79 -4.35 -57.15
N LEU B 911 24.21 -4.25 -58.41
CA LEU B 911 25.62 -4.08 -58.78
C LEU B 911 26.23 -2.77 -58.31
N GLU B 912 25.40 -1.73 -58.12
CA GLU B 912 25.93 -0.41 -57.80
C GLU B 912 26.10 -0.18 -56.31
N ASP B 913 26.69 -1.17 -55.61
CA ASP B 913 27.11 -1.16 -54.20
C ASP B 913 27.94 -2.40 -53.91
N ASN B 914 28.48 -2.50 -52.70
CA ASN B 914 29.29 -3.63 -52.30
C ASN B 914 28.48 -4.52 -51.37
N SER B 915 28.75 -5.83 -51.44
CA SER B 915 27.94 -6.84 -50.77
C SER B 915 28.46 -7.28 -49.42
N ILE B 916 29.77 -7.26 -49.20
CA ILE B 916 30.37 -7.80 -47.99
C ILE B 916 30.17 -6.84 -46.83
N GLN B 917 30.36 -5.54 -47.10
CA GLN B 917 30.18 -4.51 -46.09
C GLN B 917 28.73 -4.40 -45.64
N MET B 918 27.78 -4.61 -46.55
CA MET B 918 26.36 -4.53 -46.22
C MET B 918 25.93 -5.69 -45.34
N LYS B 919 26.64 -6.82 -45.43
CA LYS B 919 26.30 -7.99 -44.62
C LYS B 919 26.69 -7.80 -43.17
N LYS B 920 27.92 -7.36 -42.90
CA LYS B 920 28.35 -7.23 -41.52
C LYS B 920 27.84 -5.95 -40.86
N ASP B 921 27.32 -5.03 -41.68
CA ASP B 921 26.55 -3.91 -41.13
C ASP B 921 25.20 -4.40 -40.62
N LEU B 922 24.69 -5.48 -41.20
CA LEU B 922 23.43 -6.07 -40.78
C LEU B 922 23.63 -7.08 -39.65
N ALA B 923 24.77 -7.78 -39.66
CA ALA B 923 25.13 -8.70 -38.59
C ALA B 923 25.33 -7.95 -37.29
N THR B 924 26.00 -6.79 -37.37
CA THR B 924 26.17 -5.94 -36.19
C THR B 924 24.85 -5.31 -35.76
N PHE B 925 23.92 -5.11 -36.69
CA PHE B 925 22.60 -4.57 -36.40
C PHE B 925 21.75 -5.57 -35.62
N LEU B 926 22.12 -6.86 -35.67
CA LEU B 926 21.38 -7.90 -34.96
C LEU B 926 22.11 -8.36 -33.70
N TYR B 927 23.45 -8.31 -33.72
CA TYR B 927 24.25 -8.96 -32.67
C TYR B 927 24.20 -8.16 -31.38
N HIS B 928 23.90 -6.86 -31.46
CA HIS B 928 23.79 -6.04 -30.27
C HIS B 928 22.44 -6.18 -29.61
N LEU B 929 21.54 -6.95 -30.21
CA LEU B 929 20.20 -7.12 -29.67
C LEU B 929 19.88 -8.59 -29.44
N ARG B 930 20.89 -9.44 -29.68
CA ARG B 930 20.88 -10.91 -29.55
C ARG B 930 19.58 -11.55 -30.10
N ILE B 931 19.26 -11.17 -31.34
CA ILE B 931 18.10 -11.72 -32.03
C ILE B 931 18.35 -13.18 -32.41
N GLU B 932 19.60 -13.52 -32.75
CA GLU B 932 20.02 -14.83 -33.23
C GLU B 932 19.28 -15.21 -34.51
N ALA B 933 19.65 -14.50 -35.57
CA ALA B 933 19.24 -14.82 -36.92
C ALA B 933 20.47 -14.87 -37.80
N GLU B 934 20.42 -15.67 -38.86
CA GLU B 934 21.51 -15.75 -39.81
C GLU B 934 21.21 -14.91 -41.03
N VAL B 935 22.25 -14.34 -41.61
CA VAL B 935 22.14 -13.30 -42.62
C VAL B 935 22.76 -13.80 -43.92
N GLU B 936 22.03 -13.64 -45.02
CA GLU B 936 22.59 -13.87 -46.35
C GLU B 936 22.25 -12.67 -47.21
N VAL B 937 23.21 -12.21 -48.00
CA VAL B 937 22.98 -11.18 -48.99
C VAL B 937 22.88 -11.84 -50.36
N VAL B 938 21.74 -11.64 -51.02
CA VAL B 938 21.50 -12.31 -52.30
C VAL B 938 21.95 -11.40 -53.43
N GLU B 939 22.95 -11.83 -54.18
CA GLU B 939 23.48 -11.05 -55.29
C GLU B 939 22.57 -11.18 -56.50
N MET B 940 21.88 -10.10 -56.85
CA MET B 940 21.02 -10.12 -58.03
C MET B 940 21.83 -9.59 -59.20
N HIS B 941 21.22 -9.48 -60.37
CA HIS B 941 21.89 -9.44 -61.66
C HIS B 941 21.25 -8.36 -62.52
N ASP B 942 21.36 -8.48 -63.84
CA ASP B 942 20.61 -7.63 -64.77
C ASP B 942 19.13 -7.66 -64.42
N SER B 943 18.64 -6.54 -63.90
CA SER B 943 17.32 -6.40 -63.31
C SER B 943 17.03 -4.94 -63.03
N ASP B 944 15.89 -4.64 -62.44
CA ASP B 944 15.53 -3.28 -62.07
C ASP B 944 15.13 -3.25 -60.60
N ILE B 945 15.80 -2.39 -59.84
CA ILE B 945 15.47 -2.21 -58.43
C ILE B 945 15.87 -0.80 -57.99
N SER B 1041 7.16 1.81 -66.53
CA SER B 1041 6.16 1.11 -67.32
C SER B 1041 5.31 0.19 -66.45
N ASN B 1042 4.75 -0.83 -67.08
CA ASN B 1042 4.00 -1.88 -66.41
C ASN B 1042 4.52 -3.27 -66.73
N VAL B 1043 5.02 -3.48 -67.96
CA VAL B 1043 5.58 -4.78 -68.31
C VAL B 1043 6.95 -4.97 -67.67
N ARG B 1044 7.57 -3.87 -67.25
CA ARG B 1044 8.85 -3.97 -66.54
C ARG B 1044 8.62 -4.24 -65.06
N ARG B 1045 7.45 -3.88 -64.54
CA ARG B 1045 7.11 -4.17 -63.15
C ARG B 1045 6.66 -5.62 -63.04
N MET B 1046 6.04 -6.14 -64.08
CA MET B 1046 5.73 -7.57 -64.13
C MET B 1046 6.88 -8.40 -64.64
N HIS B 1047 8.03 -7.79 -64.93
CA HIS B 1047 9.25 -8.50 -65.21
C HIS B 1047 10.23 -8.44 -64.05
N THR B 1048 10.18 -7.39 -63.23
CA THR B 1048 10.93 -7.35 -62.00
C THR B 1048 10.23 -8.08 -60.85
N ALA B 1049 8.99 -8.53 -61.04
CA ALA B 1049 8.31 -9.38 -60.08
C ALA B 1049 8.43 -10.86 -60.40
N VAL B 1050 8.63 -11.20 -61.67
CA VAL B 1050 8.87 -12.59 -62.04
C VAL B 1050 10.29 -12.99 -61.65
N LYS B 1051 11.25 -12.10 -61.90
CA LYS B 1051 12.63 -12.35 -61.51
C LYS B 1051 12.79 -12.36 -60.00
N LEU B 1052 12.05 -11.51 -59.29
CA LEU B 1052 12.15 -11.49 -57.84
C LEU B 1052 11.46 -12.69 -57.20
N ASN B 1053 10.40 -13.21 -57.83
CA ASN B 1053 9.71 -14.38 -57.30
C ASN B 1053 10.58 -15.62 -57.39
N GLU B 1054 11.35 -15.78 -58.47
CA GLU B 1054 12.13 -16.99 -58.64
C GLU B 1054 13.37 -17.01 -57.75
N VAL B 1055 13.76 -15.87 -57.20
CA VAL B 1055 14.81 -15.84 -56.20
C VAL B 1055 14.26 -16.24 -54.84
N ILE B 1056 13.04 -15.80 -54.52
CA ILE B 1056 12.44 -16.09 -53.22
C ILE B 1056 12.03 -17.57 -53.14
N VAL B 1057 11.42 -18.10 -54.20
CA VAL B 1057 10.94 -19.48 -54.17
C VAL B 1057 12.11 -20.46 -54.23
N ASN B 1058 13.24 -20.05 -54.81
CA ASN B 1058 14.43 -20.89 -54.83
C ASN B 1058 15.01 -21.07 -53.43
N LYS B 1059 14.81 -20.09 -52.54
CA LYS B 1059 15.37 -20.16 -51.21
C LYS B 1059 14.33 -20.32 -50.10
N SER B 1060 13.10 -19.86 -50.30
CA SER B 1060 12.13 -19.80 -49.21
C SER B 1060 10.90 -20.65 -49.47
N HIS B 1061 10.95 -21.56 -50.43
CA HIS B 1061 10.01 -22.67 -50.38
C HIS B 1061 10.46 -23.59 -49.26
N GLU B 1062 9.49 -24.32 -48.68
CA GLU B 1062 9.69 -25.13 -47.46
C GLU B 1062 10.25 -24.27 -46.33
N ALA B 1063 9.46 -23.26 -45.94
CA ALA B 1063 9.96 -22.30 -44.96
C ALA B 1063 8.95 -21.83 -43.92
N LYS B 1064 7.73 -22.36 -43.91
CA LYS B 1064 6.75 -22.25 -42.82
C LYS B 1064 6.17 -20.86 -42.57
N LEU B 1065 6.84 -19.80 -43.05
CA LEU B 1065 6.40 -18.42 -43.05
C LEU B 1065 7.41 -17.60 -43.85
N VAL B 1066 6.93 -16.71 -44.72
CA VAL B 1066 7.78 -15.75 -45.41
C VAL B 1066 7.26 -14.36 -45.09
N LEU B 1067 8.17 -13.46 -44.75
CA LEU B 1067 7.84 -12.05 -44.52
C LEU B 1067 8.54 -11.21 -45.57
N LEU B 1068 7.79 -10.29 -46.19
CA LEU B 1068 8.39 -9.36 -47.13
C LEU B 1068 7.57 -8.08 -47.16
N ASN B 1069 8.18 -7.04 -47.70
CA ASN B 1069 7.53 -5.74 -47.82
C ASN B 1069 6.46 -5.76 -48.89
N MET B 1070 5.33 -5.12 -48.60
CA MET B 1070 4.51 -4.89 -49.77
C MET B 1070 4.68 -3.46 -50.26
N PRO B 1071 4.77 -3.24 -51.56
CA PRO B 1071 4.85 -1.87 -52.07
C PRO B 1071 3.49 -1.21 -52.10
N GLY B 1072 3.52 0.12 -52.17
CA GLY B 1072 2.33 0.92 -52.07
C GLY B 1072 1.43 0.84 -53.28
N PRO B 1073 0.16 1.18 -53.11
CA PRO B 1073 -0.76 1.25 -54.24
C PRO B 1073 -0.40 2.41 -55.15
N PRO B 1074 -0.82 2.37 -56.42
CA PRO B 1074 -0.47 3.47 -57.33
C PRO B 1074 -1.22 4.75 -56.99
N ARG B 1075 -0.73 5.85 -57.56
CA ARG B 1075 -1.34 7.15 -57.33
C ARG B 1075 -2.79 7.21 -57.83
N ASN B 1076 -2.99 6.93 -59.12
CA ASN B 1076 -4.34 6.94 -59.70
C ASN B 1076 -5.02 5.59 -59.63
N PRO B 1077 -6.26 5.59 -59.00
CA PRO B 1077 -6.89 4.25 -58.93
C PRO B 1077 -7.15 3.57 -60.28
N GLU B 1078 -6.36 3.90 -61.30
CA GLU B 1078 -6.55 3.28 -62.61
C GLU B 1078 -5.77 1.97 -62.65
N GLY B 1079 -4.65 1.94 -61.95
CA GLY B 1079 -3.80 0.77 -61.91
C GLY B 1079 -3.99 -0.12 -60.71
N ASP B 1080 -5.24 -0.31 -60.28
CA ASP B 1080 -5.52 -1.18 -59.15
C ASP B 1080 -5.55 -2.65 -59.54
N GLU B 1081 -5.80 -2.96 -60.81
CA GLU B 1081 -5.71 -4.35 -61.26
C GLU B 1081 -4.29 -4.72 -61.66
N ASN B 1082 -3.47 -3.75 -62.07
CA ASN B 1082 -2.06 -4.04 -62.26
C ASN B 1082 -1.35 -4.20 -60.92
N TYR B 1083 -1.84 -3.54 -59.88
CA TYR B 1083 -1.27 -3.70 -58.54
C TYR B 1083 -1.65 -5.05 -57.95
N MET B 1084 -2.89 -5.49 -58.15
CA MET B 1084 -3.32 -6.78 -57.63
C MET B 1084 -2.69 -7.94 -58.38
N GLU B 1085 -2.38 -7.76 -59.66
CA GLU B 1085 -1.64 -8.77 -60.40
C GLU B 1085 -0.16 -8.77 -60.06
N PHE B 1086 0.37 -7.64 -59.59
CA PHE B 1086 1.75 -7.58 -59.13
C PHE B 1086 1.95 -8.41 -57.86
N LEU B 1087 1.01 -8.30 -56.92
CA LEU B 1087 1.12 -9.03 -55.66
C LEU B 1087 0.81 -10.52 -55.80
N GLU B 1088 0.05 -10.91 -56.83
CA GLU B 1088 -0.19 -12.33 -57.09
C GLU B 1088 1.04 -13.00 -57.66
N VAL B 1089 1.76 -12.31 -58.55
CA VAL B 1089 2.94 -12.91 -59.19
C VAL B 1089 4.10 -12.98 -58.22
N LEU B 1090 4.24 -11.96 -57.36
CA LEU B 1090 5.37 -11.88 -56.43
C LEU B 1090 5.31 -12.97 -55.36
N THR B 1091 4.11 -13.26 -54.86
CA THR B 1091 3.92 -14.24 -53.79
C THR B 1091 3.41 -15.58 -54.31
N GLU B 1092 3.78 -15.93 -55.53
CA GLU B 1092 3.33 -17.18 -56.14
C GLU B 1092 4.23 -18.33 -55.72
N GLY B 1093 3.62 -19.41 -55.26
CA GLY B 1093 4.37 -20.60 -54.88
C GLY B 1093 4.77 -20.69 -53.43
N LEU B 1094 4.34 -19.76 -52.58
CA LEU B 1094 4.65 -19.77 -51.16
C LEU B 1094 3.40 -20.09 -50.36
N GLU B 1095 3.56 -20.88 -49.31
CA GLU B 1095 2.39 -21.39 -48.59
C GLU B 1095 1.85 -20.38 -47.59
N ARG B 1096 2.70 -19.81 -46.74
CA ARG B 1096 2.28 -18.87 -45.70
C ARG B 1096 3.09 -17.60 -45.86
N VAL B 1097 2.43 -16.49 -46.20
CA VAL B 1097 3.07 -15.21 -46.48
C VAL B 1097 2.46 -14.16 -45.56
N LEU B 1098 3.29 -13.27 -45.04
CA LEU B 1098 2.83 -12.08 -44.34
C LEU B 1098 3.45 -10.86 -45.01
N LEU B 1099 2.61 -10.04 -45.63
CA LEU B 1099 3.05 -8.81 -46.27
C LEU B 1099 2.98 -7.67 -45.27
N VAL B 1100 4.09 -6.97 -45.10
CA VAL B 1100 4.28 -6.00 -44.03
C VAL B 1100 4.55 -4.63 -44.65
N ARG B 1101 3.83 -3.63 -44.18
CA ARG B 1101 4.04 -2.26 -44.64
C ARG B 1101 4.06 -1.31 -43.45
N GLY B 1102 5.12 -0.50 -43.37
CA GLY B 1102 5.25 0.43 -42.27
C GLY B 1102 4.41 1.68 -42.45
N GLY B 1103 4.07 2.32 -41.33
CA GLY B 1103 3.25 3.51 -41.38
C GLY B 1103 4.02 4.78 -41.66
N GLY B 1104 5.33 4.77 -41.41
CA GLY B 1104 6.16 5.93 -41.69
C GLY B 1104 7.01 6.35 -40.51
N SER B 1105 6.49 6.21 -39.30
CA SER B 1105 7.21 6.57 -38.08
C SER B 1105 7.13 5.40 -37.11
N GLU B 1106 8.06 4.46 -37.24
CA GLU B 1106 8.19 3.33 -36.31
C GLU B 1106 9.67 3.21 -35.94
N VAL B 1107 10.05 3.81 -34.82
CA VAL B 1107 11.41 3.72 -34.32
C VAL B 1107 11.48 2.57 -33.34
N ILE B 1108 12.36 1.61 -33.61
CA ILE B 1108 12.59 0.47 -32.74
C ILE B 1108 14.04 0.54 -32.28
N THR B 1109 14.25 0.84 -31.01
CA THR B 1109 15.58 0.89 -30.41
C THR B 1109 15.91 -0.31 -29.56
N ILE B 1110 14.97 -0.76 -28.72
CA ILE B 1110 15.17 -1.90 -27.84
C ILE B 1110 14.29 -3.03 -28.35
N TYR B 1111 14.90 -4.18 -28.66
CA TYR B 1111 14.16 -5.35 -29.12
C TYR B 1111 13.76 -6.20 -27.92
N SER B 1112 12.87 -5.61 -27.10
CA SER B 1112 12.33 -6.20 -25.86
C SER B 1112 13.41 -6.65 -24.88
#